data_2NN6
#
_entry.id   2NN6
#
_cell.length_a   307.800
_cell.length_b   307.800
_cell.length_c   307.800
_cell.angle_alpha   90.00
_cell.angle_beta   90.00
_cell.angle_gamma   90.00
#
_symmetry.space_group_name_H-M   'P 4 3 2'
#
loop_
_entity.id
_entity.type
_entity.pdbx_description
1 polymer 'Polymyositis/scleroderma autoantigen 1'
2 polymer 'Exosome complex exonuclease RRP41'
3 polymer 'Exosome complex exonuclease RRP43'
4 polymer 'Exosome complex exonuclease RRP46'
5 polymer 'Exosome complex exonuclease RRP42'
6 polymer 'Exosome component 6'
7 polymer 'Exosome complex exonuclease RRP40'
8 polymer 'Exosome complex exonuclease RRP4'
9 polymer "3'-5' exoribonuclease CSL4 homolog"
#
loop_
_entity_poly.entity_id
_entity_poly.type
_entity_poly.pdbx_seq_one_letter_code
_entity_poly.pdbx_strand_id
1 'polypeptide(L)'
;MGSSHHHHHHSQDPNSHMKETPLSNCERRFLLRAIEEKKRLDGRQTYDYRNIRISFGTDYGCCIVELGKTRVLGQVSCEL
VSPKLNRATEGILFFNLELSQMAAPAFEPGRQSDLLVKLNRLMERCLRNSKCIDTESLCVVAGEKVWQIRVDLHLLNHDG
NIIDAASIAAIVALCHFRRPDVSVQGDEVTLYTPEERDPVPLSIHHMPICVSFAFFQQGTYLLVDPNEREERVMDGLLVI
AMNKHREICTIQSSGGIMLLKDQVLRCSKIAGVKVAEITELILKALENDQKVRKEGGKFGFAESIANQRITAFKMEKAP
(UNK)(UNK)(UNK)(UNK)(UNK)(UNK)(UNK)(UNK)(UNK)(UNK)(UNK)(UNK)(UNK)(UNK)(UNK)(UNK)
(UNK)(UNK)(UNK)(UNK)(UNK)(UNK)(UNK)(UNK)(UNK)(UNK)(UNK)(UNK)(UNK)(UNK)(UNK)(UNK)
(UNK)(UNK)(UNK)(UNK)(UNK)(UNK)(UNK)
;
A
2 'polypeptide(L)'
;MADPMAGLELLSDQGYRVDGRRAGELRKIQARMGVFAQADGSAYIEQGNTKALAVVYGPHEIRGSRARALPDRALVNCQY
SSATFSTGERKRRPHGDRKSCEMGLQLRQTFEAAILTQLHPRSQIDIYVQVLQADGGTYAACVNAATLAVLDAGIPMRDF
VCACSAGFVDGTALADLSHVEEAAGGPQLALALLPASGQIALLEMDARLHEDHLERVLEAAAQAARDVHTLLDRVVRQHV
REASILLGD
;
B
3 'polypeptide(L)'
;DPMAAGFKTVEPLEYYRRFLKENCRPDGRELGEFRTTTVNIGSISTADGSALVKLGNTTVICGVKAEFAAPSTDAPDKGY
VVPNVDLPPLCSSRFRSGPPGEEAQVASQFIADVIENSQIIQKEDLCISPGKLVWVLYCDLICLDYDGNILDACTFALLA
ALKNVQLPEVTINEETALAEVNLKKKSYLNIRTHPVATSFAVFDDTLLIVDPTGEEEHLATGTLTIVMDEEGKLCCLHKP
GGSGLTGAKLQDCMSRAVTRHKEVKKLMDEVIKSMKPK
;
C
4 'polypeptide(L)'
;SLMEEETHTDAKIRAENGTGSSPRGPGCSLRHFACEQNLLSRPDGSASFLQGDTSVLAGVYGPAEVKVSKEIFNKATLEV
ILRPKIGLPGVAEKSRERLIRNTCEAVVLGTLHPRTSITVVLQVVSDAGSLLACCLNAACMALVDAGVPMRALFCGVACA
LDSDGTLVLDPTSKQEKEARAVLTFALDSVERKLLMSSTKGLYSDTELQQCLAAAQAASQHVFRFYRESLQRRYSKS
;
D
5 'polypeptide(L)'
;MGSSHHHHHHSQDPMASVTLSEAEKVYIVHGVQEDLRVDGRGCEDYRCVEVETDVVSNTSGSARVKLGHTDILVGVKAEM
GTPKLEKPNEGYLEFFVDCSASATPEFEGRGGDDLGTEIANTLYRIFNNKSSVDLKTLCISPREHCWVLYVDVLLLECGG
NLFDAISIAVKAALFNTRIPRVRVLEDEEGSKDIELSDDPYDCIRLSVENVPCIVTLCKIGYRHVVDATLQEEACSLASL
LVSVTSKGVVTCMRKVGKGSLDPESIFEMMETGKRVGKVLHASLQSVVHKEESLGPKRQKVGFLG
;
E
6 'polypeptide(L)'
;MPGDHRRIRGPEESQPPQLYAADEEEAPGTRDPTRLRPVYARAGLLSQAKGSAYLEAGGTKVLCAVSGPRQAEGGERGGG
PAGAGGEAPAALRGRLLCDFRRAPFAGRRRRAPPGGCEERELALALQEALEPAVRLGRYPRAQLEVSALLLEDGGSALAA
ALTAAALALADAGVEMYDLVVGCGLSLAPGPAPTWLLDPTRLEEERAAAGLTVALMPVLNQVAGLLGSGEGGLTESWAEA
VRLGLEGCQRLYPVLQQSLVRAARRRGAAAQP
;
F
7 'polypeptide(L)'
;MGSSHHHHHHSQDPMAEPASVAAESLAGSRARAARTVLGQVVLPGEELLLPEQEDAEGPGGAVERPLSLNARACSRVRVV
CGPGLRRCGDRLLVTKCGRLRHKEPGSGSGGGVYWVDSQQKRYVPVKGDHVIGIVTAKSGDIFKVDVGGSEPASLSYLSF
EGATKRNRPNVQVGDLIYGQFVVANKDMEPEMVCIDSCGRANGMGVIGQDGLLFKVTLGLIRKLLAPDCEIIQEVGKLYP
LEIVFGMNGRIWVKAKTIQQTLILANILEACEHMTSDQRKQIFSRLAES
;
G
8 'polypeptide(L)'
;MGSSHHHHHHSQDPHMAMEMRLPVARKPLSERLGRDTKKHLVVPGDTITTDTGFMRGHGTYMGEEKLIASVAGSVERVNK
LICVKALKTRYIGEVGDIVVGRITEVQQKRWKVETNSRLDSVLLLSSMNLPGGELRRRSAEDELAMRGFLQEGDLISAEV
QAVFSDGAVSLHTRSLKYGKLGQGVLVQVSPSLVKRQKTHFHDLPCGASVILGNNGFIWIYPTPEHKEEEAGGFIANLEP
VSLADREVISRLRNCIISLVTQRMMLYDTSILYCYEASLPHQIKDILKPEIMEEIVMETRQRLLEQEG
;
H
9 'polypeptide(L)'
;MGSSHHHHHHSQDPMAPPVRYCIPGERLCNLEEGSPGSGTYTRHGYIFSSLAGCLMKSSENGALPVVSVVRETESQLLPD
VGAIVTCKVSSINSRFAKVHILYVGSMPLKNSFRGTIRKEDVRATEKDKVEIYKSFRPGDIVLAKVISLGDAQSNYLLTT
AENELGVVVAHSESGIQMVPISWCEMQCPKTHTKEFRKVARVQPEFLQT
;
I
#
# COMPACT_ATOMS: atom_id res chain seq x y z
N MET A 18 9.43 3.08 -10.55
CA MET A 18 10.48 4.12 -10.80
C MET A 18 10.42 4.53 -12.28
N LYS A 19 11.48 4.21 -13.01
CA LYS A 19 11.61 4.52 -14.43
C LYS A 19 11.00 3.43 -15.29
N GLU A 20 10.03 3.80 -16.13
CA GLU A 20 9.37 2.83 -16.99
C GLU A 20 10.22 2.57 -18.23
N THR A 21 10.83 1.39 -18.28
CA THR A 21 11.65 1.00 -19.45
C THR A 21 10.69 1.10 -20.66
N PRO A 22 10.83 2.16 -21.47
CA PRO A 22 9.97 2.36 -22.65
C PRO A 22 10.02 1.21 -23.66
N LEU A 23 9.20 1.30 -24.72
CA LEU A 23 9.15 0.26 -25.77
C LEU A 23 8.60 0.71 -27.14
N SER A 24 9.48 1.01 -28.10
CA SER A 24 9.08 1.45 -29.44
C SER A 24 7.96 0.65 -30.06
N ASN A 25 7.55 1.04 -31.27
CA ASN A 25 6.52 0.30 -31.98
C ASN A 25 7.24 -0.65 -32.88
N CYS A 26 8.03 -0.08 -33.76
CA CYS A 26 8.77 -0.91 -34.68
C CYS A 26 9.47 -1.99 -33.86
N GLU A 27 10.16 -1.57 -32.81
CA GLU A 27 10.90 -2.50 -32.00
C GLU A 27 10.09 -3.73 -31.77
N ARG A 28 8.92 -3.57 -31.19
CA ARG A 28 8.08 -4.70 -30.87
C ARG A 28 7.66 -5.40 -32.15
N ARG A 29 7.00 -4.65 -33.01
CA ARG A 29 6.50 -5.17 -34.25
C ARG A 29 7.52 -5.99 -35.03
N PHE A 30 8.65 -5.36 -35.23
CA PHE A 30 9.66 -5.98 -35.99
C PHE A 30 10.25 -7.17 -35.23
N LEU A 31 10.34 -7.02 -33.91
CA LEU A 31 10.91 -8.04 -33.05
C LEU A 31 10.16 -9.30 -33.43
N LEU A 32 8.87 -9.11 -33.65
CA LEU A 32 7.95 -10.16 -34.04
C LEU A 32 8.17 -10.52 -35.47
N ARG A 33 8.25 -9.49 -36.26
CA ARG A 33 8.45 -9.66 -37.67
C ARG A 33 9.47 -10.76 -37.78
N ALA A 34 10.52 -10.56 -37.01
CA ALA A 34 11.65 -11.48 -37.00
C ALA A 34 11.32 -12.86 -36.41
N ILE A 35 10.25 -12.96 -35.65
CA ILE A 35 9.87 -14.26 -35.09
C ILE A 35 9.12 -14.94 -36.18
N GLU A 36 8.32 -14.17 -36.89
CA GLU A 36 7.57 -14.70 -37.99
C GLU A 36 8.62 -15.37 -38.87
N GLU A 37 9.84 -14.83 -38.80
CA GLU A 37 10.99 -15.31 -39.54
C GLU A 37 11.60 -16.56 -38.93
N LYS A 38 11.11 -16.93 -37.75
CA LYS A 38 11.60 -18.10 -37.05
C LYS A 38 13.08 -17.86 -36.80
N LYS A 39 13.44 -16.59 -36.79
CA LYS A 39 14.81 -16.17 -36.54
C LYS A 39 14.78 -15.52 -35.17
N ARG A 40 15.76 -15.86 -34.34
CA ARG A 40 15.83 -15.28 -33.00
C ARG A 40 16.64 -14.00 -33.14
N LEU A 41 16.20 -12.93 -32.46
CA LEU A 41 16.89 -11.65 -32.54
C LEU A 41 18.31 -11.79 -31.99
N ASP A 42 18.43 -12.37 -30.80
CA ASP A 42 19.74 -12.56 -30.20
C ASP A 42 20.41 -13.65 -31.00
N GLY A 43 19.91 -13.80 -32.22
CA GLY A 43 20.43 -14.79 -33.16
C GLY A 43 20.78 -16.16 -32.62
N ARG A 44 19.76 -16.94 -32.26
CA ARG A 44 19.92 -18.31 -31.77
C ARG A 44 18.85 -19.06 -32.52
N GLN A 45 18.55 -20.27 -32.05
CA GLN A 45 17.50 -21.10 -32.65
C GLN A 45 16.30 -21.17 -31.67
N THR A 46 15.14 -21.50 -32.20
CA THR A 46 13.89 -21.57 -31.40
C THR A 46 13.84 -22.41 -30.13
N TYR A 47 14.63 -23.47 -30.03
CA TYR A 47 14.65 -24.23 -28.78
C TYR A 47 16.06 -24.39 -28.27
N ASP A 48 16.66 -23.29 -27.84
CA ASP A 48 18.00 -23.35 -27.31
C ASP A 48 17.88 -22.50 -26.06
N TYR A 49 18.92 -22.52 -25.24
CA TYR A 49 18.94 -21.70 -24.04
C TYR A 49 20.10 -20.76 -24.22
N ARG A 50 20.11 -19.68 -23.46
CA ARG A 50 21.22 -18.76 -23.60
C ARG A 50 22.16 -19.56 -22.74
N ASN A 51 23.45 -19.26 -22.81
CA ASN A 51 24.31 -20.10 -22.02
C ASN A 51 23.99 -19.66 -20.62
N ILE A 52 24.05 -20.63 -19.73
CA ILE A 52 23.76 -20.37 -18.36
C ILE A 52 24.99 -20.80 -17.55
N ARG A 53 25.40 -19.95 -16.63
CA ARG A 53 26.56 -20.24 -15.81
C ARG A 53 26.14 -20.27 -14.37
N ILE A 54 26.99 -20.89 -13.57
CA ILE A 54 26.71 -21.03 -12.17
C ILE A 54 27.99 -20.86 -11.34
N SER A 55 27.93 -19.94 -10.37
CA SER A 55 29.06 -19.69 -9.48
C SER A 55 28.62 -20.04 -8.07
N PHE A 56 29.56 -20.62 -7.34
CA PHE A 56 29.32 -21.12 -6.00
C PHE A 56 29.91 -20.20 -4.95
N GLY A 57 29.23 -20.12 -3.81
CA GLY A 57 29.67 -19.25 -2.75
C GLY A 57 30.78 -19.68 -1.83
N THR A 58 31.48 -18.68 -1.33
CA THR A 58 32.59 -18.85 -0.40
C THR A 58 32.24 -19.97 0.56
N ASP A 59 31.04 -19.88 1.11
CA ASP A 59 30.51 -20.83 2.07
C ASP A 59 29.54 -21.77 1.36
N TYR A 60 29.22 -22.88 2.02
CA TYR A 60 28.31 -23.90 1.49
C TYR A 60 26.85 -23.51 1.66
N GLY A 61 26.06 -23.70 0.60
CA GLY A 61 24.66 -23.36 0.64
C GLY A 61 24.45 -22.06 -0.10
N CYS A 62 25.50 -21.61 -0.77
CA CYS A 62 25.50 -20.35 -1.51
C CYS A 62 25.75 -20.56 -2.99
N CYS A 63 24.96 -19.88 -3.83
CA CYS A 63 25.12 -20.01 -5.28
C CYS A 63 24.58 -18.82 -6.05
N ILE A 64 25.06 -18.71 -7.29
CA ILE A 64 24.61 -17.65 -8.18
C ILE A 64 24.43 -18.27 -9.56
N VAL A 65 23.36 -17.89 -10.24
CA VAL A 65 23.03 -18.43 -11.57
C VAL A 65 23.03 -17.31 -12.59
N GLU A 66 23.36 -17.64 -13.84
CA GLU A 66 23.30 -16.63 -14.91
C GLU A 66 22.67 -17.27 -16.13
N LEU A 67 21.39 -17.01 -16.36
CA LEU A 67 20.75 -17.60 -17.53
C LEU A 67 21.18 -16.69 -18.67
N GLY A 68 22.40 -16.17 -18.53
CA GLY A 68 22.89 -15.24 -19.52
C GLY A 68 22.03 -13.97 -19.42
N LYS A 69 22.36 -13.08 -18.47
CA LYS A 69 21.65 -11.81 -18.29
C LYS A 69 20.55 -11.80 -17.26
N THR A 70 20.21 -12.94 -16.75
CA THR A 70 19.17 -12.93 -15.77
C THR A 70 20.05 -13.53 -14.72
N ARG A 71 19.92 -13.05 -13.48
CA ARG A 71 20.76 -13.55 -12.39
C ARG A 71 19.95 -13.86 -11.14
N VAL A 72 20.25 -15.00 -10.53
CA VAL A 72 19.51 -15.40 -9.36
C VAL A 72 20.40 -15.70 -8.19
N LEU A 73 19.86 -15.50 -7.00
CA LEU A 73 20.62 -15.79 -5.80
C LEU A 73 19.98 -16.87 -4.93
N GLY A 74 20.75 -17.91 -4.64
CA GLY A 74 20.25 -19.01 -3.84
C GLY A 74 20.99 -19.25 -2.54
N GLN A 75 20.22 -19.16 -1.46
CA GLN A 75 20.75 -19.37 -0.14
C GLN A 75 19.80 -20.28 0.63
N VAL A 76 20.37 -21.28 1.32
CA VAL A 76 19.57 -22.23 2.07
C VAL A 76 19.91 -22.12 3.56
N SER A 77 18.95 -22.48 4.41
CA SER A 77 19.14 -22.36 5.85
C SER A 77 18.95 -23.64 6.67
N CYS A 78 19.61 -23.69 7.82
CA CYS A 78 19.56 -24.85 8.72
C CYS A 78 18.96 -24.52 10.09
N GLU A 79 17.98 -25.31 10.53
CA GLU A 79 17.33 -25.09 11.83
C GLU A 79 16.75 -26.31 12.54
N LEU A 80 16.63 -26.19 13.85
CA LEU A 80 16.06 -27.25 14.68
C LEU A 80 14.79 -26.69 15.33
N VAL A 81 13.74 -26.57 14.52
CA VAL A 81 12.47 -26.05 14.99
C VAL A 81 11.58 -27.19 15.44
N SER A 82 10.53 -26.85 16.18
CA SER A 82 9.60 -27.85 16.66
C SER A 82 8.57 -28.07 15.57
N PRO A 83 8.62 -29.23 14.88
CA PRO A 83 7.65 -29.51 13.81
C PRO A 83 6.21 -29.11 14.17
N LYS A 84 5.35 -29.15 13.16
CA LYS A 84 3.96 -28.76 13.34
C LYS A 84 3.15 -29.79 14.12
N LEU A 85 1.86 -29.49 14.29
CA LEU A 85 0.92 -30.34 15.01
C LEU A 85 0.85 -31.73 14.38
N ASN A 86 -0.23 -31.95 13.62
CA ASN A 86 -0.51 -33.21 12.94
C ASN A 86 0.65 -34.21 12.85
N ARG A 87 1.09 -34.50 11.64
CA ARG A 87 2.17 -35.45 11.40
C ARG A 87 3.49 -34.95 11.98
N ALA A 88 3.57 -34.85 13.31
CA ALA A 88 4.80 -34.40 13.99
C ALA A 88 5.88 -35.44 13.79
N THR A 89 6.01 -35.93 12.56
CA THR A 89 6.98 -36.96 12.20
C THR A 89 7.84 -36.66 10.96
N GLU A 90 7.49 -35.58 10.24
CA GLU A 90 8.22 -35.16 9.04
C GLU A 90 8.40 -33.64 8.99
N GLY A 91 9.54 -33.17 9.50
CA GLY A 91 9.85 -31.74 9.52
C GLY A 91 9.46 -30.95 8.29
N ILE A 92 9.34 -29.63 8.44
CA ILE A 92 8.94 -28.76 7.33
C ILE A 92 10.09 -28.00 6.69
N LEU A 93 9.80 -27.44 5.53
CA LEU A 93 10.77 -26.65 4.81
C LEU A 93 10.11 -25.48 4.16
N PHE A 94 10.89 -24.42 4.01
CA PHE A 94 10.39 -23.24 3.35
C PHE A 94 11.34 -22.60 2.38
N PHE A 95 10.73 -21.97 1.39
CA PHE A 95 11.45 -21.29 0.36
C PHE A 95 10.77 -19.99 0.03
N ASN A 96 11.56 -19.01 -0.35
CA ASN A 96 11.03 -17.73 -0.74
C ASN A 96 11.76 -17.15 -1.95
N LEU A 97 10.98 -16.49 -2.81
CA LEU A 97 11.56 -15.87 -3.98
C LEU A 97 11.30 -14.40 -3.89
N GLU A 98 12.37 -13.64 -4.05
CA GLU A 98 12.24 -12.22 -3.96
C GLU A 98 12.60 -11.54 -5.27
N LEU A 99 11.89 -10.45 -5.56
CA LEU A 99 12.13 -9.66 -6.77
C LEU A 99 12.76 -8.35 -6.28
N SER A 100 13.91 -8.02 -6.85
CA SER A 100 14.61 -6.86 -6.38
C SER A 100 14.32 -5.58 -7.08
N GLN A 101 14.74 -4.51 -6.41
CA GLN A 101 14.57 -3.26 -7.03
C GLN A 101 15.50 -3.35 -8.23
N MET A 102 16.79 -3.42 -7.90
CA MET A 102 17.85 -3.54 -8.89
C MET A 102 17.53 -4.62 -9.89
N ALA A 103 16.51 -5.39 -9.59
CA ALA A 103 16.09 -6.45 -10.48
C ALA A 103 15.71 -5.77 -11.76
N ALA A 104 14.54 -5.18 -11.79
CA ALA A 104 14.13 -4.46 -12.97
C ALA A 104 13.95 -3.01 -12.51
N PRO A 105 13.68 -2.07 -13.44
CA PRO A 105 13.51 -0.68 -12.99
C PRO A 105 12.16 -0.61 -12.31
N ALA A 106 11.17 -1.11 -13.02
CA ALA A 106 9.80 -1.17 -12.56
C ALA A 106 9.67 -2.01 -11.27
N PHE A 107 10.78 -2.57 -10.78
CA PHE A 107 10.72 -3.38 -9.57
C PHE A 107 10.78 -2.76 -8.22
N GLU A 108 10.15 -1.59 -8.09
CA GLU A 108 10.10 -0.91 -6.80
C GLU A 108 9.48 -1.98 -5.93
N PRO A 109 10.12 -2.29 -4.80
CA PRO A 109 9.54 -3.31 -3.93
C PRO A 109 8.04 -3.10 -3.64
N GLY A 110 7.21 -4.03 -4.09
CA GLY A 110 5.78 -3.94 -3.84
C GLY A 110 4.87 -3.40 -4.93
N ARG A 111 4.23 -4.31 -5.67
CA ARG A 111 3.28 -3.99 -6.77
C ARG A 111 3.19 -5.15 -7.77
N GLN A 112 4.35 -5.58 -8.26
CA GLN A 112 4.51 -6.66 -9.23
C GLN A 112 3.91 -7.99 -8.78
N SER A 113 3.36 -8.01 -7.58
CA SER A 113 2.74 -9.22 -7.05
C SER A 113 2.45 -10.19 -8.17
N ASP A 114 1.65 -9.75 -9.12
CA ASP A 114 1.25 -10.59 -10.23
C ASP A 114 2.33 -11.52 -10.68
N LEU A 115 3.56 -11.15 -10.38
CA LEU A 115 4.66 -12.03 -10.69
C LEU A 115 4.95 -12.74 -9.38
N LEU A 116 5.38 -11.95 -8.40
CA LEU A 116 5.75 -12.48 -7.09
C LEU A 116 4.66 -13.33 -6.52
N VAL A 117 3.46 -13.13 -7.01
CA VAL A 117 2.37 -13.92 -6.54
C VAL A 117 2.52 -15.19 -7.29
N LYS A 118 2.09 -15.08 -8.53
CA LYS A 118 2.06 -16.21 -9.40
C LYS A 118 3.39 -16.93 -9.33
N LEU A 119 4.45 -16.23 -9.69
CA LEU A 119 5.73 -16.88 -9.69
C LEU A 119 6.15 -17.50 -8.39
N ASN A 120 6.17 -16.72 -7.31
CA ASN A 120 6.62 -17.29 -6.05
C ASN A 120 5.85 -18.58 -5.79
N ARG A 121 4.53 -18.48 -5.78
CA ARG A 121 3.70 -19.66 -5.52
C ARG A 121 3.90 -20.73 -6.59
N LEU A 122 3.79 -20.29 -7.83
CA LEU A 122 3.94 -21.15 -8.99
C LEU A 122 5.18 -22.01 -8.84
N MET A 123 6.27 -21.35 -8.49
CA MET A 123 7.55 -22.02 -8.32
C MET A 123 7.44 -22.98 -7.18
N GLU A 124 7.12 -22.40 -6.04
CA GLU A 124 6.97 -23.13 -4.82
C GLU A 124 6.04 -24.32 -5.00
N ARG A 125 5.21 -24.29 -6.03
CA ARG A 125 4.30 -25.41 -6.21
C ARG A 125 5.09 -26.68 -6.45
N CYS A 126 5.75 -26.75 -7.60
CA CYS A 126 6.54 -27.93 -7.99
C CYS A 126 7.53 -28.46 -6.95
N LEU A 127 7.80 -27.69 -5.91
CA LEU A 127 8.74 -28.11 -4.87
C LEU A 127 8.10 -29.14 -3.96
N ARG A 128 6.91 -28.79 -3.48
CA ARG A 128 6.15 -29.68 -2.61
C ARG A 128 5.44 -30.68 -3.50
N ASN A 129 5.42 -30.39 -4.80
CA ASN A 129 4.81 -31.27 -5.79
C ASN A 129 5.73 -32.49 -5.92
N SER A 130 7.01 -32.22 -6.12
CA SER A 130 7.95 -33.30 -6.30
C SER A 130 8.27 -34.00 -5.00
N LYS A 131 8.10 -33.30 -3.88
CA LYS A 131 8.42 -33.91 -2.59
C LYS A 131 9.79 -34.56 -2.79
N CYS A 132 10.50 -34.05 -3.78
CA CYS A 132 11.84 -34.49 -4.15
C CYS A 132 12.76 -34.36 -2.96
N ILE A 133 12.18 -33.79 -1.90
CA ILE A 133 12.86 -33.55 -0.64
C ILE A 133 12.23 -34.33 0.51
N ASP A 134 13.01 -35.22 1.09
CA ASP A 134 12.54 -36.02 2.21
C ASP A 134 12.22 -35.11 3.39
N THR A 135 11.25 -35.48 4.21
CA THR A 135 10.90 -34.63 5.33
C THR A 135 11.04 -35.30 6.69
N GLU A 136 11.54 -36.53 6.71
CA GLU A 136 11.71 -37.25 7.96
C GLU A 136 13.17 -37.50 8.27
N SER A 137 14.02 -37.51 7.24
CA SER A 137 15.46 -37.74 7.41
C SER A 137 16.05 -36.59 8.21
N LEU A 138 15.45 -35.41 8.02
CA LEU A 138 15.87 -34.23 8.74
C LEU A 138 15.33 -34.39 10.17
N CYS A 139 14.05 -34.75 10.26
CA CYS A 139 13.37 -34.95 11.53
C CYS A 139 14.25 -35.75 12.49
N VAL A 140 14.73 -35.10 13.56
CA VAL A 140 15.58 -35.78 14.54
C VAL A 140 14.71 -36.40 15.63
N VAL A 141 14.04 -35.57 16.42
CA VAL A 141 13.16 -36.07 17.48
C VAL A 141 11.70 -35.73 17.17
N ALA A 142 11.14 -36.42 16.17
CA ALA A 142 9.77 -36.22 15.72
C ALA A 142 8.86 -35.79 16.85
N GLY A 143 7.92 -34.91 16.56
CA GLY A 143 7.02 -34.42 17.58
C GLY A 143 7.67 -33.33 18.43
N GLU A 144 9.00 -33.38 18.58
CA GLU A 144 9.72 -32.38 19.37
C GLU A 144 10.63 -31.44 18.56
N LYS A 145 11.83 -31.91 18.20
CA LYS A 145 12.74 -31.07 17.43
C LYS A 145 12.95 -31.65 16.04
N VAL A 146 12.50 -30.90 15.03
CA VAL A 146 12.59 -31.32 13.64
C VAL A 146 13.42 -30.25 12.94
N TRP A 147 13.84 -30.50 11.70
CA TRP A 147 14.64 -29.50 11.03
C TRP A 147 13.81 -28.65 10.09
N GLN A 148 14.19 -27.39 10.00
CA GLN A 148 13.53 -26.43 9.15
C GLN A 148 14.57 -25.93 8.18
N ILE A 149 14.30 -26.09 6.89
CA ILE A 149 15.22 -25.63 5.89
C ILE A 149 14.51 -24.61 5.04
N ARG A 150 15.05 -23.40 5.06
CA ARG A 150 14.45 -22.34 4.28
C ARG A 150 15.43 -22.04 3.19
N VAL A 151 14.87 -21.66 2.06
CA VAL A 151 15.67 -21.37 0.91
C VAL A 151 15.15 -20.06 0.36
N ASP A 152 16.07 -19.18 -0.02
CA ASP A 152 15.71 -17.87 -0.53
C ASP A 152 16.25 -17.55 -1.90
N LEU A 153 15.37 -16.98 -2.69
CA LEU A 153 15.74 -16.64 -4.01
C LEU A 153 15.67 -15.16 -4.21
N HIS A 154 16.75 -14.62 -4.75
CA HIS A 154 16.88 -13.21 -5.00
C HIS A 154 17.15 -13.03 -6.47
N LEU A 155 16.25 -12.27 -7.11
CA LEU A 155 16.39 -12.00 -8.52
C LEU A 155 17.28 -10.79 -8.60
N LEU A 156 18.52 -11.00 -8.96
CA LEU A 156 19.41 -9.87 -9.05
C LEU A 156 19.04 -9.06 -10.29
N ASN A 157 19.54 -9.48 -11.43
CA ASN A 157 19.27 -8.80 -12.67
C ASN A 157 18.05 -9.48 -13.24
N HIS A 158 17.32 -8.79 -14.09
CA HIS A 158 16.18 -9.45 -14.68
C HIS A 158 16.15 -9.39 -16.20
N ASP A 159 16.56 -10.44 -16.92
CA ASP A 159 16.49 -10.44 -18.41
C ASP A 159 15.83 -11.67 -19.06
N GLY A 160 14.57 -11.54 -19.49
CA GLY A 160 13.89 -12.67 -20.08
C GLY A 160 13.57 -13.76 -19.06
N ASN A 161 13.26 -14.94 -19.58
CA ASN A 161 12.90 -16.14 -18.80
C ASN A 161 13.50 -16.20 -17.39
N ILE A 162 12.62 -16.09 -16.40
CA ILE A 162 13.02 -16.08 -15.02
C ILE A 162 12.99 -17.43 -14.30
N ILE A 163 11.74 -17.79 -14.06
CA ILE A 163 11.30 -18.96 -13.35
C ILE A 163 12.16 -20.12 -13.56
N ASP A 164 12.83 -20.15 -14.72
CA ASP A 164 13.72 -21.24 -15.07
C ASP A 164 15.03 -21.09 -14.35
N ALA A 165 15.65 -19.93 -14.51
CA ALA A 165 16.90 -19.75 -13.81
C ALA A 165 16.46 -19.83 -12.37
N ALA A 166 15.24 -19.35 -12.15
CA ALA A 166 14.64 -19.33 -10.85
C ALA A 166 14.66 -20.73 -10.23
N SER A 167 14.34 -21.73 -11.04
CA SER A 167 14.28 -23.08 -10.54
C SER A 167 15.64 -23.62 -10.31
N ILE A 168 16.44 -23.43 -11.36
CA ILE A 168 17.81 -23.90 -11.40
C ILE A 168 18.42 -23.41 -10.15
N ALA A 169 18.24 -22.12 -9.96
CA ALA A 169 18.77 -21.44 -8.83
C ALA A 169 18.60 -22.33 -7.62
N ALA A 170 17.34 -22.56 -7.29
CA ALA A 170 17.02 -23.35 -6.12
C ALA A 170 17.63 -24.77 -6.14
N ILE A 171 17.20 -25.57 -7.10
CA ILE A 171 17.68 -26.93 -7.22
C ILE A 171 19.19 -26.92 -7.09
N VAL A 172 19.82 -26.14 -7.96
CA VAL A 172 21.27 -25.98 -8.01
C VAL A 172 21.80 -25.67 -6.62
N ALA A 173 21.02 -24.84 -5.93
CA ALA A 173 21.32 -24.41 -4.59
C ALA A 173 21.09 -25.58 -3.63
N LEU A 174 19.88 -26.11 -3.68
CA LEU A 174 19.51 -27.18 -2.80
C LEU A 174 20.54 -28.27 -2.66
N CYS A 175 21.23 -28.61 -3.74
CA CYS A 175 22.20 -29.69 -3.64
C CYS A 175 23.47 -29.31 -2.94
N HIS A 176 23.81 -28.02 -2.93
CA HIS A 176 25.04 -27.56 -2.31
C HIS A 176 25.01 -27.31 -0.80
N PHE A 177 23.85 -26.98 -0.25
CA PHE A 177 23.77 -26.72 1.19
C PHE A 177 24.27 -27.89 2.05
N ARG A 178 24.56 -27.62 3.32
CA ARG A 178 25.10 -28.65 4.20
C ARG A 178 24.56 -28.61 5.64
N ARG A 179 23.71 -29.55 6.02
CA ARG A 179 23.15 -29.56 7.38
C ARG A 179 24.11 -30.19 8.40
N PRO A 180 24.31 -29.51 9.54
CA PRO A 180 25.19 -29.93 10.64
C PRO A 180 24.57 -31.02 11.53
N ASP A 181 25.42 -31.71 12.30
CA ASP A 181 24.99 -32.77 13.21
C ASP A 181 26.16 -33.56 13.85
N VAL A 182 26.29 -33.49 15.18
CA VAL A 182 27.36 -34.19 15.92
C VAL A 182 26.89 -35.35 16.83
N SER A 183 26.18 -35.03 17.92
CA SER A 183 25.68 -36.06 18.82
C SER A 183 24.43 -35.65 19.62
N VAL A 184 23.34 -36.36 19.42
CA VAL A 184 22.08 -36.10 20.11
C VAL A 184 21.50 -37.45 20.50
N GLN A 185 21.53 -37.73 21.81
CA GLN A 185 21.05 -38.99 22.35
C GLN A 185 19.96 -38.70 23.38
N GLY A 186 19.07 -39.67 23.60
CA GLY A 186 18.01 -39.44 24.55
C GLY A 186 17.27 -38.19 24.15
N ASP A 187 17.05 -37.29 25.11
CA ASP A 187 16.34 -36.03 24.82
C ASP A 187 17.25 -34.81 24.86
N GLU A 188 18.49 -34.97 24.43
CA GLU A 188 19.44 -33.88 24.44
C GLU A 188 20.02 -33.63 23.06
N VAL A 189 20.30 -32.37 22.76
CA VAL A 189 20.85 -32.04 21.46
C VAL A 189 22.12 -31.22 21.54
N THR A 190 23.17 -31.76 20.93
CA THR A 190 24.46 -31.10 20.91
C THR A 190 25.11 -31.31 19.54
N LEU A 191 25.65 -30.24 18.97
CA LEU A 191 26.32 -30.29 17.67
C LEU A 191 27.50 -29.34 17.74
N TYR A 192 28.66 -29.79 17.25
CA TYR A 192 29.85 -28.95 17.29
C TYR A 192 30.41 -28.77 15.89
N THR A 193 30.66 -27.52 15.52
CA THR A 193 31.21 -27.25 14.20
C THR A 193 32.47 -28.10 13.99
N PRO A 194 33.29 -28.28 15.04
CA PRO A 194 34.51 -29.09 14.87
C PRO A 194 34.25 -30.54 14.44
N GLU A 195 33.09 -31.08 14.81
CA GLU A 195 32.70 -32.44 14.42
C GLU A 195 31.88 -32.31 13.17
N GLU A 196 31.30 -31.12 12.99
CA GLU A 196 30.49 -30.80 11.84
C GLU A 196 31.38 -30.76 10.60
N ARG A 197 32.70 -30.80 10.84
CA ARG A 197 33.69 -30.77 9.77
C ARG A 197 33.52 -31.96 8.84
N ASP A 198 32.49 -32.77 9.10
CA ASP A 198 32.22 -33.94 8.28
C ASP A 198 30.73 -34.13 7.96
N PRO A 199 29.89 -34.45 8.97
CA PRO A 199 28.48 -34.62 8.65
C PRO A 199 27.81 -33.29 8.30
N VAL A 200 27.21 -33.21 7.11
CA VAL A 200 26.53 -32.01 6.65
C VAL A 200 25.98 -32.12 5.22
N PRO A 201 25.13 -33.14 4.95
CA PRO A 201 24.56 -33.33 3.60
C PRO A 201 23.04 -33.11 3.52
N LEU A 202 22.36 -33.74 2.55
CA LEU A 202 20.90 -33.60 2.40
C LEU A 202 20.10 -34.67 1.64
N SER A 203 18.78 -34.55 1.72
CA SER A 203 17.86 -35.48 1.06
C SER A 203 17.29 -34.97 -0.27
N ILE A 204 18.12 -34.90 -1.31
CA ILE A 204 17.64 -34.44 -2.62
C ILE A 204 17.22 -35.63 -3.47
N HIS A 205 16.04 -36.17 -3.20
CA HIS A 205 15.56 -37.33 -3.96
C HIS A 205 15.37 -37.07 -5.44
N HIS A 206 14.54 -36.09 -5.74
CA HIS A 206 14.25 -35.76 -7.11
C HIS A 206 14.65 -34.34 -7.35
N MET A 207 14.94 -34.02 -8.60
CA MET A 207 15.38 -32.70 -8.96
C MET A 207 14.55 -32.21 -10.13
N PRO A 208 13.57 -31.33 -9.87
CA PRO A 208 12.75 -30.84 -10.99
C PRO A 208 13.19 -29.47 -11.47
N ILE A 209 12.98 -29.20 -12.76
CA ILE A 209 13.36 -27.93 -13.35
C ILE A 209 12.24 -27.28 -14.14
N CYS A 210 12.39 -26.00 -14.44
CA CYS A 210 11.38 -25.30 -15.18
C CYS A 210 11.77 -24.98 -16.59
N VAL A 211 10.78 -25.17 -17.44
CA VAL A 211 10.92 -24.96 -18.85
C VAL A 211 9.71 -24.18 -19.28
N SER A 212 9.95 -22.98 -19.80
CA SER A 212 8.84 -22.18 -20.23
C SER A 212 8.86 -22.13 -21.71
N PHE A 213 7.67 -21.97 -22.29
CA PHE A 213 7.53 -21.89 -23.73
C PHE A 213 6.70 -20.67 -24.03
N ALA A 214 7.25 -19.78 -24.85
CA ALA A 214 6.53 -18.55 -25.19
C ALA A 214 5.81 -18.70 -26.51
N PHE A 215 4.68 -18.03 -26.63
CA PHE A 215 3.90 -18.16 -27.84
C PHE A 215 3.81 -16.88 -28.55
N PHE A 216 3.58 -16.97 -29.84
CA PHE A 216 3.55 -15.77 -30.62
C PHE A 216 2.47 -15.75 -31.65
N GLN A 217 1.53 -14.84 -31.44
CA GLN A 217 0.43 -14.70 -32.34
C GLN A 217 -0.22 -16.07 -32.49
N GLN A 218 -1.26 -16.32 -31.69
CA GLN A 218 -1.98 -17.58 -31.75
C GLN A 218 -1.00 -18.72 -31.63
N GLY A 219 0.00 -18.56 -30.77
CA GLY A 219 0.98 -19.62 -30.62
C GLY A 219 1.30 -20.27 -31.95
N THR A 220 1.23 -19.50 -33.03
CA THR A 220 1.54 -20.05 -34.33
C THR A 220 3.04 -19.90 -34.50
N TYR A 221 3.70 -19.68 -33.37
CA TYR A 221 5.15 -19.58 -33.27
C TYR A 221 5.44 -19.87 -31.82
N LEU A 222 6.48 -20.63 -31.56
CA LEU A 222 6.78 -20.95 -30.18
C LEU A 222 8.25 -20.80 -29.83
N LEU A 223 8.54 -20.07 -28.76
CA LEU A 223 9.91 -19.83 -28.31
C LEU A 223 10.24 -20.46 -26.97
N VAL A 224 11.52 -20.53 -26.68
CA VAL A 224 11.97 -21.14 -25.45
C VAL A 224 13.00 -20.28 -24.82
N ASP A 225 12.86 -20.07 -23.52
CA ASP A 225 13.76 -19.24 -22.74
C ASP A 225 13.87 -17.90 -23.41
N PRO A 226 12.76 -17.15 -23.41
CA PRO A 226 12.71 -15.83 -24.03
C PRO A 226 13.59 -14.88 -23.25
N ASN A 227 14.13 -13.90 -23.97
CA ASN A 227 14.96 -12.91 -23.36
C ASN A 227 13.93 -11.88 -22.99
N GLU A 228 14.38 -10.85 -22.32
CA GLU A 228 13.54 -9.78 -21.85
C GLU A 228 12.62 -9.22 -22.89
N ARG A 229 13.22 -8.74 -23.98
CA ARG A 229 12.54 -8.18 -25.14
C ARG A 229 11.50 -9.18 -25.62
N GLU A 230 11.92 -10.44 -25.71
CA GLU A 230 11.04 -11.50 -26.14
C GLU A 230 9.95 -11.54 -25.10
N GLU A 231 10.37 -11.65 -23.86
CA GLU A 231 9.43 -11.72 -22.78
C GLU A 231 8.24 -10.81 -23.10
N ARG A 232 8.49 -9.58 -23.53
CA ARG A 232 7.40 -8.66 -23.77
C ARG A 232 6.53 -9.00 -24.94
N VAL A 233 7.17 -9.23 -26.06
CA VAL A 233 6.44 -9.51 -27.26
C VAL A 233 5.51 -10.71 -27.22
N MET A 234 5.85 -11.75 -26.44
CA MET A 234 5.04 -12.98 -26.37
C MET A 234 3.62 -12.88 -25.80
N ASP A 235 2.61 -13.27 -26.58
CA ASP A 235 1.23 -13.20 -26.10
C ASP A 235 0.91 -14.14 -24.93
N GLY A 236 1.26 -15.41 -25.06
CA GLY A 236 0.98 -16.32 -23.97
C GLY A 236 2.14 -17.26 -23.71
N LEU A 237 2.34 -17.62 -22.43
CA LEU A 237 3.42 -18.53 -22.07
C LEU A 237 3.05 -19.73 -21.17
N LEU A 238 3.73 -20.84 -21.42
CA LEU A 238 3.52 -22.05 -20.66
C LEU A 238 4.83 -22.53 -20.05
N VAL A 239 4.68 -23.17 -18.91
CA VAL A 239 5.79 -23.69 -18.18
C VAL A 239 5.54 -25.17 -18.02
N ILE A 240 6.58 -25.89 -17.59
CA ILE A 240 6.56 -27.35 -17.36
C ILE A 240 7.56 -27.73 -16.28
N ALA A 241 7.30 -28.84 -15.60
CA ALA A 241 8.22 -29.32 -14.57
C ALA A 241 8.50 -30.80 -14.81
N MET A 242 9.76 -31.13 -15.06
CA MET A 242 10.13 -32.53 -15.32
C MET A 242 11.37 -32.96 -14.52
N ASN A 243 11.19 -33.94 -13.64
CA ASN A 243 12.27 -34.44 -12.80
C ASN A 243 13.05 -35.48 -13.58
N LYS A 244 14.36 -35.56 -13.29
CA LYS A 244 15.28 -36.49 -13.98
C LYS A 244 14.64 -37.77 -14.50
N HIS A 245 13.56 -38.22 -13.82
CA HIS A 245 12.86 -39.44 -14.17
C HIS A 245 11.84 -39.23 -15.30
N ARG A 246 12.23 -38.39 -16.25
CA ARG A 246 11.44 -38.07 -17.43
C ARG A 246 9.94 -37.81 -17.20
N GLU A 247 9.56 -37.56 -15.95
CA GLU A 247 8.16 -37.27 -15.60
C GLU A 247 7.89 -35.83 -15.11
N ILE A 248 6.66 -35.37 -15.31
CA ILE A 248 6.26 -34.03 -14.93
C ILE A 248 6.03 -33.88 -13.43
N CYS A 249 5.80 -32.65 -13.02
CA CYS A 249 5.53 -32.32 -11.63
C CYS A 249 4.50 -31.22 -11.70
N THR A 250 4.64 -30.41 -12.73
CA THR A 250 3.74 -29.30 -12.92
C THR A 250 3.86 -28.63 -14.28
N ILE A 251 2.76 -28.00 -14.65
CA ILE A 251 2.70 -27.26 -15.89
C ILE A 251 1.79 -26.13 -15.51
N GLN A 252 1.90 -25.04 -16.26
CA GLN A 252 1.07 -23.87 -16.04
C GLN A 252 0.92 -23.14 -17.35
N SER A 253 -0.32 -22.77 -17.65
CA SER A 253 -0.65 -22.06 -18.87
C SER A 253 -1.02 -20.64 -18.46
N SER A 254 -0.48 -19.67 -19.18
CA SER A 254 -0.69 -18.26 -18.88
C SER A 254 -0.63 -17.41 -20.16
N GLY A 255 -1.01 -16.15 -20.04
CA GLY A 255 -0.98 -15.26 -21.18
C GLY A 255 -2.07 -15.65 -22.15
N GLY A 256 -3.04 -16.41 -21.64
CA GLY A 256 -4.17 -16.85 -22.45
C GLY A 256 -3.89 -17.17 -23.92
N ILE A 257 -3.97 -18.44 -24.27
CA ILE A 257 -3.76 -18.81 -25.67
C ILE A 257 -4.58 -20.02 -26.09
N MET A 258 -4.45 -20.32 -27.37
CA MET A 258 -5.12 -21.43 -28.04
C MET A 258 -4.10 -22.55 -28.00
N LEU A 259 -4.15 -23.35 -26.93
CA LEU A 259 -3.19 -24.41 -26.72
C LEU A 259 -3.73 -25.78 -27.01
N LEU A 260 -3.73 -26.13 -28.27
CA LEU A 260 -4.23 -27.39 -28.77
C LEU A 260 -3.57 -28.55 -28.10
N LYS A 261 -4.40 -29.31 -27.42
CA LYS A 261 -4.01 -30.49 -26.65
C LYS A 261 -2.91 -31.16 -27.37
N ASP A 262 -3.07 -31.18 -28.68
CA ASP A 262 -2.06 -31.80 -29.47
C ASP A 262 -0.76 -31.03 -29.25
N GLN A 263 -0.72 -29.81 -29.73
CA GLN A 263 0.52 -29.08 -29.60
C GLN A 263 0.93 -29.04 -28.18
N VAL A 264 0.01 -28.89 -27.29
CA VAL A 264 0.44 -28.86 -25.91
C VAL A 264 1.39 -30.03 -25.74
N LEU A 265 1.24 -31.00 -26.61
CA LEU A 265 2.05 -32.17 -26.44
C LEU A 265 3.54 -32.17 -26.80
N ARG A 266 3.95 -31.41 -27.81
CA ARG A 266 5.35 -31.42 -28.18
C ARG A 266 6.16 -30.80 -27.10
N CYS A 267 5.74 -29.59 -26.73
CA CYS A 267 6.38 -28.76 -25.72
C CYS A 267 6.68 -29.64 -24.53
N SER A 268 5.61 -30.26 -24.05
CA SER A 268 5.70 -31.16 -22.95
C SER A 268 6.92 -32.05 -23.23
N LYS A 269 6.91 -32.60 -24.43
CA LYS A 269 7.97 -33.48 -24.85
C LYS A 269 9.25 -32.73 -24.72
N ILE A 270 9.34 -31.76 -25.63
CA ILE A 270 10.48 -30.87 -25.81
C ILE A 270 11.05 -30.37 -24.52
N ALA A 271 10.17 -30.10 -23.57
CA ALA A 271 10.60 -29.64 -22.28
C ALA A 271 11.49 -30.76 -21.70
N GLY A 272 10.97 -31.99 -21.71
CA GLY A 272 11.74 -33.10 -21.18
C GLY A 272 13.12 -33.15 -21.78
N VAL A 273 13.12 -32.98 -23.09
CA VAL A 273 14.33 -33.01 -23.89
C VAL A 273 15.41 -32.12 -23.24
N LYS A 274 14.98 -30.90 -22.96
CA LYS A 274 15.86 -29.90 -22.40
C LYS A 274 16.21 -30.20 -20.96
N VAL A 275 15.21 -30.39 -20.11
CA VAL A 275 15.51 -30.63 -18.71
C VAL A 275 16.67 -31.58 -18.68
N ALA A 276 16.69 -32.49 -19.63
CA ALA A 276 17.74 -33.45 -19.69
C ALA A 276 19.09 -32.77 -19.50
N GLU A 277 19.58 -32.15 -20.57
CA GLU A 277 20.88 -31.51 -20.55
C GLU A 277 21.08 -30.56 -19.38
N ILE A 278 20.07 -29.77 -19.10
CA ILE A 278 20.16 -28.81 -18.03
C ILE A 278 20.63 -29.45 -16.74
N THR A 279 20.11 -30.62 -16.49
CA THR A 279 20.51 -31.29 -15.28
C THR A 279 22.02 -31.42 -15.35
N GLU A 280 22.49 -31.98 -16.47
CA GLU A 280 23.91 -32.25 -16.68
C GLU A 280 24.83 -31.28 -15.98
N LEU A 281 24.49 -30.03 -16.17
CA LEU A 281 25.26 -28.99 -15.60
C LEU A 281 25.25 -29.03 -14.15
N ILE A 282 24.08 -29.02 -13.53
CA ILE A 282 24.12 -28.99 -12.10
C ILE A 282 25.15 -29.97 -11.61
N LEU A 283 24.89 -31.22 -11.93
CA LEU A 283 25.74 -32.30 -11.54
C LEU A 283 27.15 -31.97 -11.99
N LYS A 284 27.28 -31.68 -13.28
CA LYS A 284 28.58 -31.37 -13.86
C LYS A 284 29.39 -30.42 -12.97
N ALA A 285 28.89 -29.19 -12.84
CA ALA A 285 29.55 -28.19 -12.05
C ALA A 285 29.45 -28.59 -10.59
N LEU A 286 28.29 -29.09 -10.18
CA LEU A 286 28.12 -29.49 -8.79
C LEU A 286 29.33 -30.32 -8.39
N GLU A 287 29.85 -31.07 -9.37
CA GLU A 287 31.02 -31.93 -9.15
C GLU A 287 32.27 -31.11 -9.17
N ASN A 288 32.41 -30.32 -10.23
CA ASN A 288 33.57 -29.46 -10.37
C ASN A 288 33.85 -28.70 -9.08
N ASP A 289 32.78 -28.24 -8.44
CA ASP A 289 32.88 -27.49 -7.18
C ASP A 289 33.43 -28.39 -6.08
N GLN A 290 32.74 -29.51 -5.86
CA GLN A 290 33.15 -30.45 -4.84
C GLN A 290 34.64 -30.71 -4.96
N LYS A 291 35.10 -30.85 -6.19
CA LYS A 291 36.50 -31.13 -6.47
C LYS A 291 37.46 -30.10 -5.87
N VAL A 292 37.23 -28.84 -6.19
CA VAL A 292 38.10 -27.79 -5.73
C VAL A 292 38.31 -27.74 -4.22
N ARG A 293 37.24 -27.88 -3.43
CA ARG A 293 37.42 -27.85 -1.98
C ARG A 293 38.42 -28.89 -1.53
N LYS A 294 38.30 -30.09 -2.09
CA LYS A 294 39.16 -31.21 -1.76
C LYS A 294 40.57 -31.12 -2.34
N GLU A 295 40.78 -30.22 -3.29
CA GLU A 295 42.09 -30.04 -3.88
C GLU A 295 42.61 -28.64 -3.52
N GLY A 296 43.38 -28.05 -4.42
CA GLY A 296 43.91 -26.71 -4.19
C GLY A 296 43.09 -25.88 -3.23
N GLY A 297 41.80 -25.72 -3.52
CA GLY A 297 40.92 -24.93 -2.67
C GLY A 297 40.64 -23.54 -3.22
N LYS A 298 39.38 -23.12 -3.23
CA LYS A 298 39.00 -21.80 -3.75
C LYS A 298 37.48 -21.58 -3.73
N PHE A 299 36.94 -21.27 -2.54
CA PHE A 299 35.50 -21.03 -2.35
C PHE A 299 35.03 -19.75 -3.05
N GLY A 300 35.00 -18.64 -2.31
CA GLY A 300 34.59 -17.35 -2.86
C GLY A 300 33.28 -17.25 -3.64
N PHE A 301 33.03 -16.06 -4.20
CA PHE A 301 31.84 -15.78 -4.99
C PHE A 301 32.10 -16.09 -6.47
N ALA A 302 33.04 -15.38 -7.07
CA ALA A 302 33.39 -15.59 -8.48
C ALA A 302 34.69 -14.90 -8.91
N GLU A 303 35.79 -15.65 -8.95
CA GLU A 303 37.08 -15.12 -9.37
C GLU A 303 37.15 -15.04 -10.89
N SER A 304 36.26 -15.79 -11.56
CA SER A 304 36.20 -15.81 -13.02
C SER A 304 35.97 -14.40 -13.56
N ILE A 305 34.98 -13.73 -12.97
CA ILE A 305 34.65 -12.36 -13.37
C ILE A 305 35.78 -11.52 -12.78
N ALA A 306 36.47 -12.08 -11.77
CA ALA A 306 37.57 -11.42 -11.07
C ALA A 306 38.91 -11.43 -11.82
N ASN A 307 39.02 -12.23 -12.88
CA ASN A 307 40.26 -12.28 -13.65
C ASN A 307 40.08 -11.77 -15.08
N GLN A 308 38.90 -11.97 -15.63
CA GLN A 308 38.59 -11.53 -16.98
C GLN A 308 38.82 -10.03 -17.15
N ARG A 309 39.78 -9.68 -18.00
CA ARG A 309 40.14 -8.30 -18.27
C ARG A 309 39.02 -7.27 -18.10
N ILE A 310 39.41 -6.06 -17.68
CA ILE A 310 38.53 -4.91 -17.47
C ILE A 310 37.49 -5.04 -16.34
N THR A 311 36.74 -3.96 -16.10
CA THR A 311 35.68 -3.85 -15.07
C THR A 311 35.77 -4.68 -13.79
N ALA A 312 36.96 -5.17 -13.46
CA ALA A 312 37.16 -5.94 -12.25
C ALA A 312 38.64 -6.09 -11.89
N PHE A 313 38.95 -5.96 -10.61
CA PHE A 313 40.34 -6.13 -10.17
C PHE A 313 40.46 -6.62 -8.74
N LYS A 314 41.47 -7.46 -8.52
CA LYS A 314 41.73 -8.03 -7.21
C LYS A 314 43.23 -8.08 -6.95
N MET A 315 43.62 -7.66 -5.76
CA MET A 315 45.02 -7.66 -5.35
C MET A 315 45.05 -7.58 -3.83
N GLU A 316 46.15 -8.01 -3.22
CA GLU A 316 46.24 -7.92 -1.78
C GLU A 316 47.42 -7.00 -1.46
N LYS A 317 47.21 -6.05 -0.53
CA LYS A 317 48.23 -5.06 -0.14
C LYS A 317 48.62 -5.14 1.34
N ALA A 318 49.87 -4.76 1.62
CA ALA A 318 50.44 -4.77 2.97
C ALA A 318 49.55 -4.08 4.01
N PRO A 319 50.07 -3.85 5.24
CA PRO A 319 49.23 -3.21 6.26
C PRO A 319 48.90 -1.74 5.97
N UNK A 321 56.14 0.29 8.14
CA UNK A 321 55.42 0.43 9.44
C UNK A 321 54.41 1.59 9.45
N UNK A 322 53.82 1.87 8.29
CA UNK A 322 52.83 2.94 8.15
C UNK A 322 51.62 2.68 9.05
N UNK A 323 51.48 1.44 9.49
CA UNK A 323 50.36 1.05 10.35
C UNK A 323 50.46 1.63 11.75
N UNK A 324 51.56 1.33 12.45
CA UNK A 324 51.78 1.82 13.81
C UNK A 324 52.42 3.21 13.92
N UNK A 325 53.10 3.64 12.87
CA UNK A 325 53.77 4.95 12.86
C UNK A 325 52.94 6.15 13.33
N UNK A 326 51.72 6.26 12.83
CA UNK A 326 50.83 7.36 13.20
C UNK A 326 49.95 7.15 14.45
N UNK A 327 49.71 5.89 14.82
CA UNK A 327 48.84 5.57 15.96
C UNK A 327 49.11 6.39 17.23
N UNK A 328 50.32 6.92 17.37
CA UNK A 328 50.66 7.74 18.52
C UNK A 328 50.15 9.16 18.38
N UNK A 329 49.85 9.57 17.14
CA UNK A 329 49.34 10.92 16.86
C UNK A 329 48.02 11.17 17.57
N UNK A 330 47.31 10.09 17.89
CA UNK A 330 46.02 10.17 18.57
C UNK A 330 46.07 11.11 19.77
N UNK A 331 47.13 11.01 20.58
CA UNK A 331 47.27 11.88 21.75
C UNK A 331 47.35 13.32 21.31
N UNK A 332 48.16 13.57 20.30
CA UNK A 332 48.36 14.92 19.77
C UNK A 332 47.03 15.65 19.58
N UNK A 333 46.10 15.01 18.87
CA UNK A 333 44.79 15.59 18.62
C UNK A 333 43.86 15.35 19.80
N UNK A 334 44.08 14.24 20.51
CA UNK A 334 43.25 13.91 21.66
C UNK A 334 43.56 14.80 22.84
N UNK A 335 44.85 15.10 23.02
CA UNK A 335 45.32 15.95 24.11
C UNK A 335 45.18 17.45 23.82
N UNK A 336 45.68 17.89 22.67
CA UNK A 336 45.64 19.29 22.31
C UNK A 336 44.26 19.91 22.43
N UNK A 337 43.26 19.21 21.90
CA UNK A 337 41.88 19.69 21.91
C UNK A 337 41.07 19.52 23.20
N UNK A 338 40.78 18.28 23.55
CA UNK A 338 39.97 17.97 24.72
C UNK A 338 40.48 18.57 26.04
N UNK A 339 41.77 18.42 26.32
CA UNK A 339 42.35 18.92 27.57
C UNK A 339 41.76 20.23 28.06
N UNK A 340 41.74 21.24 27.19
CA UNK A 340 41.19 22.54 27.55
C UNK A 340 39.66 22.46 27.55
N UNK A 341 39.14 21.47 26.84
CA UNK A 341 37.70 21.26 26.72
C UNK A 341 36.97 20.64 27.93
N UNK A 342 37.71 20.00 28.84
CA UNK A 342 37.10 19.37 30.01
C UNK A 342 36.69 20.26 31.19
N UNK A 343 37.27 21.46 31.31
CA UNK A 343 36.95 22.38 32.43
C UNK A 343 35.54 22.99 32.44
N UNK A 344 34.88 23.06 31.29
CA UNK A 344 33.53 23.61 31.22
C UNK A 344 32.58 22.79 32.10
N UNK A 345 33.04 21.63 32.53
CA UNK A 345 32.26 20.74 33.38
C UNK A 345 31.89 21.35 34.73
N UNK A 346 32.88 21.92 35.39
CA UNK A 346 32.66 22.52 36.69
C UNK A 346 31.39 23.38 36.64
N UNK A 347 31.12 23.97 35.49
CA UNK A 347 29.94 24.80 35.34
C UNK A 347 28.67 23.99 35.19
N UNK A 348 28.67 23.01 34.29
CA UNK A 348 27.50 22.17 34.04
C UNK A 348 26.98 21.44 35.27
N UNK A 349 27.86 21.28 36.27
CA UNK A 349 27.50 20.59 37.50
C UNK A 349 26.27 21.23 38.14
N UNK A 350 26.28 22.55 38.26
CA UNK A 350 25.19 23.31 38.88
C UNK A 350 24.00 23.82 38.05
N UNK A 351 24.14 23.91 36.72
CA UNK A 351 23.09 24.51 35.86
C UNK A 351 21.59 24.14 35.97
N UNK A 352 21.19 22.95 35.50
CA UNK A 352 19.79 22.55 35.58
C UNK A 352 19.39 21.61 36.73
N UNK A 353 20.39 20.96 37.35
CA UNK A 353 20.16 20.00 38.43
C UNK A 353 19.85 20.54 39.82
N UNK A 354 20.65 21.48 40.30
CA UNK A 354 20.47 22.02 41.64
C UNK A 354 19.05 22.46 42.00
N UNK A 355 18.52 23.41 41.25
CA UNK A 355 17.19 23.96 41.51
C UNK A 355 15.93 23.22 41.02
N UNK A 356 16.09 22.36 40.00
CA UNK A 356 14.97 21.61 39.42
C UNK A 356 14.08 20.82 40.39
N UNK A 357 14.42 20.84 41.68
CA UNK A 357 13.67 20.11 42.71
C UNK A 357 12.14 20.23 42.69
N UNK A 358 11.59 21.21 41.97
CA UNK A 358 10.14 21.40 41.89
C UNK A 358 9.42 20.07 41.77
N LEU B 11 -9.61 -48.01 -1.83
CA LEU B 11 -9.33 -47.28 -3.11
C LEU B 11 -10.49 -47.33 -4.07
N SER B 12 -10.21 -47.69 -5.32
CA SER B 12 -11.24 -47.76 -6.34
C SER B 12 -10.93 -48.84 -7.37
N ASP B 13 -11.93 -49.63 -7.75
CA ASP B 13 -11.70 -50.71 -8.74
C ASP B 13 -12.92 -51.43 -9.31
N GLN B 14 -12.63 -52.50 -10.05
CA GLN B 14 -13.59 -53.38 -10.73
C GLN B 14 -14.63 -52.66 -11.57
N GLY B 15 -14.35 -51.39 -11.84
CA GLY B 15 -15.25 -50.57 -12.63
C GLY B 15 -16.01 -49.68 -11.67
N TYR B 16 -15.47 -49.55 -10.46
CA TYR B 16 -16.10 -48.71 -9.44
C TYR B 16 -15.10 -47.95 -8.59
N ARG B 17 -15.09 -46.64 -8.81
CA ARG B 17 -14.20 -45.75 -8.11
C ARG B 17 -14.58 -45.68 -6.66
N VAL B 18 -13.68 -45.16 -5.82
CA VAL B 18 -13.88 -45.01 -4.38
C VAL B 18 -15.18 -44.25 -4.00
N ASP B 19 -15.49 -43.19 -4.74
CA ASP B 19 -16.70 -42.40 -4.47
C ASP B 19 -17.88 -43.32 -4.73
N GLY B 20 -17.71 -44.17 -5.72
CA GLY B 20 -18.75 -45.09 -6.10
C GLY B 20 -19.25 -44.51 -7.40
N ARG B 21 -18.45 -44.69 -8.44
CA ARG B 21 -18.82 -44.17 -9.73
C ARG B 21 -17.78 -44.52 -10.77
N ARG B 22 -18.24 -44.55 -12.00
CA ARG B 22 -17.40 -44.85 -13.13
C ARG B 22 -16.40 -43.70 -13.21
N ALA B 23 -15.12 -44.04 -13.36
CA ALA B 23 -14.06 -43.06 -13.46
C ALA B 23 -14.27 -42.19 -14.69
N GLY B 24 -15.21 -42.61 -15.55
CA GLY B 24 -15.53 -41.83 -16.74
C GLY B 24 -16.79 -41.01 -16.51
N GLU B 25 -17.56 -41.41 -15.50
CA GLU B 25 -18.79 -40.71 -15.16
C GLU B 25 -18.54 -39.64 -14.11
N LEU B 26 -18.87 -38.39 -14.47
CA LEU B 26 -18.71 -37.21 -13.60
C LEU B 26 -19.51 -37.39 -12.31
N ARG B 27 -19.65 -36.33 -11.52
CA ARG B 27 -20.45 -36.42 -10.29
C ARG B 27 -21.57 -35.39 -10.36
N LYS B 28 -22.77 -35.86 -10.69
CA LYS B 28 -23.95 -35.00 -10.84
C LYS B 28 -23.85 -33.65 -10.18
N ILE B 29 -24.19 -32.63 -10.95
CA ILE B 29 -24.15 -31.29 -10.46
C ILE B 29 -25.43 -30.59 -10.87
N GLN B 30 -25.98 -29.83 -9.94
CA GLN B 30 -27.18 -29.04 -10.15
C GLN B 30 -26.66 -27.62 -9.98
N ALA B 31 -27.23 -26.68 -10.73
CA ALA B 31 -26.78 -25.30 -10.62
C ALA B 31 -27.94 -24.34 -10.65
N ARG B 32 -27.90 -23.34 -9.77
CA ARG B 32 -28.96 -22.34 -9.76
C ARG B 32 -28.25 -21.09 -10.29
N MET B 33 -28.61 -20.73 -11.52
CA MET B 33 -28.02 -19.57 -12.16
C MET B 33 -29.07 -18.49 -12.19
N GLY B 34 -28.64 -17.23 -12.18
CA GLY B 34 -29.59 -16.13 -12.19
C GLY B 34 -30.30 -16.09 -10.85
N VAL B 35 -29.55 -16.35 -9.78
CA VAL B 35 -30.08 -16.35 -8.41
C VAL B 35 -30.42 -14.93 -8.00
N PHE B 36 -29.72 -14.40 -7.00
CA PHE B 36 -29.96 -13.03 -6.54
C PHE B 36 -30.00 -12.19 -7.81
N ALA B 37 -30.99 -11.33 -7.98
CA ALA B 37 -31.06 -10.52 -9.22
C ALA B 37 -30.50 -9.11 -9.01
N GLN B 38 -29.87 -8.90 -7.85
CA GLN B 38 -29.29 -7.61 -7.49
C GLN B 38 -27.85 -7.40 -7.99
N ALA B 39 -27.51 -8.02 -9.11
CA ALA B 39 -26.18 -7.88 -9.67
C ALA B 39 -26.30 -7.72 -11.17
N ASP B 40 -26.40 -8.85 -11.86
CA ASP B 40 -26.51 -8.86 -13.32
C ASP B 40 -26.07 -10.25 -13.78
N GLY B 41 -25.00 -10.72 -13.17
CA GLY B 41 -24.48 -12.03 -13.48
C GLY B 41 -24.49 -12.78 -12.17
N SER B 42 -25.24 -13.87 -12.13
CA SER B 42 -25.38 -14.67 -10.93
C SER B 42 -25.44 -16.16 -11.23
N ALA B 43 -24.75 -16.95 -10.42
CA ALA B 43 -24.76 -18.39 -10.64
C ALA B 43 -24.39 -19.20 -9.40
N TYR B 44 -25.10 -20.30 -9.20
CA TYR B 44 -24.84 -21.21 -8.06
C TYR B 44 -24.69 -22.63 -8.52
N ILE B 45 -23.70 -23.32 -7.96
CA ILE B 45 -23.48 -24.68 -8.35
C ILE B 45 -22.62 -25.46 -7.37
N GLU B 46 -22.72 -26.77 -7.47
CA GLU B 46 -21.98 -27.67 -6.62
C GLU B 46 -21.58 -28.93 -7.38
N GLN B 47 -20.28 -29.19 -7.42
CA GLN B 47 -19.74 -30.36 -8.10
C GLN B 47 -20.01 -31.50 -7.15
N GLY B 48 -21.21 -32.05 -7.23
CA GLY B 48 -21.58 -33.13 -6.33
C GLY B 48 -21.72 -32.57 -4.93
N ASN B 49 -20.61 -32.47 -4.21
CA ASN B 49 -20.63 -31.95 -2.84
C ASN B 49 -19.56 -30.86 -2.65
N THR B 50 -19.41 -30.01 -3.65
CA THR B 50 -18.48 -28.88 -3.63
C THR B 50 -19.39 -27.74 -4.02
N LYS B 51 -19.53 -26.74 -3.14
CA LYS B 51 -20.42 -25.61 -3.40
C LYS B 51 -19.74 -24.25 -3.43
N ALA B 52 -20.17 -23.38 -4.33
CA ALA B 52 -19.60 -22.05 -4.45
C ALA B 52 -20.51 -21.13 -5.24
N LEU B 53 -20.42 -19.83 -4.95
CA LEU B 53 -21.25 -18.84 -5.62
C LEU B 53 -20.43 -17.81 -6.38
N ALA B 54 -20.73 -17.64 -7.66
CA ALA B 54 -20.00 -16.69 -8.51
C ALA B 54 -20.90 -15.60 -9.08
N VAL B 55 -20.49 -14.34 -8.87
CA VAL B 55 -21.26 -13.21 -9.37
C VAL B 55 -20.42 -12.22 -10.16
N VAL B 56 -21.03 -11.70 -11.22
CA VAL B 56 -20.40 -10.73 -12.10
C VAL B 56 -21.32 -9.52 -12.22
N TYR B 57 -20.72 -8.37 -12.52
CA TYR B 57 -21.47 -7.13 -12.71
C TYR B 57 -21.12 -6.64 -14.11
N GLY B 58 -22.17 -6.32 -14.87
CA GLY B 58 -22.02 -5.87 -16.24
C GLY B 58 -20.84 -4.98 -16.56
N PRO B 59 -20.66 -4.65 -17.85
CA PRO B 59 -19.55 -3.79 -18.27
C PRO B 59 -19.76 -2.34 -17.81
N HIS B 60 -19.81 -2.13 -16.49
CA HIS B 60 -20.00 -0.79 -15.98
C HIS B 60 -18.74 0.03 -16.25
N GLU B 61 -18.90 1.33 -16.43
CA GLU B 61 -17.74 2.17 -16.69
C GLU B 61 -16.81 2.11 -15.48
N ILE B 62 -15.51 2.17 -15.75
CA ILE B 62 -14.46 2.10 -14.72
C ILE B 62 -14.85 2.74 -13.40
N ARG B 63 -15.00 1.93 -12.36
CA ARG B 63 -15.37 2.49 -11.07
C ARG B 63 -14.15 2.90 -10.25
N GLY B 64 -14.23 2.70 -8.93
CA GLY B 64 -13.16 3.05 -8.00
C GLY B 64 -11.76 3.16 -8.59
N SER B 65 -10.99 4.14 -8.10
CA SER B 65 -9.64 4.37 -8.58
C SER B 65 -9.72 4.68 -10.09
N ARG B 66 -10.37 5.79 -10.42
CA ARG B 66 -10.59 6.24 -11.80
C ARG B 66 -9.38 6.13 -12.74
N ALA B 67 -8.20 5.88 -12.17
CA ALA B 67 -6.94 5.77 -12.93
C ALA B 67 -6.89 4.68 -14.02
N ARG B 68 -6.08 3.64 -13.79
CA ARG B 68 -5.93 2.52 -14.72
C ARG B 68 -7.22 2.32 -15.51
N ALA B 69 -7.14 2.19 -16.83
CA ALA B 69 -8.36 2.00 -17.62
C ALA B 69 -8.17 1.56 -19.07
N LEU B 70 -7.79 0.30 -19.27
CA LEU B 70 -7.59 -0.24 -20.62
C LEU B 70 -8.71 0.13 -21.59
N PRO B 71 -8.39 0.95 -22.59
CA PRO B 71 -9.29 1.43 -23.65
C PRO B 71 -9.69 0.43 -24.72
N ASP B 72 -8.83 0.25 -25.73
CA ASP B 72 -9.11 -0.68 -26.84
C ASP B 72 -10.12 -1.76 -26.48
N ARG B 73 -9.88 -2.47 -25.38
CA ARG B 73 -10.77 -3.52 -24.92
C ARG B 73 -11.26 -3.24 -23.51
N ALA B 74 -12.22 -4.02 -23.06
CA ALA B 74 -12.76 -3.86 -21.73
C ALA B 74 -11.66 -4.10 -20.72
N LEU B 75 -12.06 -4.50 -19.53
CA LEU B 75 -11.13 -4.79 -18.45
C LEU B 75 -11.78 -5.95 -17.71
N VAL B 76 -11.03 -6.63 -16.85
CA VAL B 76 -11.61 -7.75 -16.11
C VAL B 76 -11.09 -7.87 -14.70
N ASN B 77 -11.97 -8.28 -13.79
CA ASN B 77 -11.58 -8.46 -12.41
C ASN B 77 -12.32 -9.61 -11.82
N CYS B 78 -11.66 -10.38 -10.94
CA CYS B 78 -12.29 -11.53 -10.32
C CYS B 78 -11.76 -11.89 -8.95
N GLN B 79 -12.65 -12.00 -7.97
CA GLN B 79 -12.25 -12.29 -6.60
C GLN B 79 -12.63 -13.67 -6.13
N TYR B 80 -11.69 -14.31 -5.49
CA TYR B 80 -11.91 -15.64 -5.00
C TYR B 80 -11.63 -15.73 -3.52
N SER B 81 -12.55 -16.39 -2.82
CA SER B 81 -12.49 -16.57 -1.39
C SER B 81 -13.26 -17.85 -1.07
N SER B 82 -12.94 -18.51 0.04
CA SER B 82 -13.64 -19.74 0.42
C SER B 82 -14.17 -19.71 1.86
N ALA B 83 -15.30 -20.38 2.09
CA ALA B 83 -15.89 -20.44 3.42
C ALA B 83 -14.91 -21.15 4.36
N THR B 84 -14.57 -20.50 5.47
CA THR B 84 -13.61 -21.07 6.44
C THR B 84 -13.88 -22.49 6.93
N PHE B 85 -15.14 -22.91 6.79
CA PHE B 85 -15.56 -24.24 7.18
C PHE B 85 -15.84 -25.06 5.93
N SER B 86 -16.00 -24.38 4.79
CA SER B 86 -16.26 -25.07 3.53
C SER B 86 -15.27 -26.22 3.33
N THR B 87 -14.10 -26.06 3.95
CA THR B 87 -13.04 -27.05 3.88
C THR B 87 -13.33 -28.13 4.91
N GLY B 88 -12.30 -28.83 5.36
CA GLY B 88 -12.50 -29.88 6.35
C GLY B 88 -12.63 -29.29 7.73
N GLU B 89 -11.62 -28.50 8.11
CA GLU B 89 -11.57 -27.85 9.41
C GLU B 89 -11.96 -26.39 9.37
N ARG B 90 -10.95 -25.51 9.34
CA ARG B 90 -11.21 -24.09 9.32
C ARG B 90 -9.90 -23.30 9.45
N LYS B 91 -9.71 -22.31 8.59
CA LYS B 91 -8.51 -21.47 8.59
C LYS B 91 -8.75 -20.00 8.20
N ARG B 92 -7.68 -19.19 8.28
CA ARG B 92 -7.74 -17.77 7.96
C ARG B 92 -7.72 -17.47 6.47
N ARG B 93 -8.82 -16.88 6.00
CA ARG B 93 -9.00 -16.52 4.59
C ARG B 93 -8.26 -15.24 4.13
N PRO B 94 -8.24 -14.18 4.96
CA PRO B 94 -7.52 -12.96 4.52
C PRO B 94 -6.03 -12.98 4.80
N HIS B 95 -5.56 -14.04 5.47
CA HIS B 95 -4.14 -14.19 5.81
C HIS B 95 -3.44 -15.20 4.89
N GLY B 96 -4.11 -16.34 4.63
CA GLY B 96 -3.54 -17.35 3.75
C GLY B 96 -3.89 -17.08 2.29
N ASP B 97 -4.06 -15.79 1.99
CA ASP B 97 -4.42 -15.30 0.68
C ASP B 97 -3.66 -15.95 -0.47
N ARG B 98 -2.37 -16.15 -0.26
CA ARG B 98 -1.50 -16.70 -1.31
C ARG B 98 -2.22 -17.60 -2.30
N LYS B 99 -2.95 -18.57 -1.79
CA LYS B 99 -3.62 -19.47 -2.69
C LYS B 99 -4.68 -18.73 -3.48
N SER B 100 -5.71 -18.30 -2.75
CA SER B 100 -6.88 -17.66 -3.34
C SER B 100 -6.52 -16.70 -4.44
N CYS B 101 -5.75 -15.70 -4.10
CA CYS B 101 -5.33 -14.69 -5.05
C CYS B 101 -4.78 -15.43 -6.27
N GLU B 102 -3.78 -16.25 -6.02
CA GLU B 102 -3.14 -17.00 -7.08
C GLU B 102 -4.32 -17.57 -7.86
N MET B 103 -5.20 -18.23 -7.12
CA MET B 103 -6.35 -18.82 -7.74
C MET B 103 -7.06 -17.77 -8.58
N GLY B 104 -7.45 -16.69 -7.92
CA GLY B 104 -8.18 -15.63 -8.60
C GLY B 104 -7.60 -15.31 -9.95
N LEU B 105 -6.30 -15.04 -10.00
CA LEU B 105 -5.70 -14.70 -11.27
C LEU B 105 -6.11 -15.72 -12.31
N GLN B 106 -5.90 -16.98 -11.96
CA GLN B 106 -6.22 -18.08 -12.86
C GLN B 106 -7.58 -17.79 -13.45
N LEU B 107 -8.51 -17.42 -12.57
CA LEU B 107 -9.86 -17.11 -13.01
C LEU B 107 -9.73 -16.02 -14.03
N ARG B 108 -9.11 -14.96 -13.59
CA ARG B 108 -9.00 -13.81 -14.44
C ARG B 108 -8.62 -14.21 -15.85
N GLN B 109 -7.40 -14.71 -15.97
CA GLN B 109 -6.87 -15.08 -17.25
C GLN B 109 -7.91 -15.72 -18.13
N THR B 110 -8.41 -16.86 -17.66
CA THR B 110 -9.37 -17.68 -18.37
C THR B 110 -10.45 -16.94 -19.17
N PHE B 111 -11.22 -16.09 -18.52
CA PHE B 111 -12.24 -15.39 -19.28
C PHE B 111 -11.54 -14.25 -19.95
N GLU B 112 -10.55 -13.71 -19.26
CA GLU B 112 -9.80 -12.58 -19.80
C GLU B 112 -9.48 -12.93 -21.24
N ALA B 113 -9.34 -14.23 -21.50
CA ALA B 113 -9.05 -14.68 -22.84
C ALA B 113 -10.37 -14.64 -23.59
N ALA B 114 -11.29 -15.51 -23.19
CA ALA B 114 -12.61 -15.57 -23.82
C ALA B 114 -13.56 -14.81 -22.93
N ILE B 115 -14.15 -13.78 -23.51
CA ILE B 115 -15.08 -12.93 -22.80
C ILE B 115 -15.51 -11.79 -23.74
N LEU B 116 -14.59 -11.40 -24.63
CA LEU B 116 -14.83 -10.36 -25.65
C LEU B 116 -14.73 -8.90 -25.18
N THR B 117 -13.74 -8.64 -24.34
CA THR B 117 -13.51 -7.30 -23.83
C THR B 117 -13.28 -6.37 -25.02
N GLN B 118 -13.36 -6.95 -26.21
CA GLN B 118 -13.14 -6.21 -27.44
C GLN B 118 -14.33 -5.31 -27.85
N LEU B 119 -15.37 -5.31 -27.04
CA LEU B 119 -16.54 -4.51 -27.34
C LEU B 119 -16.96 -3.81 -26.09
N HIS B 120 -16.00 -3.52 -25.23
CA HIS B 120 -16.30 -2.88 -23.97
C HIS B 120 -15.12 -2.03 -23.55
N PRO B 121 -14.59 -1.25 -24.49
CA PRO B 121 -13.45 -0.41 -24.16
C PRO B 121 -13.67 0.28 -22.82
N ARG B 122 -12.62 0.26 -22.00
CA ARG B 122 -12.67 0.89 -20.68
C ARG B 122 -13.69 0.25 -19.75
N SER B 123 -14.66 -0.46 -20.31
CA SER B 123 -15.66 -1.12 -19.49
C SER B 123 -14.89 -1.94 -18.46
N GLN B 124 -15.43 -2.08 -17.26
CA GLN B 124 -14.76 -2.85 -16.23
C GLN B 124 -15.72 -3.93 -15.70
N ILE B 125 -15.45 -5.19 -16.02
CA ILE B 125 -16.30 -6.31 -15.60
C ILE B 125 -15.56 -7.09 -14.53
N ASP B 126 -16.21 -7.13 -13.39
CA ASP B 126 -15.70 -7.75 -12.21
C ASP B 126 -16.60 -8.92 -11.89
N ILE B 127 -15.98 -10.08 -11.66
CA ILE B 127 -16.65 -11.33 -11.33
C ILE B 127 -16.03 -11.87 -10.07
N TYR B 128 -16.83 -12.08 -9.05
CA TYR B 128 -16.24 -12.56 -7.83
C TYR B 128 -16.83 -13.90 -7.45
N VAL B 129 -15.97 -14.78 -6.98
CA VAL B 129 -16.44 -16.09 -6.62
C VAL B 129 -16.07 -16.53 -5.22
N GLN B 130 -17.00 -17.26 -4.64
CA GLN B 130 -16.87 -17.78 -3.30
C GLN B 130 -17.17 -19.27 -3.23
N VAL B 131 -16.34 -19.96 -2.46
CA VAL B 131 -16.46 -21.39 -2.22
C VAL B 131 -17.30 -21.55 -0.98
N LEU B 132 -18.44 -22.20 -1.14
CA LEU B 132 -19.32 -22.42 -0.02
C LEU B 132 -18.97 -23.74 0.68
N GLN B 133 -18.88 -24.83 -0.09
CA GLN B 133 -18.54 -26.16 0.42
C GLN B 133 -17.48 -26.72 -0.50
N ALA B 134 -16.28 -26.92 0.01
CA ALA B 134 -15.17 -27.42 -0.79
C ALA B 134 -15.02 -28.95 -0.86
N ASP B 135 -14.96 -29.50 -2.08
CA ASP B 135 -14.81 -30.96 -2.24
C ASP B 135 -14.16 -31.42 -3.54
N GLY B 136 -12.96 -30.94 -3.84
CA GLY B 136 -12.28 -31.36 -5.07
C GLY B 136 -12.73 -30.70 -6.36
N GLY B 137 -11.77 -30.45 -7.25
CA GLY B 137 -12.06 -29.80 -8.53
C GLY B 137 -12.51 -28.36 -8.28
N THR B 138 -12.14 -27.87 -7.10
CA THR B 138 -12.50 -26.53 -6.63
C THR B 138 -12.51 -25.55 -7.77
N TYR B 139 -11.38 -25.46 -8.44
CA TYR B 139 -11.18 -24.55 -9.54
C TYR B 139 -12.26 -24.68 -10.60
N ALA B 140 -12.20 -25.83 -11.23
CA ALA B 140 -13.07 -26.20 -12.34
C ALA B 140 -14.48 -25.82 -11.97
N ALA B 141 -14.74 -25.81 -10.68
CA ALA B 141 -16.07 -25.48 -10.22
C ALA B 141 -16.43 -24.03 -10.56
N CYS B 142 -15.68 -23.14 -9.92
CA CYS B 142 -15.88 -21.72 -10.03
C CYS B 142 -15.77 -21.32 -11.45
N VAL B 143 -15.00 -22.12 -12.16
CA VAL B 143 -14.78 -21.86 -13.56
C VAL B 143 -16.09 -21.65 -14.27
N ASN B 144 -16.87 -22.71 -14.19
CA ASN B 144 -18.18 -22.74 -14.79
C ASN B 144 -18.98 -21.88 -13.88
N ALA B 145 -18.92 -22.21 -12.60
CA ALA B 145 -19.69 -21.46 -11.60
C ALA B 145 -19.66 -19.98 -12.02
N ALA B 146 -18.48 -19.53 -12.41
CA ALA B 146 -18.31 -18.18 -12.87
C ALA B 146 -18.93 -18.10 -14.28
N THR B 147 -18.52 -19.02 -15.14
CA THR B 147 -19.00 -19.08 -16.51
C THR B 147 -20.49 -18.79 -16.56
N LEU B 148 -21.23 -19.60 -15.83
CA LEU B 148 -22.66 -19.46 -15.76
C LEU B 148 -22.99 -18.07 -15.29
N ALA B 149 -22.30 -17.65 -14.24
CA ALA B 149 -22.53 -16.34 -13.68
C ALA B 149 -22.62 -15.33 -14.82
N VAL B 150 -21.68 -15.40 -15.74
CA VAL B 150 -21.70 -14.47 -16.86
C VAL B 150 -22.79 -14.82 -17.83
N LEU B 151 -22.87 -16.08 -18.23
CA LEU B 151 -23.90 -16.48 -19.17
C LEU B 151 -25.18 -15.76 -18.79
N ASP B 152 -25.38 -15.61 -17.48
CA ASP B 152 -26.55 -14.93 -16.88
C ASP B 152 -26.55 -13.44 -17.21
N ALA B 153 -25.42 -12.81 -16.90
CA ALA B 153 -25.17 -11.41 -17.17
C ALA B 153 -25.01 -11.32 -18.69
N GLY B 154 -25.52 -12.37 -19.35
CA GLY B 154 -25.41 -12.58 -20.79
C GLY B 154 -24.30 -11.97 -21.63
N ILE B 155 -23.34 -11.26 -21.03
CA ILE B 155 -22.21 -10.66 -21.74
C ILE B 155 -21.76 -11.57 -22.86
N PRO B 156 -21.55 -11.03 -24.07
CA PRO B 156 -21.11 -11.86 -25.18
C PRO B 156 -19.79 -12.53 -24.86
N MET B 157 -19.53 -13.70 -25.44
CA MET B 157 -18.27 -14.42 -25.24
C MET B 157 -18.00 -15.32 -26.42
N ARG B 158 -16.74 -15.54 -26.73
CA ARG B 158 -16.35 -16.37 -27.88
C ARG B 158 -17.06 -17.70 -27.86
N ASP B 159 -16.90 -18.42 -26.76
CA ASP B 159 -17.47 -19.74 -26.53
C ASP B 159 -17.93 -19.91 -25.09
N PHE B 160 -18.60 -21.04 -24.84
CA PHE B 160 -19.11 -21.36 -23.52
C PHE B 160 -18.07 -22.30 -22.93
N VAL B 161 -17.53 -21.97 -21.78
CA VAL B 161 -16.48 -22.83 -21.25
C VAL B 161 -16.58 -23.42 -19.86
N CYS B 162 -16.05 -24.62 -19.71
CA CYS B 162 -16.10 -25.36 -18.45
C CYS B 162 -14.80 -26.08 -18.17
N ALA B 163 -14.47 -26.22 -16.89
CA ALA B 163 -13.22 -26.87 -16.55
C ALA B 163 -13.46 -28.17 -15.81
N CYS B 164 -12.64 -29.16 -16.12
CA CYS B 164 -12.70 -30.49 -15.52
C CYS B 164 -11.36 -30.86 -14.90
N SER B 165 -11.35 -31.93 -14.13
CA SER B 165 -10.14 -32.39 -13.50
C SER B 165 -9.91 -33.75 -14.12
N ALA B 166 -8.70 -34.27 -14.03
CA ALA B 166 -8.41 -35.59 -14.58
C ALA B 166 -7.26 -36.16 -13.76
N GLY B 167 -7.55 -37.24 -13.02
CA GLY B 167 -6.53 -37.87 -12.17
C GLY B 167 -6.14 -39.26 -12.65
N PHE B 168 -4.86 -39.56 -12.58
CA PHE B 168 -4.36 -40.83 -13.05
C PHE B 168 -3.93 -41.67 -11.88
N VAL B 169 -4.70 -42.72 -11.61
CA VAL B 169 -4.40 -43.58 -10.50
C VAL B 169 -4.61 -45.01 -10.94
N ASP B 170 -3.97 -45.93 -10.24
CA ASP B 170 -4.07 -47.36 -10.56
C ASP B 170 -3.88 -47.48 -12.05
N GLY B 171 -2.78 -46.92 -12.54
CA GLY B 171 -2.49 -46.97 -13.95
C GLY B 171 -3.70 -46.62 -14.80
N THR B 172 -4.61 -45.83 -14.25
CA THR B 172 -5.81 -45.47 -14.99
C THR B 172 -6.24 -44.01 -14.83
N ALA B 173 -7.05 -43.60 -15.81
CA ALA B 173 -7.54 -42.23 -15.89
C ALA B 173 -8.95 -42.09 -15.34
N LEU B 174 -9.05 -41.19 -14.37
CA LEU B 174 -10.29 -40.88 -13.68
C LEU B 174 -10.56 -39.42 -14.00
N ALA B 175 -11.83 -39.05 -14.07
CA ALA B 175 -12.17 -37.65 -14.38
C ALA B 175 -12.92 -37.05 -13.18
N ASP B 176 -12.59 -35.80 -12.87
CA ASP B 176 -13.17 -35.06 -11.75
C ASP B 176 -12.77 -35.67 -10.40
N LEU B 177 -11.47 -35.67 -10.13
CA LEU B 177 -10.99 -36.20 -8.87
C LEU B 177 -11.70 -35.35 -7.84
N SER B 178 -12.70 -35.91 -7.17
CA SER B 178 -13.40 -35.16 -6.15
C SER B 178 -12.32 -34.86 -5.14
N HIS B 179 -12.68 -34.82 -3.87
CA HIS B 179 -11.70 -34.52 -2.87
C HIS B 179 -10.85 -35.67 -2.36
N VAL B 180 -11.50 -36.74 -1.95
CA VAL B 180 -10.79 -37.90 -1.40
C VAL B 180 -9.58 -38.34 -2.21
N GLU B 181 -9.78 -38.45 -3.52
CA GLU B 181 -8.73 -38.83 -4.43
C GLU B 181 -7.76 -37.67 -4.56
N GLU B 182 -8.25 -36.43 -4.48
CA GLU B 182 -7.34 -35.29 -4.55
C GLU B 182 -6.27 -35.57 -3.50
N ALA B 183 -6.67 -36.32 -2.48
CA ALA B 183 -5.79 -36.69 -1.39
C ALA B 183 -4.77 -37.75 -1.79
N ALA B 184 -4.83 -38.21 -3.03
CA ALA B 184 -3.95 -39.30 -3.44
C ALA B 184 -2.44 -39.12 -3.40
N GLY B 185 -1.84 -39.24 -4.58
CA GLY B 185 -0.41 -39.10 -4.74
C GLY B 185 -0.31 -37.68 -5.19
N GLY B 186 -1.49 -37.12 -5.39
CA GLY B 186 -1.63 -35.77 -5.85
C GLY B 186 -1.67 -35.79 -7.36
N PRO B 187 -1.89 -36.97 -8.00
CA PRO B 187 -1.92 -36.92 -9.48
C PRO B 187 -3.18 -36.24 -10.00
N GLN B 188 -3.11 -34.92 -10.23
CA GLN B 188 -4.26 -34.15 -10.72
C GLN B 188 -3.89 -33.01 -11.65
N LEU B 189 -4.67 -32.92 -12.72
CA LEU B 189 -4.50 -31.93 -13.78
C LEU B 189 -5.87 -31.36 -14.09
N ALA B 190 -5.92 -30.11 -14.55
CA ALA B 190 -7.18 -29.49 -14.90
C ALA B 190 -6.98 -28.59 -16.09
N LEU B 191 -8.06 -28.22 -16.73
CA LEU B 191 -7.95 -27.31 -17.85
C LEU B 191 -9.28 -26.66 -17.96
N ALA B 192 -9.30 -25.54 -18.68
CA ALA B 192 -10.55 -24.83 -18.91
C ALA B 192 -10.60 -25.09 -20.40
N LEU B 193 -11.80 -25.24 -20.95
CA LEU B 193 -11.88 -25.54 -22.37
C LEU B 193 -13.07 -25.01 -23.13
N LEU B 194 -12.81 -24.63 -24.38
CA LEU B 194 -13.83 -24.08 -25.25
C LEU B 194 -14.11 -25.01 -26.41
N PRO B 195 -14.97 -26.00 -26.21
CA PRO B 195 -15.31 -26.96 -27.28
C PRO B 195 -15.42 -26.27 -28.63
N ALA B 196 -15.81 -24.99 -28.60
CA ALA B 196 -15.95 -24.18 -29.81
C ALA B 196 -15.09 -24.77 -30.92
N SER B 197 -13.81 -24.97 -30.60
CA SER B 197 -12.86 -25.54 -31.54
C SER B 197 -12.08 -26.52 -30.69
N GLY B 198 -12.25 -26.37 -29.37
CA GLY B 198 -11.59 -27.23 -28.42
C GLY B 198 -10.24 -26.67 -27.99
N GLN B 199 -10.08 -25.35 -28.07
CA GLN B 199 -8.82 -24.76 -27.66
C GLN B 199 -8.71 -24.91 -26.16
N ILE B 200 -7.49 -25.01 -25.68
CA ILE B 200 -7.34 -25.20 -24.26
C ILE B 200 -6.98 -23.88 -23.64
N ALA B 201 -8.01 -23.19 -23.19
CA ALA B 201 -7.89 -21.87 -22.58
C ALA B 201 -6.87 -21.82 -21.46
N LEU B 202 -7.20 -22.45 -20.35
CA LEU B 202 -6.33 -22.48 -19.23
C LEU B 202 -5.93 -23.92 -19.11
N LEU B 203 -4.85 -24.16 -18.37
CA LEU B 203 -4.36 -25.51 -18.14
C LEU B 203 -3.38 -25.61 -16.99
N GLU B 204 -3.77 -26.29 -15.93
CA GLU B 204 -2.89 -26.45 -14.79
C GLU B 204 -2.88 -27.84 -14.18
N MET B 205 -1.77 -28.53 -14.36
CA MET B 205 -1.62 -29.87 -13.80
C MET B 205 -0.52 -29.74 -12.79
N ASP B 206 -0.70 -30.41 -11.66
CA ASP B 206 0.29 -30.37 -10.59
C ASP B 206 0.35 -31.75 -9.95
N ALA B 207 1.13 -32.63 -10.58
CA ALA B 207 1.29 -34.01 -10.12
C ALA B 207 2.58 -34.52 -10.73
N ARG B 208 3.19 -35.52 -10.10
CA ARG B 208 4.46 -36.08 -10.57
C ARG B 208 4.43 -37.17 -11.68
N LEU B 209 3.38 -37.14 -12.50
CA LEU B 209 3.18 -38.08 -13.61
C LEU B 209 4.30 -38.17 -14.67
N HIS B 210 4.54 -39.39 -15.17
CA HIS B 210 5.55 -39.60 -16.21
C HIS B 210 5.09 -39.07 -17.55
N GLU B 211 6.07 -38.59 -18.31
CA GLU B 211 5.77 -37.96 -19.56
C GLU B 211 4.85 -38.68 -20.52
N ASP B 212 4.00 -39.59 -20.09
CA ASP B 212 3.13 -40.11 -21.13
C ASP B 212 1.78 -40.55 -20.67
N HIS B 213 1.37 -40.15 -19.49
CA HIS B 213 0.04 -40.51 -19.12
C HIS B 213 -0.73 -39.29 -19.54
N LEU B 214 -0.03 -38.44 -20.28
CA LEU B 214 -0.62 -37.20 -20.64
C LEU B 214 -1.68 -37.42 -21.63
N GLU B 215 -1.26 -37.92 -22.77
CA GLU B 215 -2.22 -38.15 -23.80
C GLU B 215 -3.46 -38.65 -23.04
N ARG B 216 -3.24 -39.58 -22.14
CA ARG B 216 -4.34 -40.16 -21.39
C ARG B 216 -5.05 -39.19 -20.44
N VAL B 217 -4.29 -38.67 -19.48
CA VAL B 217 -4.87 -37.79 -18.51
C VAL B 217 -5.27 -36.55 -19.20
N LEU B 218 -4.42 -36.07 -20.08
CA LEU B 218 -4.77 -34.87 -20.81
C LEU B 218 -6.13 -35.13 -21.39
N GLU B 219 -6.20 -36.23 -22.12
CA GLU B 219 -7.43 -36.56 -22.77
C GLU B 219 -8.56 -36.65 -21.82
N ALA B 220 -8.29 -37.25 -20.68
CA ALA B 220 -9.31 -37.40 -19.68
C ALA B 220 -10.06 -36.07 -19.47
N ALA B 221 -9.44 -35.11 -18.77
CA ALA B 221 -10.11 -33.84 -18.50
C ALA B 221 -10.69 -33.24 -19.78
N ALA B 222 -9.89 -33.30 -20.84
CA ALA B 222 -10.26 -32.74 -22.14
C ALA B 222 -11.68 -33.15 -22.49
N GLN B 223 -11.88 -34.45 -22.61
CA GLN B 223 -13.20 -34.93 -22.94
C GLN B 223 -14.14 -34.52 -21.83
N ALA B 224 -13.72 -34.78 -20.59
CA ALA B 224 -14.56 -34.48 -19.43
C ALA B 224 -15.23 -33.11 -19.55
N ALA B 225 -14.46 -32.10 -19.92
CA ALA B 225 -15.06 -30.80 -20.05
C ALA B 225 -16.24 -30.90 -21.05
N ARG B 226 -15.92 -31.43 -22.22
CA ARG B 226 -16.87 -31.57 -23.32
C ARG B 226 -18.22 -32.07 -22.83
N ASP B 227 -18.17 -32.86 -21.77
CA ASP B 227 -19.39 -33.39 -21.19
C ASP B 227 -19.98 -32.32 -20.34
N VAL B 228 -19.22 -31.93 -19.32
CA VAL B 228 -19.68 -30.91 -18.42
C VAL B 228 -20.34 -29.86 -19.30
N HIS B 229 -19.76 -29.65 -20.46
CA HIS B 229 -20.32 -28.66 -21.34
C HIS B 229 -21.74 -28.99 -21.76
N THR B 230 -21.92 -30.13 -22.41
CA THR B 230 -23.26 -30.51 -22.86
C THR B 230 -24.23 -30.50 -21.68
N LEU B 231 -23.74 -30.91 -20.50
CA LEU B 231 -24.56 -30.95 -19.31
C LEU B 231 -25.12 -29.57 -19.06
N LEU B 232 -24.23 -28.60 -18.82
CA LEU B 232 -24.70 -27.24 -18.55
C LEU B 232 -25.34 -26.69 -19.81
N ASP B 233 -24.91 -27.18 -20.97
CA ASP B 233 -25.50 -26.71 -22.23
C ASP B 233 -27.01 -26.81 -22.08
N ARG B 234 -27.46 -27.83 -21.36
CA ARG B 234 -28.87 -27.99 -21.15
C ARG B 234 -29.33 -27.15 -19.97
N VAL B 235 -28.66 -27.31 -18.84
CA VAL B 235 -29.02 -26.55 -17.65
C VAL B 235 -29.24 -25.13 -18.12
N VAL B 236 -28.53 -24.77 -19.18
CA VAL B 236 -28.64 -23.45 -19.76
C VAL B 236 -29.76 -23.33 -20.80
N ARG B 237 -29.80 -24.24 -21.77
CA ARG B 237 -30.83 -24.17 -22.81
C ARG B 237 -32.21 -24.11 -22.20
N GLN B 238 -32.30 -24.62 -20.98
CA GLN B 238 -33.57 -24.62 -20.26
C GLN B 238 -33.87 -23.24 -19.67
N HIS B 239 -32.89 -22.66 -18.98
CA HIS B 239 -33.11 -21.36 -18.37
C HIS B 239 -33.45 -20.26 -19.37
N VAL B 240 -33.19 -20.48 -20.65
CA VAL B 240 -33.51 -19.47 -21.65
C VAL B 240 -34.97 -19.48 -22.04
N ARG B 241 -35.50 -20.67 -22.27
CA ARG B 241 -36.88 -20.85 -22.68
C ARG B 241 -37.88 -20.44 -21.60
N GLU B 242 -37.59 -20.81 -20.35
CA GLU B 242 -38.50 -20.49 -19.26
C GLU B 242 -38.46 -19.01 -18.90
N ALA B 243 -37.27 -18.43 -18.91
CA ALA B 243 -37.14 -17.01 -18.61
C ALA B 243 -37.80 -16.26 -19.76
N SER B 244 -37.98 -16.95 -20.88
CA SER B 244 -38.60 -16.37 -22.06
C SER B 244 -40.07 -16.01 -21.84
N ILE B 245 -40.72 -16.65 -20.87
CA ILE B 245 -42.13 -16.39 -20.57
C ILE B 245 -42.38 -14.90 -20.32
N THR C 9 11.23 29.41 6.93
CA THR C 9 10.87 29.47 5.48
C THR C 9 11.93 28.72 4.66
N VAL C 10 11.62 28.41 3.41
CA VAL C 10 12.56 27.72 2.52
C VAL C 10 13.76 28.65 2.30
N GLU C 11 13.60 29.92 2.70
CA GLU C 11 14.60 30.97 2.56
C GLU C 11 15.64 31.29 3.69
N PRO C 12 15.19 31.45 4.95
CA PRO C 12 15.97 31.75 6.17
C PRO C 12 17.21 30.92 6.48
N LEU C 13 17.60 30.05 5.55
CA LEU C 13 18.75 29.17 5.75
C LEU C 13 19.86 29.85 6.56
N GLU C 14 20.38 30.95 6.06
CA GLU C 14 21.45 31.68 6.73
C GLU C 14 20.94 32.41 7.94
N TYR C 15 19.72 32.91 7.85
CA TYR C 15 19.13 33.65 8.95
C TYR C 15 19.44 32.92 10.23
N TYR C 16 19.02 31.65 10.27
CA TYR C 16 19.26 30.86 11.44
C TYR C 16 20.73 30.95 11.81
N ARG C 17 21.58 30.83 10.80
CA ARG C 17 23.00 30.88 11.03
C ARG C 17 23.49 32.28 11.34
N ARG C 18 22.71 33.30 11.00
CA ARG C 18 23.17 34.64 11.29
C ARG C 18 23.52 34.67 12.76
N PHE C 19 22.68 34.02 13.55
CA PHE C 19 22.90 33.95 14.98
C PHE C 19 24.19 33.20 15.19
N LEU C 20 24.35 32.12 14.43
CA LEU C 20 25.52 31.24 14.49
C LEU C 20 26.86 31.90 14.15
N LYS C 21 26.92 32.63 13.02
CA LYS C 21 28.17 33.29 12.65
C LYS C 21 28.63 34.11 13.84
N GLU C 22 27.67 34.80 14.46
CA GLU C 22 27.93 35.58 15.64
C GLU C 22 27.43 34.66 16.75
N ASN C 23 27.91 33.43 16.70
CA ASN C 23 27.55 32.39 17.66
C ASN C 23 26.46 32.78 18.64
N CYS C 24 25.29 32.20 18.45
CA CYS C 24 24.11 32.43 19.28
C CYS C 24 22.97 31.80 18.50
N ARG C 25 22.00 31.21 19.19
CA ARG C 25 20.90 30.59 18.48
C ARG C 25 19.62 31.37 18.70
N PRO C 26 18.73 31.39 17.70
CA PRO C 26 17.46 32.11 17.84
C PRO C 26 16.65 31.49 18.98
N ASP C 27 17.34 30.64 19.74
CA ASP C 27 16.77 29.96 20.89
C ASP C 27 17.33 30.69 22.10
N GLY C 28 18.49 31.32 21.90
CA GLY C 28 19.15 32.06 22.96
C GLY C 28 20.22 31.20 23.61
N ARG C 29 20.76 30.27 22.83
CA ARG C 29 21.77 29.33 23.30
C ARG C 29 22.99 29.33 22.38
N GLU C 30 24.00 28.53 22.72
CA GLU C 30 25.23 28.46 21.93
C GLU C 30 25.93 27.08 22.04
N LEU C 31 27.25 27.02 21.84
CA LEU C 31 28.03 25.77 21.92
C LEU C 31 27.78 24.92 23.19
N GLY C 32 26.62 24.27 23.23
CA GLY C 32 26.26 23.44 24.36
C GLY C 32 25.15 24.05 25.19
N GLU C 33 23.95 23.49 25.09
CA GLU C 33 22.82 24.02 25.84
C GLU C 33 21.78 22.99 26.32
N PHE C 34 22.08 22.33 27.43
CA PHE C 34 21.16 21.37 28.01
C PHE C 34 19.98 22.19 28.56
N ARG C 35 19.12 22.67 27.66
CA ARG C 35 17.96 23.48 28.04
C ARG C 35 17.09 22.87 29.16
N THR C 36 15.77 22.97 29.00
CA THR C 36 14.85 22.44 30.00
C THR C 36 14.95 20.93 30.12
N THR C 37 15.54 20.45 31.21
CA THR C 37 15.67 19.02 31.43
C THR C 37 14.81 18.66 32.64
N THR C 38 13.78 17.84 32.43
CA THR C 38 12.89 17.46 33.50
C THR C 38 12.45 16.00 33.44
N VAL C 39 12.44 15.33 34.59
CA VAL C 39 12.04 13.94 34.66
C VAL C 39 10.97 13.73 35.72
N ASN C 40 10.05 12.80 35.46
CA ASN C 40 8.97 12.45 36.39
C ASN C 40 9.07 10.92 36.51
N ILE C 41 9.74 10.46 37.56
CA ILE C 41 9.96 9.03 37.75
C ILE C 41 8.75 8.30 38.29
N GLY C 42 8.52 7.09 37.77
CA GLY C 42 7.40 6.30 38.21
C GLY C 42 6.10 7.04 38.09
N SER C 43 6.09 8.10 37.28
CA SER C 43 4.89 8.91 37.08
C SER C 43 3.77 8.01 36.59
N ILE C 44 4.16 6.86 36.02
CA ILE C 44 3.21 5.88 35.52
C ILE C 44 3.11 4.78 36.57
N SER C 45 1.96 4.71 37.21
CA SER C 45 1.72 3.70 38.23
C SER C 45 1.55 2.35 37.52
N THR C 46 0.60 2.32 36.59
CA THR C 46 0.29 1.12 35.81
C THR C 46 1.51 0.65 35.00
N ALA C 47 2.68 0.68 35.64
CA ALA C 47 3.93 0.28 35.03
C ALA C 47 4.98 0.21 36.13
N ASP C 48 5.73 -0.88 36.11
CA ASP C 48 6.75 -1.16 37.10
C ASP C 48 7.96 -0.25 37.11
N GLY C 49 8.26 0.38 35.97
CA GLY C 49 9.40 1.28 35.89
C GLY C 49 9.21 2.30 34.78
N SER C 50 9.09 3.57 35.12
CA SER C 50 8.88 4.59 34.11
C SER C 50 9.64 5.85 34.41
N ALA C 51 9.85 6.65 33.36
CA ALA C 51 10.54 7.94 33.50
C ALA C 51 10.13 8.83 32.34
N LEU C 52 9.63 10.01 32.66
CA LEU C 52 9.23 10.95 31.62
C LEU C 52 10.19 12.11 31.63
N VAL C 53 10.75 12.39 30.46
CA VAL C 53 11.69 13.47 30.34
C VAL C 53 11.24 14.37 29.19
N LYS C 54 11.02 15.64 29.49
CA LYS C 54 10.60 16.59 28.48
C LYS C 54 11.63 17.72 28.43
N LEU C 55 12.26 17.86 27.26
CA LEU C 55 13.28 18.87 27.02
C LEU C 55 12.86 19.74 25.86
N GLY C 56 12.76 21.04 26.09
CA GLY C 56 12.35 21.93 25.02
C GLY C 56 11.12 21.33 24.40
N ASN C 57 10.10 21.15 25.24
CA ASN C 57 8.79 20.62 24.89
C ASN C 57 8.72 19.33 24.06
N THR C 58 9.66 18.41 24.23
CA THR C 58 9.60 17.14 23.49
C THR C 58 9.38 16.13 24.59
N THR C 59 8.43 15.22 24.42
CA THR C 59 8.17 14.24 25.48
C THR C 59 8.35 12.77 25.16
N VAL C 60 9.41 12.20 25.70
CA VAL C 60 9.66 10.80 25.50
C VAL C 60 9.54 10.26 26.91
N ILE C 61 8.53 9.42 27.12
CA ILE C 61 8.27 8.82 28.42
C ILE C 61 8.73 7.42 28.19
N CYS C 62 9.41 6.83 29.15
CA CYS C 62 9.82 5.46 28.95
C CYS C 62 8.85 4.65 29.81
N GLY C 63 7.96 3.91 29.14
CA GLY C 63 7.00 3.12 29.87
C GLY C 63 7.46 1.69 29.77
N VAL C 64 7.82 1.14 30.92
CA VAL C 64 8.37 -0.21 31.03
C VAL C 64 7.42 -1.13 31.80
N LYS C 65 7.07 -2.23 31.15
CA LYS C 65 6.20 -3.25 31.72
C LYS C 65 7.09 -4.49 31.73
N ALA C 66 6.94 -5.36 32.71
CA ALA C 66 7.76 -6.56 32.76
C ALA C 66 6.87 -7.77 32.52
N GLU C 67 7.45 -8.80 31.92
CA GLU C 67 6.71 -10.01 31.62
C GLU C 67 7.63 -11.22 31.77
N PHE C 68 7.03 -12.38 32.06
CA PHE C 68 7.77 -13.62 32.25
C PHE C 68 7.71 -14.47 30.99
N ALA C 69 8.85 -15.01 30.57
CA ALA C 69 8.93 -15.84 29.36
C ALA C 69 9.76 -17.12 29.50
N ALA C 70 10.68 -17.32 28.55
CA ALA C 70 11.53 -18.51 28.56
C ALA C 70 12.83 -18.30 27.76
N PRO C 71 13.96 -18.13 28.47
CA PRO C 71 15.25 -17.92 27.80
C PRO C 71 15.53 -18.92 26.71
N SER C 72 16.01 -18.41 25.58
CA SER C 72 16.32 -19.23 24.42
C SER C 72 16.95 -20.57 24.77
N THR C 73 16.90 -21.49 23.81
CA THR C 73 17.47 -22.83 23.95
C THR C 73 19.01 -22.77 23.93
N ASP C 74 19.55 -22.03 22.96
CA ASP C 74 21.00 -21.86 22.83
C ASP C 74 21.52 -21.07 24.02
N ALA C 75 20.95 -19.88 24.23
CA ALA C 75 21.31 -19.03 25.35
C ALA C 75 20.40 -19.55 26.45
N PRO C 76 20.82 -20.64 27.11
CA PRO C 76 20.02 -21.24 28.18
C PRO C 76 19.38 -20.22 29.12
N ASP C 77 20.02 -20.00 30.26
CA ASP C 77 19.53 -19.07 31.26
C ASP C 77 19.98 -17.62 30.99
N LYS C 78 19.34 -16.96 30.02
CA LYS C 78 19.66 -15.57 29.67
C LYS C 78 18.41 -14.71 29.87
N GLY C 79 18.59 -13.57 30.53
CA GLY C 79 17.47 -12.68 30.80
C GLY C 79 16.74 -12.21 29.54
N TYR C 80 15.96 -11.15 29.69
CA TYR C 80 15.22 -10.61 28.56
C TYR C 80 14.90 -9.13 28.72
N VAL C 81 15.46 -8.30 27.84
CA VAL C 81 15.26 -6.86 27.84
C VAL C 81 14.77 -6.44 26.46
N VAL C 82 13.59 -5.85 26.40
CA VAL C 82 13.01 -5.45 25.12
C VAL C 82 12.50 -4.00 25.06
N PRO C 83 13.05 -3.19 24.12
CA PRO C 83 12.65 -1.80 23.95
C PRO C 83 11.87 -1.56 22.67
N ASN C 84 11.19 -0.43 22.61
CA ASN C 84 10.40 -0.03 21.44
C ASN C 84 10.32 1.48 21.37
N VAL C 85 10.76 2.05 20.26
CA VAL C 85 10.69 3.49 20.15
C VAL C 85 9.62 3.81 19.13
N ASP C 86 8.56 4.47 19.60
CA ASP C 86 7.44 4.81 18.75
C ASP C 86 7.15 6.31 18.73
N LEU C 87 6.52 6.77 17.65
CA LEU C 87 6.18 8.16 17.50
C LEU C 87 4.91 8.14 16.66
N PRO C 88 3.78 8.54 17.25
CA PRO C 88 2.53 8.55 16.48
C PRO C 88 2.39 9.89 15.77
N PRO C 89 1.19 10.22 15.29
CA PRO C 89 1.00 11.50 14.61
C PRO C 89 0.89 12.63 15.65
N LEU C 90 1.35 12.30 16.85
CA LEU C 90 1.34 13.17 18.01
C LEU C 90 2.41 14.23 17.92
N CYS C 91 3.60 13.87 18.40
CA CYS C 91 4.78 14.71 18.44
C CYS C 91 5.00 15.60 17.22
N SER C 92 4.23 15.38 16.16
CA SER C 92 4.36 16.19 14.95
C SER C 92 3.42 15.70 13.84
N SER C 93 2.50 16.58 13.42
CA SER C 93 1.55 16.25 12.36
C SER C 93 2.32 15.71 11.15
N ARG C 94 3.56 16.17 11.04
CA ARG C 94 4.43 15.78 9.95
C ARG C 94 4.82 14.33 10.07
N PHE C 95 3.96 13.55 10.71
CA PHE C 95 4.24 12.15 10.85
C PHE C 95 3.14 11.32 10.21
N ARG C 96 3.53 10.11 9.83
CA ARG C 96 2.65 9.16 9.19
C ARG C 96 1.44 8.84 10.07
N SER C 97 0.53 8.05 9.51
CA SER C 97 -0.70 7.63 10.18
C SER C 97 -0.78 6.09 10.27
N GLY C 98 0.36 5.43 10.51
CA GLY C 98 0.38 3.98 10.59
C GLY C 98 1.64 3.39 11.19
N PRO C 99 2.15 2.26 10.64
CA PRO C 99 3.37 1.57 11.11
C PRO C 99 4.61 2.45 11.22
N PRO C 100 5.57 2.05 12.07
CA PRO C 100 6.84 2.77 12.32
C PRO C 100 7.44 3.61 11.17
N GLY C 101 7.98 4.78 11.54
CA GLY C 101 8.58 5.68 10.59
C GLY C 101 10.06 5.43 10.40
N GLU C 102 10.56 5.81 9.24
CA GLU C 102 11.95 5.59 8.91
C GLU C 102 12.88 5.75 10.10
N GLU C 103 12.89 6.95 10.68
CA GLU C 103 13.76 7.16 11.81
C GLU C 103 13.16 6.50 13.03
N ALA C 104 11.83 6.66 13.15
CA ALA C 104 11.08 6.16 14.28
C ALA C 104 11.77 4.89 14.73
N GLN C 105 12.12 4.06 13.76
CA GLN C 105 12.74 2.81 14.08
C GLN C 105 14.22 2.84 14.43
N VAL C 106 14.99 3.55 13.63
CA VAL C 106 16.42 3.58 13.89
C VAL C 106 16.66 3.72 15.38
N ALA C 107 15.97 4.68 15.98
CA ALA C 107 16.13 4.91 17.41
C ALA C 107 15.77 3.64 18.19
N SER C 108 14.64 3.04 17.83
CA SER C 108 14.16 1.86 18.51
C SER C 108 15.34 0.99 18.86
N GLN C 109 16.11 0.69 17.83
CA GLN C 109 17.29 -0.13 17.98
C GLN C 109 18.36 0.64 18.69
N PHE C 110 18.47 1.93 18.39
CA PHE C 110 19.51 2.70 19.01
C PHE C 110 19.56 2.38 20.48
N ILE C 111 18.44 2.63 21.14
CA ILE C 111 18.34 2.36 22.57
C ILE C 111 18.83 0.94 22.78
N ALA C 112 18.22 0.03 22.02
CA ALA C 112 18.54 -1.36 22.09
C ALA C 112 20.06 -1.53 22.00
N ASP C 113 20.64 -1.15 20.86
CA ASP C 113 22.08 -1.30 20.67
C ASP C 113 22.75 -0.73 21.90
N VAL C 114 22.18 0.36 22.40
CA VAL C 114 22.73 1.00 23.58
C VAL C 114 22.53 0.00 24.69
N ILE C 115 21.28 -0.40 24.88
CA ILE C 115 20.96 -1.35 25.91
C ILE C 115 22.00 -2.46 25.87
N GLU C 116 22.37 -2.89 24.67
CA GLU C 116 23.35 -3.95 24.52
C GLU C 116 24.80 -3.48 24.51
N ASN C 117 25.02 -2.24 24.16
CA ASN C 117 26.38 -1.71 24.18
C ASN C 117 26.71 -1.26 25.60
N SER C 118 25.66 -1.02 26.37
CA SER C 118 25.76 -0.56 27.76
C SER C 118 26.03 -1.59 28.87
N GLN C 119 25.47 -2.78 28.74
CA GLN C 119 25.63 -3.83 29.76
C GLN C 119 24.89 -3.40 31.01
N ILE C 120 24.04 -2.37 30.89
CA ILE C 120 23.27 -1.85 32.02
C ILE C 120 22.89 -2.98 32.95
N ILE C 121 22.13 -3.93 32.44
CA ILE C 121 21.70 -5.07 33.25
C ILE C 121 22.16 -6.39 32.62
N GLN C 122 22.74 -7.26 33.45
CA GLN C 122 23.22 -8.56 33.02
C GLN C 122 22.00 -9.48 32.89
N LYS C 123 21.79 -10.05 31.70
CA LYS C 123 20.65 -10.94 31.50
C LYS C 123 20.53 -11.94 32.66
N GLU C 124 21.67 -12.24 33.30
CA GLU C 124 21.77 -13.19 34.40
C GLU C 124 20.66 -13.02 35.43
N ASP C 125 20.44 -11.77 35.82
CA ASP C 125 19.45 -11.44 36.81
C ASP C 125 18.00 -11.52 36.31
N LEU C 126 17.80 -11.50 35.00
CA LEU C 126 16.45 -11.57 34.49
C LEU C 126 15.83 -12.96 34.55
N CYS C 127 16.66 -14.00 34.42
CA CYS C 127 16.16 -15.38 34.46
C CYS C 127 15.36 -15.69 35.74
N ILE C 128 14.07 -16.03 35.59
CA ILE C 128 13.22 -16.35 36.76
C ILE C 128 13.64 -17.70 37.36
N SER C 129 13.89 -18.68 36.48
CA SER C 129 14.34 -20.02 36.86
C SER C 129 15.41 -20.37 35.85
N PRO C 130 16.70 -20.08 36.16
CA PRO C 130 17.80 -20.39 35.23
C PRO C 130 17.59 -21.60 34.32
N GLY C 131 17.17 -21.36 33.08
CA GLY C 131 16.95 -22.44 32.13
C GLY C 131 15.52 -22.83 31.79
N LYS C 132 14.52 -22.18 32.36
CA LYS C 132 13.11 -22.50 32.08
C LYS C 132 12.23 -21.31 32.45
N LEU C 133 12.89 -20.23 32.85
CA LEU C 133 12.21 -18.98 33.22
C LEU C 133 13.09 -17.79 32.93
N VAL C 134 12.46 -16.67 32.57
CA VAL C 134 13.19 -15.47 32.25
C VAL C 134 12.32 -14.25 32.56
N TRP C 135 12.96 -13.09 32.67
CA TRP C 135 12.27 -11.84 32.95
C TRP C 135 12.29 -11.03 31.67
N VAL C 136 11.12 -10.62 31.22
CA VAL C 136 11.00 -9.86 29.98
C VAL C 136 10.78 -8.40 30.32
N LEU C 137 11.39 -7.54 29.52
CA LEU C 137 11.30 -6.11 29.72
C LEU C 137 10.75 -5.50 28.47
N TYR C 138 9.83 -4.55 28.65
CA TYR C 138 9.25 -3.84 27.52
C TYR C 138 9.41 -2.40 27.92
N CYS C 139 10.38 -1.73 27.34
CA CYS C 139 10.62 -0.34 27.68
C CYS C 139 10.20 0.34 26.42
N ASP C 140 9.01 0.90 26.46
CA ASP C 140 8.48 1.53 25.30
C ASP C 140 8.52 2.98 25.68
N LEU C 141 9.10 3.76 24.80
CA LEU C 141 9.21 5.17 25.04
C LEU C 141 8.51 5.81 23.86
N ILE C 142 7.83 6.91 24.13
CA ILE C 142 7.10 7.59 23.07
C ILE C 142 7.24 9.13 23.20
N CYS C 143 7.66 9.77 22.10
CA CYS C 143 7.83 11.23 22.04
C CYS C 143 6.46 11.89 21.79
N LEU C 144 5.94 12.53 22.81
CA LEU C 144 4.65 13.19 22.73
C LEU C 144 4.75 14.44 21.89
N ASP C 145 5.84 15.19 22.05
CA ASP C 145 6.07 16.42 21.28
C ASP C 145 7.45 16.38 20.66
N TYR C 146 7.52 16.23 19.34
CA TYR C 146 8.83 16.16 18.70
C TYR C 146 9.42 17.51 18.32
N ASP C 147 10.69 17.70 18.64
CA ASP C 147 11.38 18.92 18.28
C ASP C 147 12.71 18.97 18.96
N GLY C 148 13.72 18.49 18.25
CA GLY C 148 15.04 18.50 18.82
C GLY C 148 15.44 17.27 19.59
N ASN C 149 16.69 16.87 19.33
CA ASN C 149 17.37 15.73 19.93
C ASN C 149 16.51 14.56 20.39
N ILE C 150 15.60 14.14 19.51
CA ILE C 150 14.72 13.03 19.81
C ILE C 150 15.55 11.85 20.31
N LEU C 151 16.86 11.94 20.08
CA LEU C 151 17.79 10.89 20.48
C LEU C 151 18.10 10.85 21.98
N ASP C 152 18.43 11.99 22.55
CA ASP C 152 18.75 12.03 23.98
C ASP C 152 17.55 11.73 24.85
N ALA C 153 16.40 12.28 24.46
CA ALA C 153 15.16 12.10 25.22
C ALA C 153 14.96 10.66 25.66
N CYS C 154 15.61 9.73 24.96
CA CYS C 154 15.50 8.32 25.30
C CYS C 154 16.54 7.83 26.28
N THR C 155 17.81 8.11 26.00
CA THR C 155 18.86 7.65 26.90
C THR C 155 18.43 7.98 28.31
N PHE C 156 17.73 9.10 28.45
CA PHE C 156 17.26 9.48 29.75
C PHE C 156 15.90 8.89 30.06
N ALA C 157 14.92 9.09 29.17
CA ALA C 157 13.59 8.55 29.41
C ALA C 157 13.77 7.10 29.81
N LEU C 158 14.70 6.43 29.14
CA LEU C 158 14.97 5.03 29.44
C LEU C 158 15.81 4.80 30.71
N LEU C 159 17.01 5.40 30.77
CA LEU C 159 17.87 5.21 31.95
C LEU C 159 17.09 5.37 33.24
N ALA C 160 16.27 6.41 33.32
CA ALA C 160 15.47 6.67 34.51
C ALA C 160 14.29 5.73 34.63
N ALA C 161 13.60 5.48 33.51
CA ALA C 161 12.46 4.60 33.56
C ALA C 161 12.82 3.27 34.20
N LEU C 162 14.06 2.85 33.99
CA LEU C 162 14.54 1.58 34.54
C LEU C 162 14.72 1.60 36.08
N LYS C 163 15.40 2.60 36.60
CA LYS C 163 15.61 2.69 38.04
C LYS C 163 14.24 2.72 38.70
N ASN C 164 13.23 3.08 37.92
CA ASN C 164 11.87 3.09 38.42
C ASN C 164 11.24 1.70 38.48
N VAL C 165 11.88 0.71 37.85
CA VAL C 165 11.31 -0.64 37.87
C VAL C 165 11.65 -1.42 39.14
N GLN C 166 10.65 -2.10 39.67
CA GLN C 166 10.76 -2.92 40.87
C GLN C 166 9.78 -4.08 40.81
N LEU C 167 10.26 -5.30 41.05
CA LEU C 167 9.41 -6.49 41.01
C LEU C 167 9.63 -7.44 42.21
N PRO C 168 8.68 -8.36 42.45
CA PRO C 168 8.80 -9.30 43.56
C PRO C 168 9.97 -10.27 43.41
N GLU C 169 9.76 -11.49 43.88
CA GLU C 169 10.79 -12.53 43.81
C GLU C 169 10.36 -13.75 43.01
N VAL C 170 11.32 -14.57 42.66
CA VAL C 170 11.08 -15.76 41.84
C VAL C 170 11.11 -17.08 42.63
N THR C 171 10.10 -17.93 42.44
CA THR C 171 9.98 -19.21 43.13
C THR C 171 9.20 -20.28 42.33
N ILE C 172 9.65 -21.53 42.40
CA ILE C 172 8.98 -22.65 41.73
C ILE C 172 8.76 -23.76 42.78
N ASN C 173 7.50 -24.08 43.07
CA ASN C 173 7.15 -25.11 44.08
C ASN C 173 6.34 -26.30 43.54
N GLU C 174 6.97 -27.47 43.42
CA GLU C 174 6.30 -28.67 42.93
C GLU C 174 5.69 -28.52 41.54
N GLU C 175 6.47 -27.97 40.60
CA GLU C 175 6.04 -27.75 39.22
C GLU C 175 5.06 -26.58 39.08
N THR C 176 5.33 -25.49 39.80
CA THR C 176 4.51 -24.26 39.79
C THR C 176 5.43 -23.05 39.99
N ALA C 177 4.92 -21.86 39.69
CA ALA C 177 5.71 -20.63 39.86
C ALA C 177 5.09 -19.78 40.95
N LEU C 178 5.87 -19.48 41.97
CA LEU C 178 5.38 -18.69 43.09
C LEU C 178 6.10 -17.38 43.23
N ALA C 179 5.37 -16.32 42.91
CA ALA C 179 5.86 -14.96 42.99
C ALA C 179 4.59 -14.16 43.27
N GLU C 180 4.60 -13.39 44.35
CA GLU C 180 3.43 -12.62 44.71
C GLU C 180 3.81 -11.15 44.65
N VAL C 181 2.83 -10.32 44.34
CA VAL C 181 3.07 -8.89 44.24
C VAL C 181 3.82 -8.41 45.48
N ASN C 182 3.15 -8.45 46.63
CA ASN C 182 3.73 -8.03 47.89
C ASN C 182 4.88 -8.96 48.31
N LEU C 183 5.49 -9.64 47.35
CA LEU C 183 6.60 -10.55 47.67
C LEU C 183 7.78 -9.74 48.20
N LYS C 184 8.98 -10.17 47.83
CA LYS C 184 10.20 -9.52 48.25
C LYS C 184 10.72 -8.81 47.01
N LYS C 185 10.73 -7.49 47.06
CA LYS C 185 11.20 -6.74 45.92
C LYS C 185 12.56 -6.21 46.30
N LYS C 186 13.57 -6.88 45.77
CA LYS C 186 14.96 -6.55 46.01
C LYS C 186 15.60 -6.37 44.66
N SER C 187 16.67 -5.59 44.62
CA SER C 187 17.37 -5.32 43.37
C SER C 187 16.42 -4.86 42.27
N TYR C 188 15.23 -4.41 42.68
CA TYR C 188 14.21 -3.93 41.76
C TYR C 188 14.86 -3.70 40.42
N LEU C 189 15.68 -2.67 40.33
CA LEU C 189 16.39 -2.40 39.11
C LEU C 189 17.64 -1.59 39.40
N ASN C 190 18.80 -2.17 39.07
CA ASN C 190 20.07 -1.52 39.31
C ASN C 190 21.07 -1.98 38.27
N ILE C 191 21.74 -1.01 37.64
CA ILE C 191 22.71 -1.31 36.61
C ILE C 191 24.04 -0.75 37.05
N ARG C 192 25.08 -1.57 36.99
CA ARG C 192 26.41 -1.14 37.39
C ARG C 192 26.90 0.01 36.51
N THR C 193 26.26 0.21 35.36
CA THR C 193 26.65 1.28 34.45
C THR C 193 25.42 2.08 34.01
N HIS C 194 25.53 3.41 34.13
CA HIS C 194 24.44 4.31 33.79
C HIS C 194 24.79 5.28 32.64
N PRO C 195 25.52 4.82 31.61
CA PRO C 195 25.87 5.74 30.52
C PRO C 195 24.63 6.43 29.98
N VAL C 196 24.84 7.59 29.37
CA VAL C 196 23.73 8.37 28.80
C VAL C 196 24.14 8.79 27.39
N ALA C 197 23.21 9.35 26.64
CA ALA C 197 23.49 9.79 25.28
C ALA C 197 23.26 11.30 25.12
N THR C 198 24.03 11.90 24.23
CA THR C 198 23.92 13.33 23.94
C THR C 198 23.93 13.54 22.42
N SER C 199 23.25 14.59 21.96
CA SER C 199 23.20 14.86 20.52
C SER C 199 23.68 16.27 20.18
N PHE C 200 24.60 16.34 19.23
CA PHE C 200 25.15 17.61 18.77
C PHE C 200 24.53 17.79 17.41
N ALA C 201 24.41 19.04 16.97
CA ALA C 201 23.86 19.35 15.65
C ALA C 201 25.04 20.08 15.02
N VAL C 202 25.41 19.71 13.79
CA VAL C 202 26.56 20.32 13.15
C VAL C 202 26.27 21.03 11.85
N PHE C 203 27.20 21.87 11.44
CA PHE C 203 27.01 22.60 10.20
C PHE C 203 28.22 22.62 9.32
N ASP C 204 28.13 21.84 8.24
CA ASP C 204 29.16 21.73 7.21
C ASP C 204 30.57 22.00 7.72
N ASP C 205 30.89 23.28 7.83
CA ASP C 205 32.19 23.72 8.31
C ASP C 205 32.40 23.40 9.79
N THR C 206 31.73 22.35 10.26
CA THR C 206 31.82 21.87 11.64
C THR C 206 31.35 22.82 12.79
N LEU C 207 30.85 24.00 12.45
CA LEU C 207 30.35 24.89 13.47
C LEU C 207 29.09 24.18 13.95
N LEU C 208 29.21 23.46 15.06
CA LEU C 208 28.08 22.69 15.55
C LEU C 208 27.47 23.16 16.87
N ILE C 209 26.17 22.94 16.99
CA ILE C 209 25.40 23.31 18.16
C ILE C 209 25.02 22.03 18.86
N VAL C 210 24.55 22.13 20.10
CA VAL C 210 24.16 20.94 20.83
C VAL C 210 22.69 20.92 21.19
N ASP C 211 22.20 19.73 21.49
CA ASP C 211 20.81 19.55 21.81
C ASP C 211 20.00 20.24 20.74
N PRO C 212 20.27 19.92 19.47
CA PRO C 212 19.55 20.53 18.36
C PRO C 212 18.04 20.54 18.58
N THR C 213 17.36 21.47 17.94
CA THR C 213 15.92 21.62 18.08
C THR C 213 15.21 20.98 16.88
N GLY C 214 13.89 20.92 16.93
CA GLY C 214 13.16 20.36 15.80
C GLY C 214 13.57 21.06 14.52
N GLU C 215 13.70 22.38 14.56
CA GLU C 215 14.11 23.14 13.39
C GLU C 215 15.61 23.20 13.22
N GLU C 216 16.29 23.38 14.35
CA GLU C 216 17.75 23.46 14.38
C GLU C 216 18.38 22.22 13.78
N GLU C 217 17.97 21.06 14.29
CA GLU C 217 18.49 19.79 13.82
C GLU C 217 18.01 19.64 12.39
N HIS C 218 16.97 20.38 12.05
CA HIS C 218 16.42 20.30 10.73
C HIS C 218 17.35 20.74 9.60
N LEU C 219 17.50 22.04 9.47
CA LEU C 219 18.32 22.56 8.40
C LEU C 219 19.75 22.17 8.71
N ALA C 220 19.91 21.24 9.64
CA ALA C 220 21.22 20.79 10.00
C ALA C 220 21.84 20.21 8.76
N THR C 221 23.07 19.73 8.91
CA THR C 221 23.82 19.13 7.81
C THR C 221 24.44 17.84 8.33
N GLY C 222 24.46 17.69 9.64
CA GLY C 222 25.02 16.50 10.25
C GLY C 222 24.54 16.25 11.68
N THR C 223 24.30 14.98 11.99
CA THR C 223 23.83 14.63 13.31
C THR C 223 24.87 13.71 13.89
N LEU C 224 25.04 13.80 15.21
CA LEU C 224 25.99 12.97 15.89
C LEU C 224 25.58 12.87 17.35
N THR C 225 25.57 11.65 17.84
CA THR C 225 25.20 11.40 19.22
C THR C 225 26.33 10.57 19.80
N ILE C 226 26.55 10.71 21.10
CA ILE C 226 27.58 9.93 21.79
C ILE C 226 27.06 9.47 23.15
N VAL C 227 27.31 8.20 23.44
CA VAL C 227 26.89 7.57 24.68
C VAL C 227 28.14 7.10 25.38
N MET C 228 28.24 7.44 26.65
CA MET C 228 29.38 7.08 27.44
C MET C 228 29.00 6.68 28.85
N ASP C 229 29.61 5.59 29.29
CA ASP C 229 29.40 5.05 30.61
C ASP C 229 29.79 6.11 31.61
N GLU C 230 29.56 5.87 32.89
CA GLU C 230 29.94 6.85 33.91
C GLU C 230 31.43 7.04 33.82
N GLU C 231 32.15 5.92 33.87
CA GLU C 231 33.60 5.91 33.81
C GLU C 231 34.13 6.44 32.48
N GLY C 232 33.21 6.86 31.62
CA GLY C 232 33.61 7.40 30.33
C GLY C 232 33.92 6.31 29.32
N LYS C 233 33.10 5.27 29.34
CA LYS C 233 33.28 4.16 28.42
C LYS C 233 32.35 4.39 27.23
N LEU C 234 32.89 4.98 26.15
CA LEU C 234 32.12 5.29 24.95
C LEU C 234 31.23 4.14 24.47
N CYS C 235 30.01 4.09 25.01
CA CYS C 235 29.05 3.06 24.66
C CYS C 235 29.05 2.85 23.15
N CYS C 236 28.49 3.81 22.41
CA CYS C 236 28.44 3.74 20.95
C CYS C 236 28.52 5.14 20.37
N LEU C 237 28.92 5.25 19.11
CA LEU C 237 29.00 6.56 18.47
C LEU C 237 28.09 6.48 17.25
N HIS C 238 27.36 7.56 17.00
CA HIS C 238 26.45 7.55 15.89
C HIS C 238 26.71 8.73 14.99
N LYS C 239 26.83 8.48 13.69
CA LYS C 239 27.07 9.57 12.77
C LYS C 239 26.55 9.33 11.38
N PRO C 240 25.24 9.53 11.18
CA PRO C 240 24.58 9.33 9.88
C PRO C 240 25.16 10.25 8.84
N GLY C 241 26.46 10.10 8.56
CA GLY C 241 27.06 10.96 7.58
C GLY C 241 27.15 12.37 8.14
N GLY C 242 28.34 12.72 8.64
CA GLY C 242 28.50 14.03 9.20
C GLY C 242 29.47 14.93 8.46
N SER C 243 29.18 15.29 7.23
CA SER C 243 30.03 16.22 6.48
C SER C 243 31.55 15.93 6.49
N GLY C 244 31.96 14.97 7.30
CA GLY C 244 33.36 14.65 7.44
C GLY C 244 33.72 15.18 8.81
N LEU C 245 34.95 15.00 9.28
CA LEU C 245 35.26 15.50 10.61
C LEU C 245 36.74 15.54 10.98
N THR C 246 37.00 15.69 12.28
CA THR C 246 38.35 15.76 12.84
C THR C 246 38.36 15.02 14.16
N GLY C 247 39.36 14.19 14.38
CA GLY C 247 39.42 13.49 15.65
C GLY C 247 39.39 14.54 16.75
N ALA C 248 40.19 15.59 16.56
CA ALA C 248 40.26 16.68 17.52
C ALA C 248 38.89 17.33 17.61
N LYS C 249 38.32 17.66 16.46
CA LYS C 249 37.00 18.28 16.41
C LYS C 249 36.10 17.37 17.21
N LEU C 250 36.27 16.08 16.98
CA LEU C 250 35.48 15.10 17.68
C LEU C 250 35.93 15.13 19.13
N GLN C 251 37.20 15.39 19.34
CA GLN C 251 37.74 15.42 20.68
C GLN C 251 36.99 16.38 21.54
N ASP C 252 36.63 17.52 20.97
CA ASP C 252 35.88 18.50 21.72
C ASP C 252 34.58 17.83 22.11
N CYS C 253 33.87 17.31 21.12
CA CYS C 253 32.60 16.65 21.36
C CYS C 253 32.86 15.60 22.39
N MET C 254 34.04 14.99 22.25
CA MET C 254 34.45 13.93 23.15
C MET C 254 34.27 14.34 24.60
N SER C 255 35.07 15.31 25.01
CA SER C 255 35.06 15.78 26.38
C SER C 255 33.86 16.61 26.78
N ARG C 256 33.52 17.59 25.94
CA ARG C 256 32.41 18.49 26.21
C ARG C 256 31.09 17.76 26.32
N ALA C 257 31.06 16.53 25.82
CA ALA C 257 29.87 15.72 25.93
C ALA C 257 29.82 15.23 27.39
N VAL C 258 30.98 14.77 27.88
CA VAL C 258 31.12 14.27 29.24
C VAL C 258 30.36 15.16 30.19
N THR C 259 30.61 16.45 30.04
CA THR C 259 30.00 17.48 30.86
C THR C 259 28.48 17.44 30.95
N ARG C 260 27.82 17.39 29.80
CA ARG C 260 26.36 17.35 29.77
C ARG C 260 25.93 16.03 30.36
N HIS C 261 26.88 15.10 30.45
CA HIS C 261 26.61 13.78 31.00
C HIS C 261 26.53 13.89 32.51
N LYS C 262 27.53 14.50 33.11
CA LYS C 262 27.52 14.66 34.55
C LYS C 262 26.22 15.37 34.96
N GLU C 263 25.90 16.44 34.22
CA GLU C 263 24.70 17.21 34.50
C GLU C 263 23.47 16.30 34.59
N VAL C 264 23.16 15.60 33.51
CA VAL C 264 22.01 14.71 33.51
C VAL C 264 22.15 13.71 34.63
N LYS C 265 23.36 13.16 34.75
CA LYS C 265 23.66 12.18 35.76
C LYS C 265 23.19 12.74 37.09
N LYS C 266 23.45 14.03 37.28
CA LYS C 266 23.04 14.70 38.51
C LYS C 266 21.54 14.96 38.44
N LEU C 267 21.06 15.33 37.25
CA LEU C 267 19.64 15.62 37.02
C LEU C 267 18.80 14.43 37.45
N MET C 268 19.36 13.24 37.28
CA MET C 268 18.70 12.02 37.69
C MET C 268 19.06 11.73 39.15
N ASP C 269 20.35 11.80 39.44
CA ASP C 269 20.83 11.56 40.80
C ASP C 269 20.08 12.43 41.76
N GLU C 270 19.57 13.54 41.25
CA GLU C 270 18.80 14.48 42.07
C GLU C 270 17.38 13.99 42.29
N VAL C 271 16.88 13.14 41.40
CA VAL C 271 15.54 12.60 41.58
C VAL C 271 15.59 11.44 42.58
N ILE C 272 16.82 11.06 42.98
CA ILE C 272 17.07 9.97 43.94
C ILE C 272 16.39 10.15 45.30
N LYS C 273 16.78 11.18 46.03
CA LYS C 273 16.23 11.46 47.34
C LYS C 273 14.92 12.27 47.34
N SER C 274 14.64 12.98 46.25
CA SER C 274 13.42 13.79 46.19
C SER C 274 12.20 13.23 45.49
N MET C 275 12.23 13.26 44.17
CA MET C 275 11.12 12.79 43.38
C MET C 275 11.04 11.29 43.46
N LYS C 276 12.12 10.66 43.93
CA LYS C 276 12.07 9.21 44.09
C LYS C 276 11.21 8.93 45.31
N PRO C 277 11.60 9.45 46.50
CA PRO C 277 10.80 9.21 47.70
C PRO C 277 9.55 10.08 47.93
N LYS C 278 9.36 11.17 47.16
CA LYS C 278 8.18 12.02 47.32
C LYS C 278 7.01 11.57 46.44
N GLY D 27 51.47 -5.61 10.41
CA GLY D 27 50.44 -6.28 11.27
C GLY D 27 49.04 -5.73 11.09
N CYS D 28 48.92 -4.42 10.88
CA CYS D 28 47.62 -3.76 10.69
C CYS D 28 47.25 -3.65 9.22
N SER D 29 46.84 -4.77 8.62
CA SER D 29 46.45 -4.75 7.22
C SER D 29 45.00 -5.17 7.02
N LEU D 30 44.38 -4.56 6.03
CA LEU D 30 43.02 -4.87 5.68
C LEU D 30 43.14 -6.11 4.84
N ARG D 31 42.09 -6.93 4.82
CA ARG D 31 42.09 -8.18 4.07
C ARG D 31 42.05 -8.03 2.55
N HIS D 32 42.04 -9.18 1.87
CA HIS D 32 41.98 -9.29 0.42
C HIS D 32 41.03 -8.27 -0.24
N PHE D 33 41.43 -7.68 -1.36
CA PHE D 33 40.60 -6.68 -2.03
C PHE D 33 40.23 -6.91 -3.49
N ALA D 34 38.94 -6.83 -3.79
CA ALA D 34 38.48 -7.02 -5.16
C ALA D 34 37.09 -6.43 -5.43
N CYS D 35 36.87 -6.03 -6.69
CA CYS D 35 35.58 -5.48 -7.08
C CYS D 35 35.29 -5.62 -8.56
N GLU D 36 34.01 -5.76 -8.88
CA GLU D 36 33.58 -5.91 -10.25
C GLU D 36 32.64 -4.78 -10.55
N GLN D 37 32.84 -4.14 -11.69
CA GLN D 37 32.00 -3.02 -12.04
C GLN D 37 31.21 -3.30 -13.29
N ASN D 38 30.03 -2.69 -13.36
CA ASN D 38 29.15 -2.86 -14.49
C ASN D 38 28.91 -4.35 -14.71
N LEU D 39 28.00 -4.90 -13.92
CA LEU D 39 27.67 -6.31 -14.01
C LEU D 39 26.28 -6.38 -14.59
N LEU D 40 25.30 -6.18 -13.71
CA LEU D 40 23.90 -6.22 -14.08
C LEU D 40 23.48 -5.26 -15.21
N SER D 41 23.17 -5.82 -16.36
CA SER D 41 22.76 -5.06 -17.53
C SER D 41 21.46 -4.27 -17.31
N ARG D 42 20.64 -4.75 -16.40
CA ARG D 42 19.37 -4.12 -16.11
C ARG D 42 19.37 -2.61 -15.71
N PRO D 43 20.03 -2.28 -14.56
CA PRO D 43 20.12 -0.91 -14.03
C PRO D 43 21.25 -0.05 -14.58
N ASP D 44 21.14 1.27 -14.35
CA ASP D 44 22.13 2.25 -14.81
C ASP D 44 23.43 2.14 -14.02
N GLY D 45 23.38 1.50 -12.87
CA GLY D 45 24.59 1.40 -12.09
C GLY D 45 24.77 0.06 -11.42
N SER D 46 25.87 -0.60 -11.78
CA SER D 46 26.19 -1.91 -11.24
C SER D 46 27.56 -1.88 -10.62
N ALA D 47 27.68 -2.49 -9.47
CA ALA D 47 28.96 -2.54 -8.80
C ALA D 47 29.02 -3.69 -7.78
N SER D 48 30.00 -4.57 -7.92
CA SER D 48 30.16 -5.68 -7.00
C SER D 48 31.50 -5.60 -6.31
N PHE D 49 31.48 -5.47 -4.99
CA PHE D 49 32.72 -5.31 -4.28
C PHE D 49 33.04 -6.50 -3.43
N LEU D 50 34.32 -6.84 -3.38
CA LEU D 50 34.71 -8.01 -2.62
C LEU D 50 35.86 -7.74 -1.67
N GLN D 51 35.55 -7.89 -0.38
CA GLN D 51 36.52 -7.73 0.69
C GLN D 51 36.82 -9.12 1.23
N GLY D 52 37.84 -9.76 0.67
CA GLY D 52 38.21 -11.09 1.06
C GLY D 52 37.08 -12.08 0.81
N ASP D 53 36.86 -12.97 1.76
CA ASP D 53 35.80 -13.92 1.58
C ASP D 53 34.46 -13.25 1.79
N THR D 54 34.48 -11.93 1.65
CA THR D 54 33.28 -11.15 1.78
C THR D 54 33.10 -10.19 0.63
N SER D 55 31.86 -10.09 0.17
CA SER D 55 31.56 -9.20 -0.93
C SER D 55 30.09 -8.79 -0.95
N VAL D 56 29.81 -7.72 -1.67
CA VAL D 56 28.46 -7.23 -1.85
C VAL D 56 28.43 -6.57 -3.20
N LEU D 57 27.23 -6.55 -3.76
CA LEU D 57 26.96 -5.96 -5.05
C LEU D 57 25.91 -4.86 -4.84
N ALA D 58 26.15 -3.70 -5.44
CA ALA D 58 25.24 -2.57 -5.33
C ALA D 58 24.69 -2.12 -6.68
N GLY D 59 23.39 -1.81 -6.66
CA GLY D 59 22.74 -1.40 -7.88
C GLY D 59 22.17 -0.01 -7.81
N VAL D 60 22.44 0.72 -8.88
CA VAL D 60 21.95 2.07 -8.98
C VAL D 60 21.12 2.24 -10.26
N TYR D 61 19.93 2.80 -10.08
CA TYR D 61 19.07 3.07 -11.22
C TYR D 61 19.11 4.57 -11.20
N GLY D 62 20.35 5.05 -11.23
CA GLY D 62 20.74 6.46 -11.20
C GLY D 62 19.81 7.67 -11.23
N PRO D 63 20.22 8.73 -11.95
CA PRO D 63 19.45 9.96 -12.08
C PRO D 63 18.11 9.67 -12.75
N ALA D 64 17.03 10.01 -12.06
CA ALA D 64 15.70 9.77 -12.57
C ALA D 64 14.82 10.94 -12.29
N GLU D 65 14.00 11.29 -13.26
CA GLU D 65 13.10 12.39 -13.07
C GLU D 65 11.87 11.58 -12.70
N VAL D 66 11.26 11.93 -11.57
CA VAL D 66 10.12 11.18 -11.11
C VAL D 66 8.82 11.98 -11.20
N LYS D 67 7.93 11.47 -12.05
CA LYS D 67 6.63 12.06 -12.30
C LYS D 67 5.80 12.03 -11.01
N ASN D 74 12.50 17.53 -6.54
CA ASN D 74 13.45 18.63 -6.62
C ASN D 74 14.88 18.20 -6.26
N LYS D 75 15.88 18.95 -6.72
CA LYS D 75 17.29 18.62 -6.47
C LYS D 75 17.42 17.16 -6.95
N ALA D 76 18.10 16.31 -6.20
CA ALA D 76 18.24 14.89 -6.55
C ALA D 76 18.17 14.14 -5.21
N THR D 77 17.21 13.25 -5.06
CA THR D 77 17.08 12.57 -3.78
C THR D 77 17.49 11.12 -3.86
N LEU D 78 18.21 10.69 -2.83
CA LEU D 78 18.73 9.33 -2.79
C LEU D 78 18.19 8.45 -1.66
N GLU D 79 17.55 7.34 -2.06
CA GLU D 79 16.96 6.38 -1.13
C GLU D 79 17.67 5.04 -1.42
N VAL D 80 18.16 4.35 -0.39
CA VAL D 80 18.83 3.06 -0.64
C VAL D 80 18.35 1.87 0.20
N ILE D 81 18.19 0.73 -0.48
CA ILE D 81 17.73 -0.50 0.14
C ILE D 81 18.74 -1.58 0.01
N LEU D 82 18.99 -2.19 1.14
CA LEU D 82 19.92 -3.25 1.28
C LEU D 82 19.13 -4.38 1.93
N ARG D 83 19.21 -5.58 1.35
CA ARG D 83 18.55 -6.75 1.91
C ARG D 83 19.62 -7.83 2.07
N PRO D 84 19.36 -8.84 2.93
CA PRO D 84 20.36 -9.87 3.12
C PRO D 84 20.07 -11.17 2.42
N LYS D 85 21.14 -11.93 2.17
CA LYS D 85 21.05 -13.23 1.52
C LYS D 85 20.12 -14.16 2.30
N ILE D 86 20.25 -14.12 3.62
CA ILE D 86 19.44 -14.93 4.52
C ILE D 86 18.31 -14.12 5.13
N GLY D 87 17.17 -14.77 5.33
CA GLY D 87 16.03 -14.08 5.91
C GLY D 87 15.64 -12.83 5.15
N LEU D 88 14.55 -12.22 5.59
CA LEU D 88 14.08 -10.99 4.95
C LEU D 88 14.74 -9.77 5.56
N PRO D 89 14.55 -8.58 4.97
CA PRO D 89 15.17 -7.37 5.52
C PRO D 89 14.58 -7.00 6.88
N GLY D 90 15.42 -7.00 7.91
CA GLY D 90 14.96 -6.66 9.23
C GLY D 90 14.94 -5.16 9.43
N VAL D 91 14.60 -4.71 10.63
CA VAL D 91 14.56 -3.28 10.93
C VAL D 91 16.00 -2.80 11.09
N ALA D 92 16.88 -3.68 11.56
CA ALA D 92 18.30 -3.34 11.72
C ALA D 92 18.74 -2.80 10.39
N GLU D 93 18.28 -3.46 9.34
CA GLU D 93 18.62 -3.05 7.99
C GLU D 93 18.15 -1.61 7.81
N LYS D 94 16.84 -1.43 7.92
CA LYS D 94 16.23 -0.13 7.71
C LYS D 94 17.10 0.96 8.25
N SER D 95 17.55 0.80 9.47
CA SER D 95 18.41 1.81 10.04
C SER D 95 19.76 1.89 9.31
N ARG D 96 20.41 0.75 9.12
CA ARG D 96 21.71 0.66 8.47
C ARG D 96 21.67 1.28 7.08
N GLU D 97 20.59 0.97 6.36
CA GLU D 97 20.40 1.46 5.01
C GLU D 97 20.29 2.96 5.04
N ARG D 98 19.97 3.49 6.20
CA ARG D 98 19.85 4.93 6.31
C ARG D 98 21.25 5.56 6.31
N LEU D 99 22.14 5.06 7.16
CA LEU D 99 23.50 5.61 7.22
C LEU D 99 24.13 5.68 5.84
N ILE D 100 24.04 4.56 5.13
CA ILE D 100 24.57 4.53 3.78
C ILE D 100 23.93 5.69 3.00
N ARG D 101 22.60 5.79 3.07
CA ARG D 101 21.86 6.83 2.40
C ARG D 101 22.45 8.18 2.66
N ASN D 102 22.70 8.47 3.93
CA ASN D 102 23.22 9.78 4.32
C ASN D 102 24.63 10.01 3.85
N THR D 103 25.50 9.07 4.19
CA THR D 103 26.90 9.18 3.82
C THR D 103 27.00 9.61 2.36
N CYS D 104 25.98 9.29 1.60
CA CYS D 104 25.97 9.62 0.20
C CYS D 104 25.43 10.98 -0.19
N GLU D 105 24.27 11.36 0.34
CA GLU D 105 23.73 12.67 -0.02
C GLU D 105 24.93 13.57 0.11
N ALA D 106 25.79 13.20 1.06
CA ALA D 106 27.00 13.93 1.35
C ALA D 106 27.96 14.06 0.17
N VAL D 107 28.41 12.97 -0.45
CA VAL D 107 29.36 13.07 -1.58
C VAL D 107 28.66 13.22 -2.92
N VAL D 108 27.44 12.72 -2.97
CA VAL D 108 26.66 12.79 -4.18
C VAL D 108 26.43 14.21 -4.53
N LEU D 109 27.29 14.75 -5.38
CA LEU D 109 27.08 16.10 -5.81
C LEU D 109 25.76 15.99 -6.54
N GLY D 110 25.50 14.77 -7.02
CA GLY D 110 24.28 14.48 -7.76
C GLY D 110 23.09 15.26 -7.25
N THR D 111 23.06 15.47 -5.94
CA THR D 111 21.98 16.21 -5.31
C THR D 111 21.71 17.47 -6.15
N LEU D 112 22.74 17.91 -6.88
CA LEU D 112 22.68 19.10 -7.72
C LEU D 112 21.34 19.27 -8.47
N HIS D 113 21.34 18.97 -9.76
CA HIS D 113 20.12 19.13 -10.55
C HIS D 113 18.86 18.75 -9.77
N PRO D 114 17.77 19.52 -9.97
CA PRO D 114 16.47 19.33 -9.32
C PRO D 114 15.53 18.26 -9.93
N ARG D 115 14.34 18.11 -9.37
CA ARG D 115 13.33 17.16 -9.85
C ARG D 115 13.75 15.68 -9.89
N THR D 116 15.06 15.48 -9.97
CA THR D 116 15.63 14.16 -10.04
C THR D 116 15.57 13.33 -8.78
N SER D 117 15.50 12.02 -8.98
CA SER D 117 15.51 11.01 -7.92
C SER D 117 16.57 9.97 -8.28
N ILE D 118 17.21 9.38 -7.28
CA ILE D 118 18.28 8.42 -7.55
C ILE D 118 18.22 7.22 -6.62
N THR D 119 18.23 6.01 -7.16
CA THR D 119 18.17 4.85 -6.26
C THR D 119 19.32 3.85 -6.31
N VAL D 120 19.67 3.37 -5.12
CA VAL D 120 20.72 2.37 -4.96
C VAL D 120 20.11 1.21 -4.17
N VAL D 121 20.62 0.00 -4.46
CA VAL D 121 20.17 -1.21 -3.78
C VAL D 121 21.44 -2.01 -3.51
N LEU D 122 21.55 -2.53 -2.30
CA LEU D 122 22.70 -3.32 -1.93
C LEU D 122 22.23 -4.73 -1.63
N GLN D 123 23.05 -5.71 -2.03
CA GLN D 123 22.69 -7.10 -1.77
C GLN D 123 23.79 -7.82 -1.02
N VAL D 124 23.39 -8.42 0.10
CA VAL D 124 24.31 -9.17 0.94
C VAL D 124 24.79 -10.40 0.18
N VAL D 125 25.98 -10.30 -0.40
CA VAL D 125 26.51 -11.42 -1.17
C VAL D 125 27.39 -12.29 -0.29
N SER D 126 28.52 -11.75 0.14
CA SER D 126 29.41 -12.51 0.99
C SER D 126 29.72 -11.79 2.27
N ASP D 127 29.06 -12.22 3.35
CA ASP D 127 29.33 -11.65 4.66
C ASP D 127 30.48 -12.49 5.21
N ALA D 128 31.21 -11.95 6.19
CA ALA D 128 32.31 -12.65 6.80
C ALA D 128 33.21 -11.68 7.56
N GLY D 129 32.76 -10.43 7.67
CA GLY D 129 33.54 -9.41 8.36
C GLY D 129 33.61 -8.09 7.58
N SER D 130 33.64 -6.96 8.28
CA SER D 130 33.70 -5.65 7.62
C SER D 130 32.42 -5.51 6.80
N LEU D 131 31.31 -6.04 7.32
CA LEU D 131 30.06 -6.00 6.58
C LEU D 131 29.78 -4.63 5.97
N LEU D 132 29.45 -3.69 6.85
CA LEU D 132 29.10 -2.35 6.43
C LEU D 132 30.14 -1.76 5.51
N ALA D 133 31.41 -2.02 5.79
CA ALA D 133 32.46 -1.47 4.97
C ALA D 133 32.20 -1.79 3.51
N CYS D 134 32.10 -3.09 3.22
CA CYS D 134 31.93 -3.53 1.84
C CYS D 134 30.85 -2.76 1.12
N CYS D 135 29.70 -2.68 1.76
CA CYS D 135 28.58 -2.00 1.16
C CYS D 135 28.97 -0.59 0.71
N LEU D 136 29.66 0.13 1.57
CA LEU D 136 30.02 1.49 1.23
C LEU D 136 30.59 1.63 -0.16
N ASN D 137 31.79 1.07 -0.32
CA ASN D 137 32.55 1.11 -1.56
C ASN D 137 31.73 0.53 -2.67
N ALA D 138 30.93 -0.48 -2.33
CA ALA D 138 30.09 -1.10 -3.33
C ALA D 138 29.12 -0.02 -3.83
N ALA D 139 28.37 0.55 -2.90
CA ALA D 139 27.41 1.59 -3.24
C ALA D 139 28.14 2.74 -3.90
N CYS D 140 29.34 3.01 -3.40
CA CYS D 140 30.11 4.10 -3.96
C CYS D 140 30.32 3.83 -5.45
N MET D 141 30.94 2.69 -5.72
CA MET D 141 31.19 2.32 -7.10
C MET D 141 29.87 2.29 -7.81
N ALA D 142 28.86 1.80 -7.09
CA ALA D 142 27.52 1.69 -7.61
C ALA D 142 27.27 3.00 -8.32
N LEU D 143 27.64 4.09 -7.67
CA LEU D 143 27.44 5.38 -8.28
C LEU D 143 28.48 5.68 -9.30
N VAL D 144 29.74 5.46 -8.95
CA VAL D 144 30.81 5.75 -9.89
C VAL D 144 30.32 5.27 -11.25
N ASP D 145 29.90 4.01 -11.28
CA ASP D 145 29.41 3.34 -12.46
C ASP D 145 28.17 4.05 -12.99
N ALA D 146 27.23 4.29 -12.07
CA ALA D 146 25.99 4.98 -12.37
C ALA D 146 26.34 6.42 -12.76
N GLY D 147 27.63 6.66 -12.97
CA GLY D 147 28.16 7.97 -13.26
C GLY D 147 27.51 9.22 -12.70
N VAL D 148 26.67 9.09 -11.66
CA VAL D 148 26.06 10.26 -10.99
C VAL D 148 27.21 11.20 -10.60
N PRO D 149 27.03 12.53 -10.76
CA PRO D 149 28.14 13.41 -10.40
C PRO D 149 28.40 13.30 -8.92
N MET D 150 29.67 13.08 -8.60
CA MET D 150 30.06 12.96 -7.22
C MET D 150 30.88 14.18 -6.93
N ARG D 151 31.14 14.41 -5.65
CA ARG D 151 31.97 15.52 -5.27
C ARG D 151 33.24 14.85 -4.74
N ALA D 152 33.03 13.79 -3.98
CA ALA D 152 34.11 13.04 -3.38
C ALA D 152 33.72 11.58 -3.35
N LEU D 153 34.66 10.73 -2.98
CA LEU D 153 34.39 9.30 -2.91
C LEU D 153 34.46 8.87 -1.45
N PHE D 154 33.71 7.84 -1.09
CA PHE D 154 33.71 7.39 0.29
C PHE D 154 33.98 5.91 0.36
N CYS D 155 34.86 5.54 1.29
CA CYS D 155 35.22 4.14 1.50
C CYS D 155 34.96 3.82 2.94
N GLY D 156 34.77 2.54 3.23
CA GLY D 156 34.54 2.15 4.60
C GLY D 156 35.63 1.24 5.06
N VAL D 157 35.99 1.36 6.34
CA VAL D 157 36.99 0.52 6.96
C VAL D 157 36.40 0.06 8.28
N ALA D 158 36.71 -1.17 8.66
CA ALA D 158 36.19 -1.71 9.91
C ALA D 158 37.32 -2.24 10.79
N CYS D 159 37.10 -2.26 12.09
CA CYS D 159 38.12 -2.71 13.03
C CYS D 159 37.56 -3.40 14.27
N ALA D 160 38.33 -4.34 14.78
CA ALA D 160 37.92 -5.09 15.95
C ALA D 160 38.99 -5.03 17.04
N LEU D 161 38.53 -4.98 18.28
CA LEU D 161 39.41 -4.91 19.43
C LEU D 161 39.13 -6.09 20.34
N ASP D 162 40.20 -6.67 20.90
CA ASP D 162 40.06 -7.80 21.81
C ASP D 162 40.17 -7.37 23.28
N SER D 163 39.76 -8.24 24.21
CA SER D 163 39.81 -7.93 25.64
C SER D 163 41.24 -7.64 26.11
N ASP D 164 42.15 -7.63 25.14
CA ASP D 164 43.57 -7.36 25.36
C ASP D 164 43.96 -6.08 24.66
N GLY D 165 42.96 -5.33 24.22
CA GLY D 165 43.22 -4.08 23.52
C GLY D 165 43.99 -4.28 22.22
N THR D 166 43.42 -5.05 21.29
CA THR D 166 44.05 -5.30 19.99
C THR D 166 43.04 -5.01 18.91
N LEU D 167 43.45 -4.21 17.94
CA LEU D 167 42.56 -3.81 16.87
C LEU D 167 43.08 -4.34 15.56
N VAL D 168 42.16 -4.70 14.65
CA VAL D 168 42.56 -5.21 13.34
C VAL D 168 41.84 -4.51 12.18
N LEU D 169 42.52 -4.45 11.05
CA LEU D 169 41.97 -3.81 9.85
C LEU D 169 41.29 -4.84 8.97
N ASP D 170 40.07 -4.51 8.56
CA ASP D 170 39.30 -5.41 7.72
C ASP D 170 39.12 -6.66 8.56
N PRO D 171 38.38 -6.55 9.68
CA PRO D 171 38.09 -7.64 10.63
C PRO D 171 37.60 -8.94 10.01
N THR D 172 36.95 -9.77 10.82
CA THR D 172 36.48 -11.05 10.32
C THR D 172 35.25 -11.52 11.08
N SER D 173 34.48 -12.41 10.45
CA SER D 173 33.29 -12.96 11.09
C SER D 173 33.83 -13.61 12.35
N LYS D 174 35.09 -14.05 12.26
CA LYS D 174 35.80 -14.67 13.38
C LYS D 174 36.21 -13.54 14.29
N GLN D 175 37.01 -12.64 13.73
CA GLN D 175 37.50 -11.51 14.47
C GLN D 175 36.36 -10.83 15.18
N GLU D 176 35.33 -10.49 14.41
CA GLU D 176 34.18 -9.78 14.92
C GLU D 176 33.51 -10.29 16.20
N LYS D 177 33.31 -11.59 16.35
CA LYS D 177 32.70 -12.04 17.60
C LYS D 177 33.76 -12.21 18.67
N GLU D 178 34.98 -12.51 18.24
CA GLU D 178 36.08 -12.68 19.17
C GLU D 178 36.45 -11.34 19.81
N ALA D 179 36.06 -10.23 19.16
CA ALA D 179 36.36 -8.90 19.67
C ALA D 179 35.28 -8.38 20.63
N ARG D 180 35.52 -7.20 21.20
CA ARG D 180 34.59 -6.57 22.12
C ARG D 180 34.22 -5.19 21.57
N ALA D 181 35.06 -4.67 20.68
CA ALA D 181 34.83 -3.37 20.07
C ALA D 181 34.85 -3.52 18.55
N VAL D 182 33.76 -3.13 17.92
CA VAL D 182 33.69 -3.23 16.47
C VAL D 182 33.19 -1.94 15.89
N LEU D 183 33.88 -1.45 14.87
CA LEU D 183 33.53 -0.18 14.27
C LEU D 183 33.77 -0.07 12.78
N THR D 184 32.94 0.72 12.12
CA THR D 184 33.09 0.96 10.69
C THR D 184 32.99 2.47 10.49
N PHE D 185 33.92 3.04 9.75
CA PHE D 185 33.94 4.47 9.51
C PHE D 185 33.72 4.84 8.05
N ALA D 186 33.00 5.92 7.84
CA ALA D 186 32.74 6.40 6.48
C ALA D 186 33.68 7.60 6.43
N LEU D 187 34.53 7.63 5.41
CA LEU D 187 35.53 8.67 5.29
C LEU D 187 35.51 9.40 3.97
N ASP D 188 36.08 10.60 4.00
CA ASP D 188 36.19 11.48 2.85
C ASP D 188 37.35 11.03 1.94
N SER D 189 37.12 11.00 0.62
CA SER D 189 38.17 10.59 -0.30
C SER D 189 39.08 11.79 -0.50
N VAL D 190 38.47 12.96 -0.55
CA VAL D 190 39.19 14.20 -0.73
C VAL D 190 39.86 14.56 0.58
N GLU D 191 39.04 14.65 1.62
CA GLU D 191 39.53 15.07 2.92
C GLU D 191 39.79 14.06 4.01
N ARG D 192 39.49 12.80 3.77
CA ARG D 192 39.68 11.78 4.81
C ARG D 192 38.62 12.09 5.87
N LYS D 193 38.13 13.32 5.81
CA LYS D 193 37.13 13.82 6.73
C LYS D 193 36.08 12.75 7.06
N LEU D 194 36.28 12.00 8.15
CA LEU D 194 35.33 10.97 8.55
C LEU D 194 33.90 11.45 8.28
N LEU D 195 33.38 11.04 7.13
CA LEU D 195 32.04 11.44 6.69
C LEU D 195 30.96 10.59 7.32
N MET D 196 31.31 9.82 8.35
CA MET D 196 30.34 8.96 9.04
C MET D 196 30.96 7.79 9.84
N SER D 197 30.24 7.35 10.86
CA SER D 197 30.67 6.23 11.69
C SER D 197 29.54 5.69 12.54
N SER D 198 29.55 4.37 12.77
CA SER D 198 28.54 3.71 13.61
C SER D 198 29.15 2.47 14.27
N THR D 199 28.93 2.31 15.57
CA THR D 199 29.54 1.20 16.26
C THR D 199 28.94 0.68 17.55
N LYS D 200 29.27 -0.57 17.83
CA LYS D 200 28.84 -1.24 19.04
C LYS D 200 30.13 -1.85 19.61
N GLY D 201 30.35 -1.64 20.91
CA GLY D 201 31.54 -2.15 21.56
C GLY D 201 31.72 -1.62 22.97
N LEU D 202 32.84 -1.97 23.60
CA LEU D 202 33.16 -1.56 24.98
C LEU D 202 34.36 -0.58 25.06
N TYR D 203 34.57 0.20 24.00
CA TYR D 203 35.69 1.14 23.93
C TYR D 203 35.32 2.53 24.44
N SER D 204 36.34 3.34 24.74
CA SER D 204 36.17 4.72 25.20
C SER D 204 36.86 5.67 24.21
N ASP D 205 37.18 6.88 24.65
CA ASP D 205 37.84 7.87 23.80
C ASP D 205 39.25 7.43 23.48
N THR D 206 39.94 6.99 24.51
CA THR D 206 41.29 6.50 24.38
C THR D 206 41.24 5.46 23.26
N GLU D 207 40.06 4.95 23.02
CA GLU D 207 39.88 3.98 21.97
C GLU D 207 39.60 4.68 20.66
N LEU D 208 38.45 5.32 20.60
CA LEU D 208 37.97 6.02 19.42
C LEU D 208 39.05 6.84 18.72
N GLN D 209 40.19 7.03 19.37
CA GLN D 209 41.26 7.83 18.80
C GLN D 209 42.19 7.22 17.74
N GLN D 210 43.09 6.32 18.13
CA GLN D 210 44.04 5.76 17.17
C GLN D 210 43.31 5.11 16.01
N CYS D 211 42.45 4.16 16.35
CA CYS D 211 41.68 3.40 15.38
C CYS D 211 41.09 4.28 14.28
N LEU D 212 40.43 5.37 14.65
CA LEU D 212 39.88 6.22 13.63
C LEU D 212 41.07 6.65 12.80
N ALA D 213 42.04 7.26 13.47
CA ALA D 213 43.24 7.75 12.81
C ALA D 213 43.79 6.62 11.97
N ALA D 214 43.92 5.44 12.58
CA ALA D 214 44.44 4.29 11.87
C ALA D 214 43.52 4.06 10.69
N ALA D 215 42.22 4.08 10.98
CA ALA D 215 41.23 3.87 9.96
C ALA D 215 41.58 4.77 8.79
N GLN D 216 42.20 5.91 9.09
CA GLN D 216 42.56 6.83 8.02
C GLN D 216 43.48 6.12 7.06
N ALA D 217 44.63 5.70 7.57
CA ALA D 217 45.62 5.03 6.76
C ALA D 217 45.02 3.88 5.96
N ALA D 218 44.13 3.13 6.61
CA ALA D 218 43.47 2.01 5.96
C ALA D 218 42.63 2.51 4.78
N SER D 219 41.75 3.48 5.06
CA SER D 219 40.88 4.03 4.04
C SER D 219 41.74 4.54 2.92
N GLN D 220 42.82 5.18 3.29
CA GLN D 220 43.71 5.72 2.30
C GLN D 220 44.04 4.69 1.24
N HIS D 221 44.22 3.42 1.65
CA HIS D 221 44.56 2.33 0.74
C HIS D 221 43.43 2.03 -0.22
N VAL D 222 42.26 1.82 0.38
CA VAL D 222 41.06 1.54 -0.36
C VAL D 222 41.01 2.60 -1.41
N PHE D 223 41.02 3.81 -0.92
CA PHE D 223 40.97 4.98 -1.76
C PHE D 223 42.02 4.89 -2.86
N ARG D 224 43.16 4.30 -2.55
CA ARG D 224 44.20 4.18 -3.56
C ARG D 224 43.81 3.10 -4.54
N PHE D 225 43.32 2.00 -3.98
CA PHE D 225 42.88 0.88 -4.77
C PHE D 225 41.93 1.34 -5.87
N TYR D 226 40.94 2.14 -5.49
CA TYR D 226 39.94 2.64 -6.42
C TYR D 226 40.61 3.14 -7.67
N ARG D 227 41.46 4.13 -7.46
CA ARG D 227 42.15 4.77 -8.55
C ARG D 227 42.66 3.74 -9.52
N GLU D 228 43.49 2.85 -9.02
CA GLU D 228 44.06 1.84 -9.89
C GLU D 228 42.95 1.14 -10.67
N SER D 229 42.02 0.53 -9.96
CA SER D 229 40.93 -0.17 -10.62
C SER D 229 40.24 0.71 -11.64
N LEU D 230 39.91 1.94 -11.25
CA LEU D 230 39.24 2.84 -12.16
C LEU D 230 40.12 3.05 -13.37
N GLN D 231 41.41 2.85 -13.19
CA GLN D 231 42.29 3.00 -14.33
C GLN D 231 41.98 1.86 -15.25
N ARG D 232 41.62 0.72 -14.65
CA ARG D 232 41.30 -0.50 -15.38
C ARG D 232 40.11 -0.32 -16.30
N ARG D 233 38.98 0.05 -15.71
CA ARG D 233 37.76 0.21 -16.47
C ARG D 233 38.01 1.09 -17.70
N TYR D 234 38.65 2.23 -17.46
CA TYR D 234 38.94 3.15 -18.55
C TYR D 234 40.22 2.81 -19.30
N SER D 235 40.81 1.67 -18.97
CA SER D 235 42.02 1.17 -19.63
C SER D 235 42.10 1.44 -21.14
N LYS D 236 40.97 1.52 -21.81
CA LYS D 236 40.97 1.78 -23.25
C LYS D 236 39.86 2.72 -23.70
N SER D 237 39.32 3.48 -22.74
CA SER D 237 38.25 4.45 -23.01
C SER D 237 38.76 5.70 -23.70
N THR E 19 -28.14 6.30 -5.37
CA THR E 19 -26.92 6.67 -4.60
C THR E 19 -27.27 7.46 -3.35
N LEU E 20 -27.53 8.75 -3.54
CA LEU E 20 -27.86 9.67 -2.46
C LEU E 20 -28.24 11.04 -3.02
N SER E 21 -29.51 11.21 -3.40
CA SER E 21 -29.99 12.48 -3.97
C SER E 21 -30.96 13.23 -3.08
N GLU E 22 -30.91 14.57 -3.14
CA GLU E 22 -31.76 15.45 -2.35
C GLU E 22 -33.20 15.63 -2.87
N ALA E 23 -33.31 15.86 -4.17
CA ALA E 23 -34.60 16.04 -4.84
C ALA E 23 -35.53 14.92 -4.36
N GLU E 24 -34.93 13.75 -4.20
CA GLU E 24 -35.60 12.55 -3.72
C GLU E 24 -35.60 12.38 -2.20
N LYS E 25 -34.53 12.84 -1.54
CA LYS E 25 -34.42 12.70 -0.09
C LYS E 25 -35.57 13.44 0.57
N VAL E 26 -36.19 14.34 -0.18
CA VAL E 26 -37.32 15.11 0.34
C VAL E 26 -38.48 14.20 0.77
N TYR E 27 -39.06 13.49 -0.20
CA TYR E 27 -40.16 12.62 0.10
C TYR E 27 -39.80 11.64 1.19
N ILE E 28 -38.66 10.99 1.00
CA ILE E 28 -38.14 9.96 1.90
C ILE E 28 -38.36 10.27 3.37
N VAL E 29 -38.07 11.50 3.76
CA VAL E 29 -38.21 11.89 5.14
C VAL E 29 -39.65 12.23 5.53
N HIS E 30 -40.33 13.04 4.73
CA HIS E 30 -41.72 13.40 5.03
C HIS E 30 -42.54 12.10 4.96
N GLY E 31 -42.31 11.34 3.89
CA GLY E 31 -43.01 10.09 3.68
C GLY E 31 -42.98 9.15 4.86
N VAL E 32 -41.84 9.07 5.55
CA VAL E 32 -41.70 8.20 6.71
C VAL E 32 -42.32 8.83 7.96
N GLN E 33 -42.47 10.14 7.94
CA GLN E 33 -43.11 10.82 9.06
C GLN E 33 -44.59 10.60 8.85
N GLU E 34 -44.97 10.73 7.58
CA GLU E 34 -46.32 10.57 7.09
C GLU E 34 -46.91 9.18 7.32
N ASP E 35 -46.07 8.28 7.83
CA ASP E 35 -46.45 6.88 8.06
C ASP E 35 -46.81 6.29 6.71
N LEU E 36 -46.00 6.63 5.72
CA LEU E 36 -46.19 6.15 4.36
C LEU E 36 -44.82 5.81 3.79
N ARG E 37 -44.10 4.94 4.50
CA ARG E 37 -42.74 4.50 4.13
C ARG E 37 -42.37 4.72 2.69
N VAL E 38 -42.66 3.71 1.87
CA VAL E 38 -42.36 3.77 0.44
C VAL E 38 -43.13 2.64 -0.26
N ASP E 39 -43.03 1.45 0.33
CA ASP E 39 -43.66 0.27 -0.21
C ASP E 39 -44.93 -0.05 0.57
N GLY E 40 -45.97 0.76 0.37
CA GLY E 40 -47.22 0.55 1.08
C GLY E 40 -47.04 0.26 2.56
N ARG E 41 -45.92 0.70 3.13
CA ARG E 41 -45.63 0.48 4.55
C ARG E 41 -45.88 1.73 5.37
N GLY E 42 -46.55 1.56 6.49
CA GLY E 42 -46.83 2.67 7.37
C GLY E 42 -45.54 3.25 7.89
N CYS E 43 -45.20 2.98 9.14
CA CYS E 43 -43.96 3.50 9.70
C CYS E 43 -43.05 2.38 10.21
N GLU E 44 -43.57 1.59 11.15
CA GLU E 44 -42.82 0.47 11.74
C GLU E 44 -43.24 -0.86 11.09
N ASP E 45 -43.01 -0.96 9.78
CA ASP E 45 -43.34 -2.14 8.99
C ASP E 45 -42.11 -2.95 8.53
N TYR E 46 -42.23 -4.28 8.61
CA TYR E 46 -41.15 -5.18 8.19
C TYR E 46 -41.58 -5.87 6.89
N ARG E 47 -40.89 -6.97 6.58
CA ARG E 47 -41.20 -7.74 5.38
C ARG E 47 -40.84 -9.22 5.58
N CYS E 48 -41.55 -10.08 4.86
CA CYS E 48 -41.35 -11.52 4.93
C CYS E 48 -39.85 -11.86 5.14
N VAL E 49 -39.48 -12.18 6.38
CA VAL E 49 -38.09 -12.52 6.69
C VAL E 49 -38.02 -13.93 7.26
N GLU E 50 -37.31 -14.83 6.56
CA GLU E 50 -37.18 -16.22 6.99
C GLU E 50 -35.75 -16.70 7.20
N VAL E 51 -35.64 -17.73 8.03
CA VAL E 51 -34.37 -18.39 8.35
C VAL E 51 -34.51 -19.88 8.01
N GLU E 52 -33.55 -20.42 7.27
CA GLU E 52 -33.55 -21.84 6.91
C GLU E 52 -32.38 -22.27 7.78
N THR E 53 -32.63 -23.21 8.68
CA THR E 53 -31.59 -23.61 9.59
C THR E 53 -30.86 -24.81 9.05
N ASP E 54 -29.54 -24.68 9.07
CA ASP E 54 -28.66 -25.72 8.58
C ASP E 54 -28.79 -25.85 7.07
N VAL E 55 -27.73 -25.46 6.37
CA VAL E 55 -27.66 -25.55 4.92
C VAL E 55 -26.20 -25.76 4.55
N VAL E 56 -25.35 -25.72 5.57
CA VAL E 56 -23.91 -25.95 5.42
C VAL E 56 -23.64 -27.34 5.95
N SER E 57 -23.61 -28.31 5.04
CA SER E 57 -23.37 -29.68 5.41
C SER E 57 -21.93 -29.83 5.87
N ASN E 58 -21.40 -28.82 6.55
CA ASN E 58 -20.02 -28.89 7.03
C ASN E 58 -19.79 -28.52 8.50
N THR E 59 -20.86 -28.27 9.26
CA THR E 59 -20.69 -27.93 10.67
C THR E 59 -21.99 -27.77 11.44
N SER E 60 -21.85 -27.53 12.73
CA SER E 60 -22.99 -27.33 13.64
C SER E 60 -23.88 -26.17 13.16
N GLY E 61 -24.16 -25.24 14.06
CA GLY E 61 -25.00 -24.09 13.74
C GLY E 61 -24.95 -23.62 12.30
N SER E 62 -26.11 -23.42 11.69
CA SER E 62 -26.17 -22.98 10.30
C SER E 62 -27.50 -22.30 10.00
N ALA E 63 -27.46 -21.19 9.29
CA ALA E 63 -28.70 -20.52 8.92
C ALA E 63 -28.47 -19.58 7.75
N ARG E 64 -29.49 -19.43 6.90
CA ARG E 64 -29.44 -18.51 5.77
C ARG E 64 -30.70 -17.64 5.93
N VAL E 65 -30.52 -16.43 6.47
CA VAL E 65 -31.63 -15.51 6.68
C VAL E 65 -31.51 -14.56 5.52
N LYS E 66 -32.61 -14.37 4.83
CA LYS E 66 -32.60 -13.48 3.68
C LYS E 66 -33.48 -12.34 4.15
N LEU E 67 -32.90 -11.14 4.26
CA LEU E 67 -33.64 -9.97 4.73
C LEU E 67 -33.89 -9.06 3.55
N GLY E 68 -35.16 -8.84 3.24
CA GLY E 68 -35.48 -8.00 2.09
C GLY E 68 -34.65 -8.40 0.89
N HIS E 69 -33.55 -7.69 0.65
CA HIS E 69 -32.68 -8.01 -0.47
C HIS E 69 -31.27 -8.36 0.00
N THR E 70 -31.13 -8.85 1.24
CA THR E 70 -29.83 -9.23 1.77
C THR E 70 -29.75 -10.69 2.19
N ASP E 71 -28.56 -11.27 2.13
CA ASP E 71 -28.39 -12.67 2.51
C ASP E 71 -27.20 -12.84 3.46
N ILE E 72 -27.44 -13.54 4.58
CA ILE E 72 -26.42 -13.78 5.59
C ILE E 72 -26.34 -15.26 5.90
N LEU E 73 -25.17 -15.77 6.28
CA LEU E 73 -25.03 -17.19 6.63
C LEU E 73 -24.07 -17.37 7.80
N VAL E 74 -24.45 -18.18 8.78
CA VAL E 74 -23.57 -18.38 9.93
C VAL E 74 -23.39 -19.84 10.28
N GLY E 75 -22.12 -20.19 10.53
CA GLY E 75 -21.78 -21.56 10.84
C GLY E 75 -21.16 -21.69 12.22
N VAL E 76 -21.13 -22.91 12.74
CA VAL E 76 -20.57 -23.18 14.05
C VAL E 76 -19.95 -24.57 14.15
N LYS E 77 -18.85 -24.66 14.86
CA LYS E 77 -18.16 -25.92 15.05
C LYS E 77 -17.65 -25.96 16.47
N ALA E 78 -17.34 -27.15 16.95
CA ALA E 78 -16.87 -27.29 18.32
C ALA E 78 -15.38 -27.57 18.40
N GLU E 79 -14.81 -27.28 19.57
CA GLU E 79 -13.37 -27.48 19.83
C GLU E 79 -13.09 -27.75 21.31
N MET E 80 -11.99 -28.44 21.58
CA MET E 80 -11.61 -28.79 22.96
C MET E 80 -10.44 -27.95 23.49
N GLY E 81 -9.91 -28.37 24.64
CA GLY E 81 -8.78 -27.70 25.25
C GLY E 81 -8.95 -26.29 25.79
N THR E 82 -7.82 -25.70 26.18
CA THR E 82 -7.76 -24.37 26.74
C THR E 82 -8.75 -23.39 26.13
N PRO E 83 -9.51 -22.68 26.98
CA PRO E 83 -10.50 -21.70 26.53
C PRO E 83 -9.92 -20.29 26.74
N LYS E 84 -8.74 -20.24 27.38
CA LYS E 84 -7.98 -19.02 27.68
C LYS E 84 -7.04 -19.24 28.89
N LEU E 85 -6.75 -18.18 29.65
CA LEU E 85 -5.87 -18.26 30.83
C LEU E 85 -6.58 -17.87 32.15
N GLU E 86 -7.19 -16.67 32.17
CA GLU E 86 -7.90 -16.16 33.36
C GLU E 86 -9.27 -16.80 33.55
N LYS E 87 -9.82 -17.40 32.50
CA LYS E 87 -11.12 -18.04 32.58
C LYS E 87 -11.03 -19.45 31.96
N PRO E 88 -10.10 -20.27 32.44
CA PRO E 88 -9.94 -21.63 31.92
C PRO E 88 -11.14 -22.54 32.13
N ASN E 89 -11.67 -22.54 33.35
CA ASN E 89 -12.81 -23.39 33.70
C ASN E 89 -14.14 -23.06 33.01
N GLU E 90 -14.10 -22.78 31.72
CA GLU E 90 -15.33 -22.43 31.01
C GLU E 90 -15.21 -22.47 29.48
N GLY E 91 -16.26 -21.99 28.83
CA GLY E 91 -16.29 -21.94 27.39
C GLY E 91 -16.76 -20.58 26.91
N TYR E 92 -16.07 -20.04 25.91
CA TYR E 92 -16.38 -18.73 25.33
C TYR E 92 -16.53 -18.88 23.80
N LEU E 93 -17.19 -17.93 23.16
CA LEU E 93 -17.39 -18.05 21.71
C LEU E 93 -16.50 -17.17 20.87
N GLU E 94 -16.22 -17.65 19.66
CA GLU E 94 -15.40 -16.94 18.69
C GLU E 94 -16.20 -16.66 17.44
N PHE E 95 -16.29 -15.39 17.11
CA PHE E 95 -17.03 -14.96 15.95
C PHE E 95 -16.02 -14.38 14.97
N PHE E 96 -16.04 -14.92 13.77
CA PHE E 96 -15.16 -14.44 12.71
C PHE E 96 -16.20 -14.02 11.70
N VAL E 97 -15.98 -12.87 11.07
CA VAL E 97 -16.96 -12.40 10.11
C VAL E 97 -16.33 -12.09 8.77
N ASP E 98 -17.13 -12.28 7.72
CA ASP E 98 -16.67 -12.02 6.36
C ASP E 98 -17.61 -11.19 5.52
N CYS E 99 -17.00 -10.40 4.65
CA CYS E 99 -17.70 -9.53 3.72
C CYS E 99 -17.45 -10.24 2.40
N SER E 100 -18.48 -10.29 1.57
CA SER E 100 -18.33 -10.98 0.31
C SER E 100 -18.17 -9.96 -0.78
N ALA E 101 -17.17 -10.19 -1.62
CA ALA E 101 -16.93 -9.30 -2.74
C ALA E 101 -18.24 -9.23 -3.52
N SER E 102 -19.09 -10.25 -3.34
CA SER E 102 -20.37 -10.31 -4.01
C SER E 102 -21.35 -9.53 -3.14
N ALA E 103 -20.97 -9.34 -1.88
CA ALA E 103 -21.80 -8.60 -0.94
C ALA E 103 -21.78 -7.12 -1.36
N THR E 104 -20.61 -6.48 -1.31
CA THR E 104 -20.49 -5.06 -1.68
C THR E 104 -19.90 -4.86 -3.06
N PRO E 105 -20.73 -4.48 -4.05
CA PRO E 105 -20.20 -4.27 -5.41
C PRO E 105 -19.12 -3.20 -5.30
N GLU E 106 -19.06 -2.60 -4.12
CA GLU E 106 -18.11 -1.56 -3.76
C GLU E 106 -16.88 -2.23 -3.16
N PHE E 107 -16.85 -2.27 -1.83
CA PHE E 107 -15.74 -2.86 -1.07
C PHE E 107 -15.31 -4.18 -1.68
N GLU E 108 -14.11 -4.20 -2.24
CA GLU E 108 -13.57 -5.41 -2.87
C GLU E 108 -12.66 -6.22 -1.93
N GLY E 109 -11.37 -6.27 -2.24
CA GLY E 109 -10.44 -7.04 -1.43
C GLY E 109 -10.06 -6.46 -0.08
N ARG E 110 -9.87 -5.14 -0.03
CA ARG E 110 -9.50 -4.43 1.19
C ARG E 110 -10.71 -3.60 1.68
N GLY E 111 -11.92 -4.08 1.37
CA GLY E 111 -13.13 -3.39 1.76
C GLY E 111 -13.94 -4.15 2.81
N GLY E 112 -13.67 -5.44 2.94
CA GLY E 112 -14.37 -6.23 3.94
C GLY E 112 -14.00 -5.77 5.32
N ASP E 113 -12.69 -5.53 5.53
CA ASP E 113 -12.16 -5.07 6.80
C ASP E 113 -13.11 -4.18 7.55
N ASP E 114 -13.73 -3.27 6.82
CA ASP E 114 -14.67 -2.33 7.42
C ASP E 114 -15.69 -3.03 8.30
N LEU E 115 -16.92 -3.12 7.81
CA LEU E 115 -17.99 -3.76 8.53
C LEU E 115 -17.55 -5.13 8.99
N GLY E 116 -16.68 -5.75 8.19
CA GLY E 116 -16.16 -7.07 8.49
C GLY E 116 -15.49 -7.21 9.84
N THR E 117 -14.89 -6.13 10.30
CA THR E 117 -14.22 -6.12 11.60
C THR E 117 -15.19 -5.60 12.64
N GLU E 118 -15.99 -4.63 12.24
CA GLU E 118 -16.95 -3.98 13.10
C GLU E 118 -18.05 -4.94 13.59
N ILE E 119 -18.81 -5.50 12.66
CA ILE E 119 -19.89 -6.41 13.02
C ILE E 119 -19.30 -7.60 13.77
N ALA E 120 -18.03 -7.87 13.49
CA ALA E 120 -17.31 -8.95 14.15
C ALA E 120 -17.20 -8.59 15.62
N ASN E 121 -17.10 -7.29 15.89
CA ASN E 121 -17.00 -6.79 17.25
C ASN E 121 -18.36 -6.55 17.87
N THR E 122 -19.28 -6.00 17.09
CA THR E 122 -20.63 -5.74 17.59
C THR E 122 -21.30 -7.06 18.00
N LEU E 123 -21.09 -8.11 17.21
CA LEU E 123 -21.63 -9.43 17.53
C LEU E 123 -20.73 -10.08 18.59
N TYR E 124 -19.54 -9.52 18.76
CA TYR E 124 -18.57 -10.01 19.74
C TYR E 124 -18.79 -9.49 21.16
N ARG E 125 -19.30 -8.26 21.28
CA ARG E 125 -19.56 -7.65 22.58
C ARG E 125 -20.92 -8.08 23.14
N ILE E 126 -21.94 -8.05 22.27
CA ILE E 126 -23.31 -8.41 22.65
C ILE E 126 -23.36 -9.75 23.35
N PHE E 127 -22.91 -10.77 22.64
CA PHE E 127 -22.88 -12.14 23.13
C PHE E 127 -21.82 -12.28 24.23
N ASN E 128 -20.92 -11.29 24.35
CA ASN E 128 -19.85 -11.30 25.35
C ASN E 128 -20.34 -11.06 26.76
N ASN E 129 -21.06 -9.96 26.95
CA ASN E 129 -21.60 -9.63 28.27
C ASN E 129 -22.97 -10.25 28.50
N LYS E 130 -23.67 -10.57 27.42
CA LYS E 130 -25.01 -11.15 27.52
C LYS E 130 -25.15 -12.30 28.52
N SER E 131 -24.05 -13.02 28.76
CA SER E 131 -24.03 -14.15 29.70
C SER E 131 -25.14 -15.16 29.38
N SER E 132 -25.69 -15.05 28.18
CA SER E 132 -26.73 -15.97 27.72
C SER E 132 -25.94 -17.10 27.09
N VAL E 133 -24.71 -17.25 27.58
CA VAL E 133 -23.80 -18.25 27.10
C VAL E 133 -23.52 -19.33 28.15
N ASP E 134 -23.93 -20.55 27.81
CA ASP E 134 -23.75 -21.70 28.68
C ASP E 134 -22.28 -22.01 28.86
N LEU E 135 -21.54 -21.07 29.46
CA LEU E 135 -20.10 -21.24 29.72
C LEU E 135 -19.96 -22.59 30.41
N LYS E 136 -21.12 -23.07 30.85
CA LYS E 136 -21.30 -24.36 31.50
C LYS E 136 -21.48 -25.48 30.47
N THR E 137 -22.40 -25.30 29.51
CA THR E 137 -22.63 -26.33 28.47
C THR E 137 -21.50 -26.23 27.45
N LEU E 138 -20.37 -25.70 27.90
CA LEU E 138 -19.18 -25.52 27.07
C LEU E 138 -18.04 -25.33 28.05
N CYS E 139 -17.47 -26.43 28.53
CA CYS E 139 -16.40 -26.36 29.49
C CYS E 139 -15.96 -27.78 29.82
N ILE E 140 -15.20 -28.40 28.92
CA ILE E 140 -14.74 -29.78 29.11
C ILE E 140 -14.10 -29.97 30.48
N SER E 141 -12.81 -30.26 30.47
CA SER E 141 -12.08 -30.44 31.70
C SER E 141 -11.65 -29.04 32.09
N PRO E 142 -12.41 -28.38 32.98
CA PRO E 142 -12.06 -27.01 33.40
C PRO E 142 -10.59 -26.84 33.78
N ARG E 143 -9.94 -25.85 33.16
CA ARG E 143 -8.52 -25.53 33.34
C ARG E 143 -7.66 -26.37 32.42
N GLU E 144 -8.32 -27.20 31.61
CA GLU E 144 -7.60 -28.09 30.70
C GLU E 144 -8.32 -28.12 29.36
N HIS E 145 -9.55 -28.62 29.40
CA HIS E 145 -10.33 -28.73 28.19
C HIS E 145 -11.58 -27.90 28.29
N CYS E 146 -11.93 -27.29 27.18
CA CYS E 146 -13.10 -26.44 27.11
C CYS E 146 -13.65 -26.51 25.72
N TRP E 147 -14.92 -26.15 25.59
CA TRP E 147 -15.58 -26.24 24.30
C TRP E 147 -15.52 -24.83 23.72
N VAL E 148 -15.19 -24.76 22.43
CA VAL E 148 -15.07 -23.50 21.69
C VAL E 148 -15.81 -23.62 20.36
N LEU E 149 -16.74 -22.72 20.12
CA LEU E 149 -17.51 -22.76 18.89
C LEU E 149 -17.15 -21.53 18.08
N TYR E 150 -16.97 -21.69 16.78
CA TYR E 150 -16.64 -20.56 15.94
C TYR E 150 -17.88 -20.23 15.15
N VAL E 151 -18.36 -19.02 15.33
CA VAL E 151 -19.54 -18.58 14.64
C VAL E 151 -18.93 -17.70 13.57
N ASP E 152 -19.16 -18.08 12.32
CA ASP E 152 -18.57 -17.35 11.21
C ASP E 152 -19.68 -16.79 10.37
N VAL E 153 -19.40 -15.65 9.75
CA VAL E 153 -20.40 -14.97 8.95
C VAL E 153 -19.99 -14.72 7.51
N LEU E 154 -20.98 -14.48 6.68
CA LEU E 154 -20.80 -14.19 5.27
C LEU E 154 -22.00 -13.38 4.88
N LEU E 155 -21.83 -12.42 3.98
CA LEU E 155 -22.96 -11.60 3.56
C LEU E 155 -23.04 -11.66 2.05
N LEU E 156 -24.21 -12.03 1.55
CA LEU E 156 -24.39 -12.18 0.13
C LEU E 156 -25.17 -11.08 -0.57
N GLU E 157 -25.57 -10.07 0.17
CA GLU E 157 -26.29 -8.97 -0.44
C GLU E 157 -26.64 -7.96 0.62
N CYS E 158 -27.38 -6.94 0.24
CA CYS E 158 -27.78 -5.93 1.20
C CYS E 158 -29.22 -5.49 0.98
N GLY E 159 -30.11 -5.93 1.85
CA GLY E 159 -31.52 -5.58 1.75
C GLY E 159 -31.89 -4.46 2.68
N GLY E 160 -30.89 -3.68 3.08
CA GLY E 160 -31.12 -2.58 3.98
C GLY E 160 -31.32 -3.14 5.37
N ASN E 161 -31.02 -2.33 6.39
CA ASN E 161 -31.19 -2.76 7.76
C ASN E 161 -30.44 -4.08 7.90
N LEU E 162 -29.57 -4.36 6.93
CA LEU E 162 -28.81 -5.59 6.90
C LEU E 162 -28.08 -5.85 8.22
N PHE E 163 -27.76 -4.82 8.98
CA PHE E 163 -27.05 -5.06 10.24
C PHE E 163 -27.91 -5.86 11.20
N ASP E 164 -29.23 -5.87 10.96
CA ASP E 164 -30.18 -6.61 11.79
C ASP E 164 -30.29 -8.10 11.41
N ALA E 165 -30.24 -8.39 10.11
CA ALA E 165 -30.34 -9.77 9.61
C ALA E 165 -29.33 -10.65 10.34
N ILE E 166 -28.25 -10.03 10.81
CA ILE E 166 -27.19 -10.71 11.54
C ILE E 166 -27.66 -11.01 12.95
N SER E 167 -28.64 -10.27 13.40
CA SER E 167 -29.17 -10.46 14.73
C SER E 167 -29.92 -11.79 14.72
N ILE E 168 -30.63 -12.03 13.63
CA ILE E 168 -31.42 -13.25 13.44
C ILE E 168 -30.58 -14.44 12.99
N ALA E 169 -29.84 -14.29 11.89
CA ALA E 169 -29.01 -15.38 11.44
C ALA E 169 -28.02 -15.73 12.55
N VAL E 170 -27.74 -14.76 13.45
CA VAL E 170 -26.81 -15.02 14.56
C VAL E 170 -27.44 -15.87 15.67
N LYS E 171 -28.76 -15.76 15.81
CA LYS E 171 -29.47 -16.57 16.80
C LYS E 171 -30.07 -17.81 16.11
N ALA E 172 -30.78 -17.54 15.00
CA ALA E 172 -31.47 -18.57 14.22
C ALA E 172 -30.58 -19.78 13.92
N ALA E 173 -29.28 -19.52 13.76
CA ALA E 173 -28.32 -20.58 13.49
C ALA E 173 -27.89 -21.22 14.81
N LEU E 174 -28.17 -20.55 15.93
CA LEU E 174 -27.80 -21.07 17.24
C LEU E 174 -28.71 -22.16 17.81
N PHE E 175 -30.02 -22.10 17.56
CA PHE E 175 -30.96 -23.12 18.07
C PHE E 175 -30.71 -24.48 17.40
N ASN E 176 -30.04 -24.46 16.25
CA ASN E 176 -29.68 -25.66 15.51
C ASN E 176 -28.26 -26.17 15.78
N THR E 177 -27.57 -25.51 16.70
CA THR E 177 -26.19 -25.88 17.07
C THR E 177 -26.18 -27.24 17.75
N ARG E 178 -26.54 -28.29 17.03
CA ARG E 178 -26.54 -29.62 17.63
C ARG E 178 -25.15 -30.08 18.04
N ILE E 179 -24.53 -29.39 18.99
CA ILE E 179 -23.21 -29.79 19.46
C ILE E 179 -23.27 -31.30 19.60
N PRO E 180 -22.25 -32.00 19.09
CA PRO E 180 -22.18 -33.45 19.14
C PRO E 180 -22.11 -34.04 20.55
N ARG E 181 -22.75 -35.19 20.73
CA ARG E 181 -22.70 -35.88 22.01
C ARG E 181 -21.28 -36.43 22.08
N VAL E 182 -20.40 -35.74 22.81
CA VAL E 182 -19.00 -36.17 22.92
C VAL E 182 -18.61 -36.52 24.34
N ARG E 183 -17.96 -37.67 24.48
CA ARG E 183 -17.49 -38.17 25.77
C ARG E 183 -16.00 -38.41 25.62
N VAL E 184 -15.23 -37.83 26.53
CA VAL E 184 -13.79 -37.98 26.50
C VAL E 184 -13.47 -38.77 27.75
N LEU E 185 -12.54 -39.71 27.63
CA LEU E 185 -12.16 -40.55 28.76
C LEU E 185 -10.65 -40.72 28.73
N GLU E 186 -9.95 -40.08 29.67
CA GLU E 186 -8.49 -40.13 29.73
C GLU E 186 -7.97 -41.54 29.99
N ASP E 193 -5.66 -38.80 24.94
CA ASP E 193 -6.55 -39.69 25.67
C ASP E 193 -7.48 -40.45 24.72
N ILE E 194 -8.74 -40.62 25.13
CA ILE E 194 -9.73 -41.33 24.31
C ILE E 194 -10.92 -40.41 24.00
N GLU E 195 -11.43 -40.51 22.77
CA GLU E 195 -12.56 -39.69 22.33
C GLU E 195 -13.70 -40.53 21.80
N LEU E 196 -14.90 -40.18 22.21
CA LEU E 196 -16.10 -40.88 21.78
C LEU E 196 -17.05 -39.88 21.14
N SER E 197 -17.45 -40.16 19.91
CA SER E 197 -18.35 -39.29 19.17
C SER E 197 -19.43 -40.08 18.47
N ASP E 198 -20.69 -39.81 18.83
CA ASP E 198 -21.78 -40.51 18.20
C ASP E 198 -22.47 -39.64 17.19
N ASP E 199 -22.25 -39.99 15.94
CA ASP E 199 -22.84 -39.30 14.80
C ASP E 199 -24.37 -39.47 14.86
N PRO E 200 -24.85 -40.66 15.28
CA PRO E 200 -26.30 -40.87 15.36
C PRO E 200 -26.83 -40.23 16.62
N TYR E 201 -25.99 -40.22 17.66
CA TYR E 201 -26.35 -39.64 18.95
C TYR E 201 -25.92 -38.19 19.10
N ASP E 202 -26.89 -37.31 18.81
CA ASP E 202 -26.70 -35.87 18.88
C ASP E 202 -27.55 -35.29 20.02
N CYS E 203 -27.03 -35.37 21.24
CA CYS E 203 -27.77 -34.87 22.39
C CYS E 203 -27.03 -33.81 23.24
N ILE E 204 -25.71 -33.93 23.37
CA ILE E 204 -24.93 -32.94 24.13
C ILE E 204 -24.98 -31.65 23.32
N ARG E 205 -26.20 -31.19 23.10
CA ARG E 205 -26.50 -30.01 22.32
C ARG E 205 -27.03 -28.92 23.25
N LEU E 206 -26.57 -27.70 23.00
CA LEU E 206 -26.95 -26.56 23.81
C LEU E 206 -27.56 -25.43 22.99
N SER E 207 -28.76 -25.03 23.37
CA SER E 207 -29.49 -23.96 22.72
C SER E 207 -30.47 -23.36 23.72
N VAL E 208 -30.36 -22.06 23.98
CA VAL E 208 -31.25 -21.41 24.94
C VAL E 208 -31.74 -20.08 24.41
N GLU E 209 -32.95 -19.69 24.82
CA GLU E 209 -33.53 -18.40 24.38
C GLU E 209 -33.07 -17.22 25.23
N ASN E 210 -31.90 -17.37 25.85
CA ASN E 210 -31.31 -16.33 26.67
C ASN E 210 -30.57 -15.48 25.64
N VAL E 211 -30.34 -16.07 24.47
CA VAL E 211 -29.64 -15.44 23.38
C VAL E 211 -30.16 -14.07 22.99
N PRO E 212 -29.27 -13.05 23.05
CA PRO E 212 -29.51 -11.64 22.74
C PRO E 212 -29.80 -11.41 21.26
N CYS E 213 -30.04 -10.15 20.91
CA CYS E 213 -30.36 -9.74 19.54
C CYS E 213 -30.09 -8.25 19.28
N ILE E 214 -30.26 -7.80 18.04
CA ILE E 214 -30.02 -6.40 17.65
C ILE E 214 -31.28 -5.66 17.19
N VAL E 215 -31.49 -4.45 17.69
CA VAL E 215 -32.60 -3.63 17.24
C VAL E 215 -32.07 -2.25 16.99
N THR E 216 -32.32 -1.77 15.79
CA THR E 216 -31.80 -0.49 15.37
C THR E 216 -32.89 0.52 15.11
N LEU E 217 -32.54 1.78 15.31
CA LEU E 217 -33.48 2.85 15.07
C LEU E 217 -32.69 3.99 14.47
N CYS E 218 -33.03 4.32 13.24
CA CYS E 218 -32.37 5.42 12.55
C CYS E 218 -33.54 6.35 12.43
N LYS E 219 -33.28 7.64 12.41
CA LYS E 219 -34.35 8.60 12.35
C LYS E 219 -34.48 9.11 10.93
N ILE E 220 -35.72 9.40 10.55
CA ILE E 220 -36.04 9.92 9.22
C ILE E 220 -36.86 11.21 9.43
N GLY E 221 -36.45 12.00 10.44
CA GLY E 221 -37.11 13.24 10.81
C GLY E 221 -37.30 13.17 12.31
N TYR E 222 -38.51 12.83 12.75
CA TYR E 222 -38.76 12.63 14.17
C TYR E 222 -39.51 11.31 14.18
N ARG E 223 -39.82 10.85 12.98
CA ARG E 223 -40.49 9.58 12.78
C ARG E 223 -39.32 8.65 12.54
N HIS E 224 -38.92 7.90 13.57
CA HIS E 224 -37.75 7.03 13.46
C HIS E 224 -38.23 5.62 13.09
N VAL E 225 -37.43 4.95 12.26
CA VAL E 225 -37.79 3.62 11.80
C VAL E 225 -36.73 2.53 12.06
N VAL E 226 -37.19 1.28 11.99
CA VAL E 226 -36.33 0.11 12.11
C VAL E 226 -36.63 -0.65 10.83
N ASP E 227 -35.61 -1.33 10.31
CA ASP E 227 -35.73 -2.06 9.05
C ASP E 227 -36.36 -1.22 7.95
N ALA E 228 -35.50 -0.40 7.34
CA ALA E 228 -35.86 0.51 6.26
C ALA E 228 -34.80 0.38 5.17
N THR E 229 -35.25 0.31 3.91
CA THR E 229 -34.33 0.17 2.78
C THR E 229 -33.20 1.16 2.90
N LEU E 230 -32.15 0.90 2.14
CA LEU E 230 -31.00 1.79 2.16
C LEU E 230 -31.45 3.13 1.68
N GLN E 231 -32.22 3.15 0.59
CA GLN E 231 -32.70 4.40 0.02
C GLN E 231 -33.15 5.23 1.21
N GLU E 232 -33.69 4.55 2.20
CA GLU E 232 -34.20 5.17 3.41
C GLU E 232 -33.14 5.58 4.44
N GLU E 233 -32.22 4.69 4.80
CA GLU E 233 -31.18 5.05 5.79
C GLU E 233 -30.48 6.27 5.28
N ALA E 234 -30.46 6.38 3.95
CA ALA E 234 -29.85 7.47 3.21
C ALA E 234 -30.32 8.83 3.73
N CYS E 235 -31.49 8.85 4.36
CA CYS E 235 -32.03 10.07 4.91
C CYS E 235 -31.93 10.03 6.44
N SER E 236 -30.70 10.17 6.95
CA SER E 236 -30.43 10.14 8.39
C SER E 236 -28.93 10.23 8.69
N LEU E 237 -28.61 10.65 9.90
CA LEU E 237 -27.22 10.79 10.33
C LEU E 237 -26.84 9.75 11.40
N ALA E 238 -27.85 9.31 12.15
CA ALA E 238 -27.62 8.34 13.22
C ALA E 238 -28.78 7.38 13.44
N SER E 239 -28.45 6.27 14.08
CA SER E 239 -29.40 5.22 14.37
C SER E 239 -29.09 4.70 15.76
N LEU E 240 -30.02 3.96 16.35
CA LEU E 240 -29.80 3.43 17.69
C LEU E 240 -29.62 1.93 17.73
N LEU E 241 -28.68 1.52 18.57
CA LEU E 241 -28.34 0.13 18.74
C LEU E 241 -28.96 -0.34 20.04
N VAL E 242 -29.79 -1.36 19.93
CA VAL E 242 -30.48 -1.91 21.08
C VAL E 242 -30.46 -3.42 20.98
N SER E 243 -30.40 -4.09 22.12
CA SER E 243 -30.37 -5.55 22.15
C SER E 243 -31.32 -6.10 23.22
N VAL E 244 -32.15 -7.07 22.83
CA VAL E 244 -33.12 -7.70 23.75
C VAL E 244 -33.12 -9.25 23.64
N THR E 245 -33.47 -9.93 24.72
CA THR E 245 -33.48 -11.40 24.78
C THR E 245 -34.91 -11.86 24.64
N SER E 246 -35.09 -13.15 24.38
CA SER E 246 -36.41 -13.76 24.27
C SER E 246 -37.51 -12.77 24.65
N LYS E 247 -37.46 -12.28 25.89
CA LYS E 247 -38.45 -11.31 26.37
C LYS E 247 -37.88 -9.88 26.23
N GLY E 248 -37.29 -9.35 27.29
CA GLY E 248 -36.77 -8.00 27.22
C GLY E 248 -35.72 -7.56 28.23
N VAL E 249 -34.48 -8.00 28.03
CA VAL E 249 -33.34 -7.64 28.87
C VAL E 249 -32.50 -6.85 27.86
N VAL E 250 -31.42 -6.24 28.27
CA VAL E 250 -30.65 -5.52 27.27
C VAL E 250 -29.19 -5.97 27.18
N THR E 251 -28.72 -6.11 25.95
CA THR E 251 -27.37 -6.53 25.64
C THR E 251 -26.74 -5.25 25.16
N CYS E 252 -25.63 -5.36 24.44
CA CYS E 252 -24.99 -4.14 24.02
C CYS E 252 -25.97 -3.34 23.18
N MET E 253 -26.10 -2.09 23.58
CA MET E 253 -26.96 -1.15 22.91
C MET E 253 -26.08 0.10 22.80
N ARG E 254 -26.15 0.78 21.67
CA ARG E 254 -25.34 1.97 21.44
C ARG E 254 -26.00 2.93 20.48
N LYS E 255 -25.45 4.12 20.39
CA LYS E 255 -25.94 5.14 19.49
C LYS E 255 -24.94 5.09 18.35
N VAL E 256 -25.41 4.97 17.12
CA VAL E 256 -24.50 4.92 15.97
C VAL E 256 -24.82 5.96 14.91
N GLY E 257 -23.92 6.92 14.77
CA GLY E 257 -24.12 7.99 13.81
C GLY E 257 -22.97 8.96 13.72
N LYS E 258 -23.06 9.82 12.71
CA LYS E 258 -22.08 10.88 12.50
C LYS E 258 -22.74 12.17 12.98
N GLY E 259 -24.05 12.12 13.23
CA GLY E 259 -24.78 13.28 13.70
C GLY E 259 -25.01 13.19 15.20
N SER E 260 -26.08 13.82 15.68
CA SER E 260 -26.41 13.78 17.11
C SER E 260 -27.91 13.68 17.37
N LEU E 261 -28.25 13.40 18.62
CA LEU E 261 -29.65 13.28 19.00
C LEU E 261 -29.90 13.95 20.33
N ASP E 262 -31.15 13.90 20.78
CA ASP E 262 -31.60 14.48 22.05
C ASP E 262 -32.03 13.35 23.02
N PRO E 263 -31.31 13.22 24.17
CA PRO E 263 -31.60 12.19 25.18
C PRO E 263 -33.07 11.93 25.50
N GLU E 264 -33.85 12.99 25.68
CA GLU E 264 -35.28 12.84 25.95
C GLU E 264 -35.83 11.92 24.87
N SER E 265 -35.36 12.16 23.64
CA SER E 265 -35.76 11.39 22.48
C SER E 265 -35.11 10.01 22.49
N ILE E 266 -34.14 9.80 23.37
CA ILE E 266 -33.44 8.52 23.46
C ILE E 266 -34.27 7.44 24.15
N PHE E 267 -34.87 7.78 25.28
CA PHE E 267 -35.66 6.81 26.01
C PHE E 267 -36.86 6.33 25.25
N GLU E 268 -37.34 7.11 24.29
CA GLU E 268 -38.50 6.73 23.48
C GLU E 268 -38.06 5.65 22.50
N MET E 269 -37.02 5.95 21.74
CA MET E 269 -36.49 4.99 20.78
C MET E 269 -36.04 3.82 21.60
N MET E 270 -35.36 4.13 22.70
CA MET E 270 -34.83 3.13 23.61
C MET E 270 -35.85 2.07 23.93
N GLU E 271 -37.06 2.49 24.30
CA GLU E 271 -38.09 1.53 24.63
C GLU E 271 -38.61 0.86 23.39
N THR E 272 -38.55 1.56 22.26
CA THR E 272 -39.00 0.98 21.00
C THR E 272 -38.25 -0.34 20.93
N GLY E 273 -37.14 -0.41 21.67
CA GLY E 273 -36.30 -1.59 21.69
C GLY E 273 -36.92 -2.82 22.33
N LYS E 274 -37.41 -2.69 23.56
CA LYS E 274 -38.03 -3.85 24.21
C LYS E 274 -39.41 -4.04 23.58
N ARG E 275 -40.01 -2.92 23.18
CA ARG E 275 -41.35 -2.88 22.60
C ARG E 275 -41.54 -3.50 21.23
N VAL E 276 -40.84 -3.00 20.21
CA VAL E 276 -41.03 -3.55 18.87
C VAL E 276 -40.20 -4.80 18.61
N GLY E 277 -39.02 -4.88 19.23
CA GLY E 277 -38.16 -6.03 18.99
C GLY E 277 -38.79 -7.38 19.27
N LYS E 278 -39.27 -7.55 20.50
CA LYS E 278 -39.87 -8.81 20.90
C LYS E 278 -40.96 -9.28 19.97
N VAL E 279 -41.55 -8.37 19.19
CA VAL E 279 -42.64 -8.72 18.28
C VAL E 279 -42.30 -9.85 17.32
N LEU E 280 -41.55 -9.54 16.27
CA LEU E 280 -41.18 -10.55 15.31
C LEU E 280 -39.96 -11.26 15.87
N HIS E 281 -39.42 -10.74 16.97
CA HIS E 281 -38.29 -11.39 17.64
C HIS E 281 -38.88 -12.63 18.32
N ALA E 282 -40.08 -12.48 18.84
CA ALA E 282 -40.75 -13.59 19.48
C ALA E 282 -41.31 -14.50 18.39
N SER E 283 -42.00 -13.91 17.41
CA SER E 283 -42.59 -14.69 16.31
C SER E 283 -41.55 -15.50 15.54
N LEU E 284 -40.32 -15.00 15.46
CA LEU E 284 -39.24 -15.72 14.78
C LEU E 284 -38.59 -16.73 15.72
N GLN E 285 -38.24 -16.28 16.92
CA GLN E 285 -37.58 -17.13 17.91
C GLN E 285 -38.30 -18.47 18.02
N SER E 286 -39.53 -18.50 17.51
CA SER E 286 -40.39 -19.67 17.48
C SER E 286 -40.20 -20.54 16.23
N VAL E 287 -40.19 -19.89 15.08
CA VAL E 287 -40.06 -20.59 13.80
C VAL E 287 -38.97 -21.66 13.82
N VAL E 288 -37.99 -21.53 14.71
CA VAL E 288 -36.91 -22.53 14.82
C VAL E 288 -37.55 -23.90 14.98
N HIS E 289 -38.74 -23.93 15.58
CA HIS E 289 -39.45 -25.17 15.78
C HIS E 289 -40.26 -25.54 14.56
N LYS E 290 -40.82 -24.53 13.88
CA LYS E 290 -41.62 -24.75 12.69
C LYS E 290 -40.90 -25.64 11.69
N GLU E 291 -39.57 -25.48 11.59
CA GLU E 291 -38.78 -26.31 10.68
C GLU E 291 -38.48 -27.64 11.35
N GLU E 292 -38.35 -27.61 12.67
CA GLU E 292 -38.06 -28.81 13.44
C GLU E 292 -39.27 -29.74 13.58
N SER E 293 -40.48 -29.20 13.40
CA SER E 293 -41.70 -30.02 13.51
C SER E 293 -42.23 -30.68 12.22
N LEU E 294 -42.35 -29.91 11.14
CA LEU E 294 -42.86 -30.48 9.88
C LEU E 294 -41.74 -31.16 9.12
N GLY E 295 -40.76 -31.70 9.83
CA GLY E 295 -39.67 -32.37 9.16
C GLY E 295 -38.56 -32.96 10.02
N PRO E 296 -38.84 -34.01 10.81
CA PRO E 296 -37.78 -34.62 11.64
C PRO E 296 -36.86 -35.46 10.74
N LYS E 297 -37.37 -35.73 9.54
CA LYS E 297 -36.70 -36.52 8.49
C LYS E 297 -37.23 -36.10 7.09
N ARG E 298 -38.08 -35.07 7.07
CA ARG E 298 -38.67 -34.52 5.84
C ARG E 298 -37.86 -33.30 5.38
N GLN E 299 -37.77 -32.29 6.24
CA GLN E 299 -37.00 -31.09 5.94
C GLN E 299 -37.45 -30.44 4.63
N GLY F 29 -14.01 -1.63 48.73
CA GLY F 29 -14.35 -0.21 49.06
C GLY F 29 -15.32 0.41 48.06
N THR F 30 -16.06 1.43 48.52
CA THR F 30 -17.05 2.14 47.69
C THR F 30 -17.24 3.59 48.12
N ARG F 31 -17.85 4.38 47.24
CA ARG F 31 -18.11 5.79 47.51
C ARG F 31 -19.48 6.24 47.00
N ASP F 32 -19.65 7.55 46.89
CA ASP F 32 -20.91 8.17 46.46
C ASP F 32 -21.65 7.51 45.31
N PRO F 33 -22.92 7.88 45.13
CA PRO F 33 -23.75 7.33 44.06
C PRO F 33 -23.66 8.33 42.90
N THR F 34 -22.60 9.13 42.92
CA THR F 34 -22.35 10.14 41.89
C THR F 34 -21.04 10.92 42.06
N ARG F 35 -20.23 10.55 43.05
CA ARG F 35 -18.95 11.25 43.29
C ARG F 35 -18.05 11.26 42.07
N LEU F 36 -17.25 12.32 41.96
CA LEU F 36 -16.30 12.48 40.86
C LEU F 36 -14.88 12.54 41.41
N ARG F 37 -13.96 11.90 40.71
CA ARG F 37 -12.56 11.89 41.12
C ARG F 37 -12.09 13.32 40.92
N PRO F 38 -10.77 13.57 40.98
CA PRO F 38 -10.41 14.97 40.77
C PRO F 38 -10.31 15.25 39.28
N VAL F 39 -10.78 16.41 38.86
CA VAL F 39 -10.78 16.76 37.45
C VAL F 39 -9.62 17.70 37.16
N TYR F 40 -8.62 17.18 36.46
CA TYR F 40 -7.43 17.95 36.08
C TYR F 40 -7.24 17.97 34.56
N ALA F 41 -7.10 19.16 34.02
CA ALA F 41 -6.93 19.31 32.59
C ALA F 41 -6.18 20.58 32.19
N ARG F 42 -5.08 20.39 31.47
CA ARG F 42 -4.29 21.51 30.96
C ARG F 42 -4.10 21.15 29.47
N ALA F 43 -4.65 21.98 28.59
CA ALA F 43 -4.60 21.73 27.14
C ALA F 43 -3.80 22.78 26.38
N GLY F 44 -3.36 22.41 25.18
CA GLY F 44 -2.55 23.30 24.39
C GLY F 44 -1.16 22.81 24.66
N LEU F 45 -1.10 21.94 25.68
CA LEU F 45 0.12 21.29 26.16
C LEU F 45 1.04 20.90 25.01
N LEU F 46 0.43 20.39 23.94
CA LEU F 46 1.17 19.97 22.75
C LEU F 46 1.61 21.18 21.95
N SER F 47 2.93 21.32 21.83
CA SER F 47 3.54 22.42 21.11
C SER F 47 3.70 22.13 19.62
N GLN F 48 3.65 20.84 19.24
CA GLN F 48 3.78 20.43 17.85
C GLN F 48 2.45 20.35 17.11
N ALA F 49 1.40 19.92 17.81
CA ALA F 49 0.07 19.83 17.24
C ALA F 49 -0.65 21.18 17.34
N LYS F 50 -1.52 21.44 16.38
CA LYS F 50 -2.26 22.69 16.30
C LYS F 50 -3.29 22.81 17.42
N GLY F 51 -3.90 21.67 17.75
CA GLY F 51 -4.89 21.64 18.80
C GLY F 51 -4.42 20.61 19.80
N SER F 52 -4.37 21.01 21.06
CA SER F 52 -3.91 20.10 22.10
C SER F 52 -4.97 19.84 23.16
N ALA F 53 -4.81 18.72 23.83
CA ALA F 53 -5.73 18.33 24.86
C ALA F 53 -5.05 17.34 25.80
N TYR F 54 -5.41 17.38 27.07
CA TYR F 54 -4.85 16.44 28.01
C TYR F 54 -5.88 16.20 29.10
N LEU F 55 -5.73 15.08 29.80
CA LEU F 55 -6.66 14.76 30.86
C LEU F 55 -6.02 14.10 32.06
N GLU F 56 -6.83 14.03 33.09
CA GLU F 56 -6.42 13.42 34.34
C GLU F 56 -7.71 12.91 34.97
N ALA F 57 -7.59 11.89 35.82
CA ALA F 57 -8.76 11.33 36.48
C ALA F 57 -8.27 10.44 37.61
N GLY F 58 -7.21 10.88 38.27
CA GLY F 58 -6.64 10.10 39.34
C GLY F 58 -6.27 8.71 38.87
N GLY F 59 -5.87 8.61 37.60
CA GLY F 59 -5.49 7.32 37.03
C GLY F 59 -5.50 7.29 35.51
N THR F 60 -6.08 8.33 34.90
CA THR F 60 -6.15 8.39 33.46
C THR F 60 -5.40 9.62 32.93
N LYS F 61 -4.75 9.45 31.78
CA LYS F 61 -4.02 10.51 31.10
C LYS F 61 -4.29 10.27 29.60
N VAL F 62 -5.05 11.15 28.98
CA VAL F 62 -5.38 11.00 27.56
C VAL F 62 -4.99 12.24 26.78
N LEU F 63 -4.08 12.06 25.82
CA LEU F 63 -3.54 13.15 25.00
C LEU F 63 -4.15 13.14 23.63
N CYS F 64 -4.35 14.32 23.08
CA CYS F 64 -4.94 14.44 21.76
C CYS F 64 -4.21 15.48 20.91
N ALA F 65 -3.68 15.04 19.78
CA ALA F 65 -2.97 15.91 18.86
C ALA F 65 -3.88 15.93 17.65
N VAL F 66 -4.30 17.13 17.26
CA VAL F 66 -5.19 17.25 16.13
C VAL F 66 -4.45 17.92 15.00
N SER F 67 -4.83 17.57 13.78
CA SER F 67 -4.19 18.12 12.59
C SER F 67 -5.20 18.87 11.73
N GLY F 68 -4.78 20.07 11.31
CA GLY F 68 -5.61 20.95 10.50
C GLY F 68 -6.44 20.36 9.39
N PRO F 69 -6.81 21.18 8.41
CA PRO F 69 -7.63 20.65 7.33
C PRO F 69 -6.76 20.53 6.08
N ARG F 70 -6.85 19.39 5.43
CA ARG F 70 -6.09 19.14 4.21
C ARG F 70 -7.00 18.37 3.27
N GLN F 71 -6.64 18.34 1.98
CA GLN F 71 -7.44 17.64 0.97
C GLN F 71 -6.93 16.22 0.63
N ALA F 72 -7.82 15.24 0.78
CA ALA F 72 -7.51 13.83 0.50
C ALA F 72 -8.79 12.97 0.53
N LEU F 92 -19.20 16.48 -1.53
CA LEU F 92 -18.15 17.41 -1.96
C LEU F 92 -17.62 18.19 -0.75
N ARG F 93 -18.13 17.84 0.43
CA ARG F 93 -17.71 18.48 1.68
C ARG F 93 -16.98 17.42 2.52
N GLY F 94 -15.68 17.63 2.71
CA GLY F 94 -14.89 16.69 3.48
C GLY F 94 -15.41 16.41 4.87
N ARG F 95 -14.67 15.62 5.64
CA ARG F 95 -15.08 15.29 7.00
C ARG F 95 -13.91 15.35 7.98
N LEU F 96 -13.95 14.48 8.97
CA LEU F 96 -12.95 14.42 10.02
C LEU F 96 -12.22 13.09 10.10
N LEU F 97 -11.01 13.15 10.65
CA LEU F 97 -10.21 11.97 10.84
C LEU F 97 -9.89 11.94 12.31
N CYS F 98 -10.00 10.77 12.90
CA CYS F 98 -9.74 10.58 14.31
C CYS F 98 -9.05 9.24 14.41
N ASP F 99 -8.22 9.06 15.44
CA ASP F 99 -7.53 7.79 15.63
C ASP F 99 -7.42 7.42 17.10
N PHE F 100 -7.36 6.13 17.38
CA PHE F 100 -7.25 5.70 18.75
C PHE F 100 -6.07 4.76 18.99
N ARG F 101 -5.44 4.92 20.15
CA ARG F 101 -4.30 4.10 20.53
C ARG F 101 -4.22 4.03 22.05
N ARG F 102 -3.69 2.93 22.56
CA ARG F 102 -3.57 2.75 23.99
C ARG F 102 -2.14 2.37 24.28
N ALA F 103 -1.49 3.18 25.10
CA ALA F 103 -0.11 2.97 25.48
C ALA F 103 0.26 1.48 25.54
N PRO F 104 1.44 1.13 25.02
CA PRO F 104 1.96 -0.23 24.99
C PRO F 104 2.38 -0.63 26.40
N PHE F 105 2.06 0.23 27.35
CA PHE F 105 2.39 -0.03 28.75
C PHE F 105 1.30 0.52 29.64
N ALA F 106 0.10 0.67 29.05
CA ALA F 106 -1.06 1.21 29.74
C ALA F 106 -1.75 0.17 30.63
N GLY F 107 -1.10 -0.19 31.75
CA GLY F 107 -1.69 -1.17 32.67
C GLY F 107 -0.73 -1.98 33.53
N ARG F 108 -0.78 -3.29 33.35
CA ARG F 108 0.07 -4.22 34.11
C ARG F 108 0.65 -5.16 33.06
N ARG F 109 -0.14 -5.37 32.00
CA ARG F 109 0.26 -6.22 30.87
C ARG F 109 0.70 -5.29 29.74
N ARG F 110 1.45 -5.81 28.76
CA ARG F 110 1.99 -4.98 27.68
C ARG F 110 1.55 -5.25 26.23
N ARG F 111 0.50 -4.53 25.81
CA ARG F 111 -0.05 -4.64 24.46
C ARG F 111 0.82 -3.80 23.53
N ALA F 112 1.80 -4.44 22.89
CA ALA F 112 2.72 -3.74 21.99
C ALA F 112 2.14 -3.32 20.63
N PRO F 113 1.74 -4.29 19.78
CA PRO F 113 1.19 -3.93 18.47
C PRO F 113 -0.08 -3.08 18.54
N PRO F 114 -0.15 -2.02 17.71
CA PRO F 114 -1.35 -1.17 17.74
C PRO F 114 -2.58 -2.00 17.42
N GLY F 115 -3.06 -2.74 18.43
CA GLY F 115 -4.23 -3.60 18.27
C GLY F 115 -5.30 -3.06 17.35
N GLY F 116 -5.15 -3.34 16.06
CA GLY F 116 -6.08 -2.86 15.06
C GLY F 116 -7.56 -3.02 15.35
N CYS F 117 -7.93 -4.11 16.01
CA CYS F 117 -9.33 -4.37 16.36
C CYS F 117 -9.74 -3.53 17.55
N GLU F 118 -8.92 -3.61 18.58
CA GLU F 118 -9.18 -2.88 19.80
C GLU F 118 -9.52 -1.44 19.44
N GLU F 119 -8.52 -0.73 18.96
CA GLU F 119 -8.68 0.66 18.59
C GLU F 119 -9.64 0.85 17.42
N ARG F 120 -9.76 -0.18 16.59
CA ARG F 120 -10.61 -0.13 15.41
C ARG F 120 -11.94 0.50 15.79
N GLU F 121 -12.53 -0.04 16.84
CA GLU F 121 -13.82 0.43 17.34
C GLU F 121 -13.68 1.68 18.20
N LEU F 122 -12.72 1.66 19.13
CA LEU F 122 -12.48 2.78 20.05
C LEU F 122 -12.24 4.10 19.31
N ALA F 123 -11.48 4.05 18.23
CA ALA F 123 -11.21 5.23 17.44
C ALA F 123 -12.44 5.57 16.60
N LEU F 124 -13.02 4.56 15.96
CA LEU F 124 -14.19 4.76 15.11
C LEU F 124 -15.39 5.36 15.83
N ALA F 125 -15.85 4.69 16.87
CA ALA F 125 -16.98 5.19 17.64
C ALA F 125 -16.62 6.60 18.07
N LEU F 126 -15.40 6.75 18.60
CA LEU F 126 -14.92 8.05 19.04
C LEU F 126 -15.13 9.01 17.90
N GLN F 127 -14.78 8.57 16.70
CA GLN F 127 -14.96 9.45 15.58
C GLN F 127 -16.44 9.73 15.40
N GLU F 128 -17.28 8.71 15.45
CA GLU F 128 -18.73 8.91 15.28
C GLU F 128 -19.30 9.81 16.35
N ALA F 129 -18.70 9.73 17.54
CA ALA F 129 -19.13 10.49 18.69
C ALA F 129 -18.75 11.97 18.57
N LEU F 130 -17.46 12.25 18.49
CA LEU F 130 -17.02 13.62 18.37
C LEU F 130 -17.50 14.13 17.01
N GLU F 131 -17.75 13.20 16.11
CA GLU F 131 -18.14 13.48 14.74
C GLU F 131 -19.17 14.53 14.43
N PRO F 132 -20.24 14.63 15.22
CA PRO F 132 -21.22 15.67 14.88
C PRO F 132 -20.79 17.03 15.41
N ALA F 133 -19.90 16.99 16.41
CA ALA F 133 -19.36 18.16 17.13
C ALA F 133 -18.81 19.33 16.31
N VAL F 134 -18.07 19.04 15.25
CA VAL F 134 -17.50 20.08 14.41
C VAL F 134 -18.31 20.22 13.13
N ARG F 135 -18.20 21.37 12.46
CA ARG F 135 -18.91 21.61 11.22
C ARG F 135 -18.15 20.91 10.09
N LEU F 136 -18.68 20.95 8.88
CA LEU F 136 -17.98 20.32 7.76
C LEU F 136 -18.03 21.20 6.50
N GLY F 137 -18.85 22.23 6.54
CA GLY F 137 -18.98 23.13 5.40
C GLY F 137 -17.86 24.13 5.27
N ARG F 138 -17.02 24.24 6.28
CA ARG F 138 -15.91 25.17 6.23
C ARG F 138 -14.71 24.40 5.74
N TYR F 139 -14.93 23.12 5.50
CA TYR F 139 -13.87 22.24 5.04
C TYR F 139 -14.35 21.37 3.90
N PRO F 140 -14.92 21.97 2.84
CA PRO F 140 -15.37 21.13 1.75
C PRO F 140 -14.09 20.53 1.19
N ARG F 141 -14.17 19.36 0.57
CA ARG F 141 -12.97 18.74 -0.01
C ARG F 141 -11.81 18.90 0.97
N ALA F 142 -12.09 18.68 2.24
CA ALA F 142 -11.06 18.80 3.25
C ALA F 142 -11.25 17.69 4.28
N GLN F 143 -10.24 17.46 5.09
CA GLN F 143 -10.30 16.44 6.11
C GLN F 143 -9.34 16.80 7.23
N LEU F 144 -9.79 16.67 8.47
CA LEU F 144 -8.93 17.00 9.59
C LEU F 144 -8.68 15.74 10.33
N GLU F 145 -7.52 15.64 10.94
CA GLU F 145 -7.22 14.44 11.66
C GLU F 145 -7.17 14.74 13.13
N VAL F 146 -7.57 13.75 13.92
CA VAL F 146 -7.56 13.87 15.37
C VAL F 146 -6.87 12.61 15.85
N SER F 147 -5.82 12.77 16.66
CA SER F 147 -5.11 11.60 17.20
C SER F 147 -5.20 11.64 18.72
N ALA F 148 -5.33 10.46 19.34
CA ALA F 148 -5.45 10.34 20.79
C ALA F 148 -4.87 9.04 21.32
N LEU F 149 -4.09 9.17 22.39
CA LEU F 149 -3.46 8.03 23.02
C LEU F 149 -3.83 8.03 24.47
N LEU F 150 -3.95 6.84 25.04
CA LEU F 150 -4.28 6.73 26.45
C LEU F 150 -3.03 6.13 27.08
N LEU F 151 -2.34 6.95 27.85
CA LEU F 151 -1.14 6.52 28.51
C LEU F 151 -1.61 5.59 29.63
N GLU F 152 -2.71 5.98 30.28
CA GLU F 152 -3.28 5.21 31.38
C GLU F 152 -4.82 5.04 31.31
N ASP F 153 -5.34 3.98 31.94
CA ASP F 153 -6.78 3.73 31.95
C ASP F 153 -7.34 3.75 33.37
N GLY F 154 -7.88 4.90 33.75
CA GLY F 154 -8.45 5.05 35.07
C GLY F 154 -9.92 4.69 34.96
N GLY F 155 -10.19 3.44 34.62
CA GLY F 155 -11.55 2.95 34.49
C GLY F 155 -12.31 3.57 33.34
N SER F 156 -12.65 4.85 33.50
CA SER F 156 -13.39 5.56 32.47
C SER F 156 -12.54 6.13 31.35
N ALA F 157 -11.22 5.87 31.42
CA ALA F 157 -10.29 6.38 30.41
C ALA F 157 -10.90 6.40 29.00
N LEU F 158 -11.98 5.66 28.80
CA LEU F 158 -12.68 5.64 27.52
C LEU F 158 -13.24 7.03 27.22
N ALA F 159 -13.98 7.57 28.18
CA ALA F 159 -14.55 8.89 28.02
C ALA F 159 -13.38 9.87 28.10
N ALA F 160 -12.41 9.56 28.98
CA ALA F 160 -11.21 10.40 29.18
C ALA F 160 -10.71 10.81 27.82
N ALA F 161 -10.83 9.89 26.88
CA ALA F 161 -10.41 10.15 25.52
C ALA F 161 -11.46 11.04 24.85
N LEU F 162 -12.72 10.62 24.87
CA LEU F 162 -13.80 11.38 24.25
C LEU F 162 -13.74 12.84 24.68
N THR F 163 -13.26 13.05 25.90
CA THR F 163 -13.12 14.38 26.50
C THR F 163 -11.84 15.07 26.03
N ALA F 164 -10.70 14.46 26.35
CA ALA F 164 -9.39 15.02 26.01
C ALA F 164 -9.39 15.51 24.57
N ALA F 165 -9.83 14.66 23.66
CA ALA F 165 -9.88 15.02 22.25
C ALA F 165 -10.64 16.34 22.06
N ALA F 166 -11.84 16.42 22.62
CA ALA F 166 -12.66 17.62 22.48
C ALA F 166 -11.79 18.86 22.59
N LEU F 167 -10.81 18.82 23.50
CA LEU F 167 -9.93 19.97 23.71
C LEU F 167 -9.11 20.33 22.49
N ALA F 168 -8.24 19.43 22.08
CA ALA F 168 -7.38 19.69 20.95
C ALA F 168 -8.16 20.29 19.80
N LEU F 169 -9.47 20.03 19.76
CA LEU F 169 -10.32 20.54 18.70
C LEU F 169 -10.39 22.06 18.70
N ALA F 170 -11.17 22.60 19.62
CA ALA F 170 -11.27 24.04 19.74
C ALA F 170 -9.90 24.55 20.14
N ASP F 171 -9.18 23.75 20.93
CA ASP F 171 -7.85 24.16 21.36
C ASP F 171 -7.18 24.57 20.07
N ALA F 172 -7.32 23.71 19.06
CA ALA F 172 -6.79 24.01 17.73
C ALA F 172 -7.63 25.16 17.22
N GLY F 173 -8.95 25.06 17.44
CA GLY F 173 -9.85 26.10 17.00
C GLY F 173 -10.57 25.69 15.74
N VAL F 174 -11.33 24.62 15.83
CA VAL F 174 -12.06 24.14 14.67
C VAL F 174 -13.48 24.68 14.65
N GLU F 175 -14.19 24.35 13.58
CA GLU F 175 -15.57 24.78 13.40
C GLU F 175 -16.56 23.86 14.08
N MET F 176 -16.43 23.70 15.38
CA MET F 176 -17.35 22.86 16.13
C MET F 176 -18.57 23.69 16.50
N TYR F 177 -19.60 23.02 17.00
CA TYR F 177 -20.84 23.68 17.41
C TYR F 177 -20.99 23.67 18.94
N ASP F 178 -21.02 22.47 19.47
CA ASP F 178 -21.19 22.24 20.90
C ASP F 178 -19.96 21.45 21.33
N LEU F 179 -19.80 21.25 22.63
CA LEU F 179 -18.67 20.49 23.12
C LEU F 179 -19.23 19.11 23.43
N VAL F 180 -18.41 18.09 23.29
CA VAL F 180 -18.86 16.72 23.52
C VAL F 180 -18.32 16.28 24.87
N VAL F 181 -19.23 15.83 25.73
CA VAL F 181 -18.83 15.40 27.06
C VAL F 181 -19.18 13.93 27.33
N GLY F 182 -18.18 13.20 27.80
CA GLY F 182 -18.34 11.80 28.09
C GLY F 182 -17.92 11.50 29.51
N CYS F 183 -18.49 10.44 30.07
CA CYS F 183 -18.22 10.03 31.43
C CYS F 183 -18.34 8.51 31.60
N GLY F 184 -18.03 8.04 32.80
CA GLY F 184 -18.15 6.62 33.07
C GLY F 184 -19.35 6.41 33.96
N LEU F 185 -19.98 5.26 33.85
CA LEU F 185 -21.14 4.95 34.67
C LEU F 185 -21.20 3.43 34.72
N SER F 186 -21.11 2.88 35.93
CA SER F 186 -21.13 1.43 36.18
C SER F 186 -22.19 0.94 37.18
N LEU F 187 -22.51 -0.36 37.14
CA LEU F 187 -23.49 -0.91 38.06
C LEU F 187 -22.73 -1.90 38.94
N ALA F 188 -22.58 -1.52 40.21
CA ALA F 188 -21.85 -2.33 41.18
C ALA F 188 -22.20 -3.82 41.11
N PRO F 189 -21.36 -4.66 41.72
CA PRO F 189 -21.61 -6.11 41.72
C PRO F 189 -22.79 -6.41 42.65
N GLY F 190 -23.16 -5.41 43.44
CA GLY F 190 -24.25 -5.50 44.40
C GLY F 190 -25.34 -6.52 44.13
N PRO F 191 -25.95 -7.08 45.19
CA PRO F 191 -27.02 -8.08 45.03
C PRO F 191 -28.12 -7.51 44.13
N ALA F 192 -28.93 -6.63 44.71
CA ALA F 192 -30.00 -5.99 43.97
C ALA F 192 -29.34 -4.90 43.12
N PRO F 193 -30.10 -4.23 42.25
CA PRO F 193 -29.48 -3.19 41.44
C PRO F 193 -28.75 -2.09 42.20
N THR F 194 -27.45 -2.28 42.40
CA THR F 194 -26.60 -1.29 43.07
C THR F 194 -25.94 -0.56 41.88
N TRP F 195 -26.17 0.75 41.77
CA TRP F 195 -25.64 1.53 40.64
C TRP F 195 -24.50 2.52 40.98
N LEU F 196 -23.59 2.72 40.04
CA LEU F 196 -22.43 3.59 40.20
C LEU F 196 -22.27 4.62 39.07
N LEU F 197 -21.55 5.72 39.32
CA LEU F 197 -21.33 6.72 38.28
C LEU F 197 -19.81 6.93 38.10
N ASP F 198 -19.32 6.48 36.95
CA ASP F 198 -17.91 6.54 36.55
C ASP F 198 -17.00 5.71 37.44
N PRO F 199 -16.70 4.48 37.01
CA PRO F 199 -15.84 3.49 37.68
C PRO F 199 -14.33 3.71 37.69
N THR F 200 -13.62 2.91 38.50
CA THR F 200 -12.15 2.97 38.61
C THR F 200 -11.57 1.82 37.79
N ARG F 201 -10.28 1.89 37.46
CA ARG F 201 -9.65 0.82 36.70
C ARG F 201 -9.87 -0.46 37.52
N LEU F 202 -9.85 -0.32 38.84
CA LEU F 202 -10.07 -1.44 39.74
C LEU F 202 -11.57 -1.66 39.86
N GLU F 203 -12.34 -0.59 39.72
CA GLU F 203 -13.80 -0.66 39.84
C GLU F 203 -14.61 -1.13 38.64
N GLU F 204 -14.36 -0.60 37.44
CA GLU F 204 -15.14 -1.01 36.26
C GLU F 204 -14.92 -2.47 35.87
N GLU F 205 -13.87 -3.10 36.39
CA GLU F 205 -13.56 -4.49 36.09
C GLU F 205 -14.51 -5.51 36.74
N ARG F 206 -15.19 -5.10 37.81
CA ARG F 206 -16.13 -5.98 38.49
C ARG F 206 -17.57 -5.54 38.22
N ALA F 207 -17.77 -4.80 37.13
CA ALA F 207 -19.08 -4.28 36.74
C ALA F 207 -20.18 -5.30 36.50
N ALA F 208 -21.41 -4.91 36.88
CA ALA F 208 -22.60 -5.75 36.70
C ALA F 208 -23.27 -5.33 35.38
N ALA F 209 -22.49 -4.68 34.53
CA ALA F 209 -22.91 -4.18 33.21
C ALA F 209 -21.81 -3.27 32.69
N GLY F 210 -21.74 -3.08 31.37
CA GLY F 210 -20.70 -2.24 30.81
C GLY F 210 -21.21 -1.14 29.90
N LEU F 211 -20.91 0.11 30.25
CA LEU F 211 -21.35 1.25 29.46
C LEU F 211 -20.49 2.50 29.61
N THR F 212 -20.48 3.30 28.54
CA THR F 212 -19.78 4.58 28.51
C THR F 212 -20.45 5.40 27.41
N VAL F 213 -21.02 6.55 27.78
CA VAL F 213 -21.74 7.39 26.83
C VAL F 213 -21.47 8.89 27.03
N ALA F 214 -21.55 9.66 25.94
CA ALA F 214 -21.30 11.09 25.96
C ALA F 214 -22.38 11.94 25.30
N LEU F 215 -22.41 13.21 25.67
CA LEU F 215 -23.37 14.16 25.13
C LEU F 215 -22.82 15.56 25.20
N MET F 216 -23.39 16.42 24.39
CA MET F 216 -23.00 17.81 24.32
C MET F 216 -23.76 18.65 25.35
N PRO F 217 -23.05 19.25 26.32
CA PRO F 217 -23.76 20.07 27.31
C PRO F 217 -24.69 21.13 26.65
N VAL F 218 -24.37 22.41 26.83
CA VAL F 218 -25.16 23.53 26.27
C VAL F 218 -26.43 23.20 25.46
N LEU F 219 -26.32 22.33 24.45
CA LEU F 219 -27.48 21.97 23.64
C LEU F 219 -27.91 20.52 23.82
N ASN F 220 -27.48 19.91 24.93
CA ASN F 220 -27.78 18.52 25.26
C ASN F 220 -27.93 17.67 23.99
N GLN F 221 -26.80 17.28 23.42
CA GLN F 221 -26.84 16.48 22.22
C GLN F 221 -26.20 15.14 22.47
N VAL F 222 -26.95 14.09 22.18
CA VAL F 222 -26.47 12.73 22.36
C VAL F 222 -25.20 12.49 21.59
N ALA F 223 -24.06 12.63 22.26
CA ALA F 223 -22.77 12.41 21.60
C ALA F 223 -22.68 10.97 21.12
N GLY F 224 -22.29 10.07 22.01
CA GLY F 224 -22.18 8.66 21.66
C GLY F 224 -22.50 7.81 22.87
N LEU F 225 -23.50 6.95 22.76
CA LEU F 225 -23.87 6.12 23.90
C LEU F 225 -23.51 4.71 23.54
N LEU F 226 -22.54 4.15 24.25
CA LEU F 226 -22.09 2.80 23.95
C LEU F 226 -21.95 1.96 25.21
N GLY F 227 -22.82 0.95 25.32
CA GLY F 227 -22.79 0.07 26.46
C GLY F 227 -23.20 -1.32 26.02
N SER F 228 -22.56 -2.33 26.59
CA SER F 228 -22.90 -3.70 26.22
C SER F 228 -23.79 -4.18 27.32
N GLY F 229 -25.07 -4.27 27.00
CA GLY F 229 -26.05 -4.69 27.97
C GLY F 229 -25.64 -5.91 28.74
N GLU F 230 -25.94 -5.87 30.04
CA GLU F 230 -25.65 -6.97 30.93
C GLU F 230 -26.71 -7.02 32.02
N GLY F 231 -27.16 -5.86 32.48
CA GLY F 231 -28.17 -5.83 33.53
C GLY F 231 -29.31 -4.85 33.40
N GLY F 232 -30.54 -5.32 33.61
CA GLY F 232 -31.72 -4.48 33.52
C GLY F 232 -32.51 -4.62 32.23
N LEU F 233 -33.70 -4.02 32.21
CA LEU F 233 -34.56 -4.08 31.02
C LEU F 233 -34.37 -2.81 30.22
N THR F 234 -35.00 -2.73 29.06
CA THR F 234 -34.89 -1.57 28.20
C THR F 234 -35.02 -0.28 29.00
N GLU F 235 -35.88 -0.30 30.02
CA GLU F 235 -36.06 0.87 30.85
C GLU F 235 -34.95 0.98 31.88
N SER F 236 -34.62 -0.14 32.51
CA SER F 236 -33.59 -0.19 33.54
C SER F 236 -32.31 0.52 33.14
N TRP F 237 -32.18 0.77 31.85
CA TRP F 237 -31.01 1.46 31.32
C TRP F 237 -31.11 2.97 31.52
N ALA F 238 -32.33 3.49 31.56
CA ALA F 238 -32.54 4.91 31.79
C ALA F 238 -31.72 5.33 33.00
N GLU F 239 -31.22 4.32 33.71
CA GLU F 239 -30.38 4.47 34.89
C GLU F 239 -29.15 5.34 34.61
N ALA F 240 -28.38 4.93 33.61
CA ALA F 240 -27.19 5.66 33.23
C ALA F 240 -27.55 6.83 32.34
N VAL F 241 -28.58 6.64 31.50
CA VAL F 241 -29.03 7.68 30.55
C VAL F 241 -29.40 9.00 31.22
N ARG F 242 -30.07 8.89 32.34
CA ARG F 242 -30.46 10.07 33.10
C ARG F 242 -29.26 10.44 33.96
N LEU F 243 -28.55 9.42 34.46
CA LEU F 243 -27.36 9.62 35.28
C LEU F 243 -26.25 10.16 34.38
N GLY F 244 -26.57 10.25 33.09
CA GLY F 244 -25.64 10.77 32.10
C GLY F 244 -25.61 12.28 31.94
N LEU F 245 -26.77 12.91 31.71
CA LEU F 245 -26.85 14.37 31.56
C LEU F 245 -26.27 15.06 32.80
N GLU F 246 -26.18 14.32 33.90
CA GLU F 246 -25.65 14.88 35.12
C GLU F 246 -24.17 15.24 34.94
N GLY F 247 -23.36 14.25 34.56
CA GLY F 247 -21.93 14.47 34.41
C GLY F 247 -21.49 15.62 33.52
N CYS F 248 -22.01 15.65 32.30
CA CYS F 248 -21.64 16.70 31.36
C CYS F 248 -21.96 18.09 31.87
N GLN F 249 -23.22 18.30 32.24
CA GLN F 249 -23.63 19.59 32.76
C GLN F 249 -22.64 19.86 33.85
N ARG F 250 -22.43 18.84 34.68
CA ARG F 250 -21.55 18.92 35.82
C ARG F 250 -20.15 19.44 35.50
N LEU F 251 -19.40 18.70 34.69
CA LEU F 251 -18.04 19.14 34.36
C LEU F 251 -18.01 20.15 33.20
N TYR F 252 -19.12 20.25 32.47
CA TYR F 252 -19.23 21.16 31.34
C TYR F 252 -18.49 22.45 31.65
N PRO F 253 -18.51 22.86 32.90
CA PRO F 253 -17.76 24.07 33.12
C PRO F 253 -16.29 23.70 33.29
N VAL F 254 -16.02 22.84 34.28
CA VAL F 254 -14.64 22.45 34.59
C VAL F 254 -13.86 22.18 33.33
N LEU F 255 -14.58 21.85 32.26
CA LEU F 255 -13.96 21.59 30.96
C LEU F 255 -13.74 22.87 30.16
N GLN F 256 -14.81 23.61 29.93
CA GLN F 256 -14.74 24.85 29.16
C GLN F 256 -13.82 25.84 29.84
N GLN F 257 -13.49 25.57 31.09
CA GLN F 257 -12.60 26.43 31.86
C GLN F 257 -11.12 26.19 31.54
N SER F 258 -10.70 24.92 31.51
CA SER F 258 -9.30 24.61 31.23
C SER F 258 -8.89 25.00 29.81
N LEU F 259 -9.86 25.15 28.92
CA LEU F 259 -9.59 25.54 27.54
C LEU F 259 -9.18 27.01 27.47
N VAL F 260 -9.96 27.84 28.14
CA VAL F 260 -9.69 29.27 28.16
C VAL F 260 -8.38 29.54 28.86
N ARG F 261 -8.11 28.76 29.91
CA ARG F 261 -6.88 28.94 30.67
C ARG F 261 -5.69 28.92 29.74
N ALA F 262 -5.65 27.92 28.86
CA ALA F 262 -4.56 27.83 27.91
C ALA F 262 -4.80 28.86 26.82
N ALA F 263 -6.00 28.85 26.25
CA ALA F 263 -6.35 29.78 25.19
C ALA F 263 -5.89 31.16 25.63
N ARG F 264 -5.89 31.39 26.94
CA ARG F 264 -5.45 32.66 27.47
C ARG F 264 -3.95 32.73 27.50
N ARG F 265 -3.32 31.78 28.18
CA ARG F 265 -1.87 31.76 28.28
C ARG F 265 -1.25 31.92 26.89
N ARG F 266 -1.95 31.38 25.91
CA ARG F 266 -1.51 31.49 24.53
C ARG F 266 -1.98 32.84 24.01
N GLY F 267 -3.26 33.13 24.22
CA GLY F 267 -3.82 34.39 23.76
C GLY F 267 -3.07 35.58 24.32
N ALA F 268 -2.72 35.48 25.60
CA ALA F 268 -1.98 36.52 26.31
C ALA F 268 -0.49 36.44 25.95
N ALA F 269 -0.08 35.29 25.42
CA ALA F 269 1.31 35.09 25.03
C ALA F 269 1.70 36.03 23.88
N ALA F 270 0.90 36.05 22.81
CA ALA F 270 1.17 36.91 21.64
C ALA F 270 0.01 37.86 21.34
N ALA G 31 44.98 17.62 -3.86
CA ALA G 31 45.16 17.63 -5.34
C ALA G 31 45.54 19.02 -5.86
N ARG G 32 46.17 19.05 -7.05
CA ARG G 32 46.59 20.28 -7.71
C ARG G 32 46.96 20.02 -9.20
N ALA G 33 46.21 20.61 -10.13
CA ALA G 33 46.48 20.41 -11.56
C ALA G 33 45.95 21.53 -12.43
N ALA G 34 46.41 21.53 -13.68
CA ALA G 34 46.00 22.51 -14.67
C ALA G 34 45.83 21.75 -15.96
N ARG G 35 45.24 22.38 -16.96
CA ARG G 35 44.99 21.78 -18.28
C ARG G 35 45.85 20.57 -18.67
N THR G 36 47.12 20.80 -18.95
CA THR G 36 47.99 19.70 -19.36
C THR G 36 48.52 18.88 -18.21
N VAL G 37 48.58 19.48 -17.02
CA VAL G 37 49.05 18.73 -15.84
C VAL G 37 48.51 17.31 -16.02
N LEU G 38 47.26 17.23 -16.48
CA LEU G 38 46.56 15.98 -16.74
C LEU G 38 45.68 16.10 -17.99
N GLY G 39 46.24 15.78 -19.15
CA GLY G 39 45.43 15.83 -20.36
C GLY G 39 44.89 14.42 -20.54
N GLN G 40 44.93 13.64 -19.45
CA GLN G 40 44.49 12.22 -19.44
C GLN G 40 43.26 11.85 -18.59
N VAL G 41 43.38 10.80 -17.79
CA VAL G 41 42.27 10.28 -16.98
C VAL G 41 42.32 10.70 -15.51
N VAL G 42 41.18 11.15 -15.02
CA VAL G 42 41.05 11.67 -13.66
C VAL G 42 39.96 11.01 -12.85
N LEU G 43 39.86 11.43 -11.59
CA LEU G 43 38.88 10.89 -10.63
C LEU G 43 37.87 11.94 -10.18
N PRO G 44 36.71 11.48 -9.69
CA PRO G 44 35.62 12.33 -9.20
C PRO G 44 36.05 12.96 -7.88
N GLY G 45 36.37 14.24 -7.92
CA GLY G 45 36.81 14.92 -6.71
C GLY G 45 38.25 15.35 -6.86
N GLU G 46 38.45 16.36 -7.69
CA GLU G 46 39.78 16.90 -7.93
C GLU G 46 39.66 18.34 -8.32
N GLU G 47 40.68 19.11 -7.98
CA GLU G 47 40.69 20.52 -8.28
C GLU G 47 41.82 20.76 -9.24
N LEU G 48 41.56 21.56 -10.26
CA LEU G 48 42.55 21.85 -11.28
C LEU G 48 42.13 23.09 -12.06
N LEU G 49 43.10 23.80 -12.65
CA LEU G 49 42.76 24.99 -13.41
C LEU G 49 43.93 25.50 -14.20
N LEU G 50 43.66 26.54 -14.99
CA LEU G 50 44.65 27.20 -15.83
C LEU G 50 44.62 28.69 -15.54
N PRO G 51 45.73 29.41 -15.84
CA PRO G 51 45.73 30.86 -15.58
C PRO G 51 44.75 31.57 -16.55
N GLU G 52 43.46 31.32 -16.39
CA GLU G 52 42.43 31.88 -17.28
C GLU G 52 41.52 33.03 -16.77
N GLN G 53 40.37 33.13 -17.43
CA GLN G 53 39.35 34.13 -17.13
C GLN G 53 37.96 33.54 -17.37
N GLU G 54 37.66 33.15 -18.61
CA GLU G 54 36.36 32.56 -18.90
C GLU G 54 36.42 31.33 -19.80
N ASP G 55 35.49 30.42 -19.54
CA ASP G 55 35.38 29.17 -20.26
C ASP G 55 33.99 28.62 -19.94
N ALA G 56 33.63 27.50 -20.58
CA ALA G 56 32.34 26.87 -20.34
C ALA G 56 32.63 25.52 -19.68
N GLU G 57 32.15 25.35 -18.45
CA GLU G 57 32.37 24.13 -17.70
C GLU G 57 31.76 22.99 -18.50
N GLY G 58 32.52 21.92 -18.69
CA GLY G 58 32.04 20.78 -19.47
C GLY G 58 30.99 19.91 -18.78
N PRO G 59 31.23 18.59 -18.64
CA PRO G 59 30.34 17.60 -18.01
C PRO G 59 30.74 17.19 -16.59
N GLY G 60 31.87 16.50 -16.47
CA GLY G 60 32.33 16.06 -15.17
C GLY G 60 33.33 16.98 -14.48
N GLY G 61 33.26 18.27 -14.80
CA GLY G 61 34.13 19.26 -14.21
C GLY G 61 33.31 20.35 -13.55
N ALA G 62 33.86 20.98 -12.51
CA ALA G 62 33.17 22.07 -11.80
C ALA G 62 34.05 23.33 -11.86
N VAL G 63 33.43 24.50 -11.99
CA VAL G 63 34.20 25.74 -12.09
C VAL G 63 33.93 26.78 -11.00
N GLU G 64 34.91 26.90 -10.11
CA GLU G 64 34.93 27.84 -8.98
C GLU G 64 36.32 27.83 -8.34
N ARG G 65 36.79 28.97 -7.83
CA ARG G 65 38.10 29.03 -7.18
C ARG G 65 38.10 29.99 -5.99
N GLY G 89 41.27 35.05 -12.75
CA GLY G 89 41.39 33.94 -11.81
C GLY G 89 40.30 32.90 -12.00
N ASP G 90 40.58 31.65 -11.60
CA ASP G 90 39.62 30.53 -11.72
C ASP G 90 40.14 29.22 -11.12
N ARG G 91 39.44 28.13 -11.41
CA ARG G 91 39.79 26.78 -10.96
C ARG G 91 38.71 25.77 -11.40
N LEU G 92 39.02 24.48 -11.33
CA LEU G 92 38.06 23.48 -11.75
C LEU G 92 38.08 22.23 -10.90
N LEU G 93 36.92 21.58 -10.83
CA LEU G 93 36.70 20.36 -10.06
C LEU G 93 36.22 19.18 -10.90
N VAL G 94 36.60 17.97 -10.50
CA VAL G 94 36.18 16.79 -11.23
C VAL G 94 35.04 16.20 -10.41
N THR G 95 33.95 15.89 -11.09
CA THR G 95 32.78 15.34 -10.42
C THR G 95 32.66 13.86 -10.76
N LYS G 96 32.52 13.58 -12.04
CA LYS G 96 32.39 12.20 -12.49
C LYS G 96 33.81 11.67 -12.69
N CYS G 97 33.91 10.51 -13.31
CA CYS G 97 35.20 9.89 -13.52
C CYS G 97 35.44 9.69 -15.01
N GLY G 98 36.36 10.48 -15.56
CA GLY G 98 36.63 10.43 -16.98
C GLY G 98 38.01 10.93 -17.33
N ARG G 99 38.34 10.88 -18.61
CA ARG G 99 39.63 11.35 -19.06
C ARG G 99 39.38 12.80 -19.39
N LEU G 100 40.44 13.55 -19.67
CA LEU G 100 40.30 14.97 -19.98
C LEU G 100 40.21 15.14 -21.48
N ARG G 101 39.29 16.00 -21.89
CA ARG G 101 39.09 16.30 -23.30
C ARG G 101 39.07 17.81 -23.37
N HIS G 102 39.49 18.37 -24.49
CA HIS G 102 39.50 19.81 -24.65
C HIS G 102 39.41 20.24 -26.11
N LYS G 103 38.44 21.09 -26.44
CA LYS G 103 38.28 21.57 -27.80
C LYS G 103 38.53 23.06 -27.74
N GLU G 104 39.37 23.55 -28.65
CA GLU G 104 39.73 24.95 -28.63
C GLU G 104 38.96 25.85 -29.57
N PRO G 105 38.54 27.03 -29.07
CA PRO G 105 37.79 28.05 -29.81
C PRO G 105 38.74 29.06 -30.44
N GLY G 106 39.91 29.22 -29.82
CA GLY G 106 40.90 30.16 -30.31
C GLY G 106 40.44 31.58 -30.06
N SER G 107 39.39 31.99 -30.77
CA SER G 107 38.82 33.32 -30.64
C SER G 107 37.62 33.41 -31.58
N GLY G 108 37.84 33.10 -32.85
CA GLY G 108 36.79 33.15 -33.84
C GLY G 108 35.81 32.03 -33.61
N SER G 109 36.32 30.81 -33.50
CA SER G 109 35.49 29.65 -33.26
C SER G 109 34.60 29.93 -32.05
N GLY G 110 33.33 30.19 -32.30
CA GLY G 110 32.40 30.47 -31.21
C GLY G 110 32.14 29.25 -30.34
N GLY G 111 33.07 28.29 -30.35
CA GLY G 111 32.91 27.10 -29.53
C GLY G 111 34.20 26.62 -28.88
N GLY G 112 34.27 26.69 -27.54
CA GLY G 112 35.44 26.29 -26.79
C GLY G 112 35.15 25.86 -25.35
N VAL G 113 35.57 24.66 -24.98
CA VAL G 113 35.34 24.11 -23.64
C VAL G 113 36.40 23.09 -23.21
N TYR G 114 36.39 22.77 -21.92
CA TYR G 114 37.30 21.81 -21.34
C TYR G 114 36.36 20.67 -20.93
N TRP G 115 36.62 19.50 -21.53
CA TRP G 115 35.79 18.31 -21.43
C TRP G 115 36.32 17.11 -20.66
N VAL G 116 35.39 16.34 -20.10
CA VAL G 116 35.73 15.12 -19.36
C VAL G 116 34.67 14.12 -19.78
N ASP G 117 35.06 13.09 -20.52
CA ASP G 117 34.10 12.10 -20.99
C ASP G 117 34.25 10.85 -20.17
N SER G 118 33.29 9.94 -20.35
CA SER G 118 33.28 8.69 -19.63
C SER G 118 32.26 7.75 -20.24
N GLN G 119 32.66 6.49 -20.46
CA GLN G 119 31.72 5.53 -21.01
C GLN G 119 30.81 5.05 -19.88
N GLN G 120 29.71 5.77 -19.69
CA GLN G 120 28.73 5.43 -18.66
C GLN G 120 27.41 5.24 -19.38
N LYS G 121 26.44 4.60 -18.73
CA LYS G 121 25.15 4.32 -19.35
C LYS G 121 24.31 5.49 -19.85
N ARG G 122 23.50 6.10 -18.99
CA ARG G 122 22.66 7.23 -19.40
C ARG G 122 23.26 8.15 -20.45
N TYR G 123 22.44 8.59 -21.39
CA TYR G 123 22.90 9.51 -22.44
C TYR G 123 22.64 10.94 -22.04
N VAL G 124 23.56 11.80 -22.43
CA VAL G 124 23.47 13.21 -22.11
C VAL G 124 23.33 14.07 -23.36
N PRO G 125 22.16 14.69 -23.52
CA PRO G 125 21.87 15.56 -24.65
C PRO G 125 22.78 16.79 -24.49
N VAL G 126 23.09 17.46 -25.62
CA VAL G 126 23.97 18.65 -25.66
C VAL G 126 23.34 19.83 -26.43
N LYS G 127 24.09 20.39 -27.37
CA LYS G 127 23.57 21.49 -28.19
C LYS G 127 22.56 20.83 -29.11
N GLY G 128 22.52 21.28 -30.35
CA GLY G 128 21.64 20.63 -31.31
C GLY G 128 22.32 19.28 -31.54
N ASP G 129 21.88 18.27 -30.82
CA ASP G 129 22.47 16.95 -30.93
C ASP G 129 21.50 16.12 -31.72
N HIS G 130 22.00 15.02 -32.24
CA HIS G 130 21.18 14.11 -33.04
C HIS G 130 20.85 12.89 -32.19
N VAL G 131 19.55 12.71 -31.94
CA VAL G 131 19.09 11.60 -31.13
C VAL G 131 17.85 10.97 -31.73
N ILE G 132 17.59 9.74 -31.33
CA ILE G 132 16.44 9.04 -31.84
C ILE G 132 15.44 8.95 -30.70
N GLY G 133 14.17 9.02 -31.05
CA GLY G 133 13.17 9.03 -30.00
C GLY G 133 12.04 8.04 -29.95
N ILE G 134 11.49 7.95 -28.76
CA ILE G 134 10.37 7.10 -28.48
C ILE G 134 9.46 8.09 -27.83
N VAL G 135 8.20 8.09 -28.19
CA VAL G 135 7.35 9.11 -27.65
C VAL G 135 6.61 8.64 -26.43
N THR G 136 7.08 9.12 -25.29
CA THR G 136 6.50 8.79 -23.99
C THR G 136 5.03 9.14 -23.87
N ALA G 137 4.69 10.35 -24.32
CA ALA G 137 3.31 10.81 -24.31
C ALA G 137 3.15 12.18 -24.96
N LYS G 138 1.92 12.44 -25.40
CA LYS G 138 1.61 13.73 -26.00
C LYS G 138 0.56 14.36 -25.09
N SER G 139 0.97 15.42 -24.38
CA SER G 139 0.10 16.13 -23.46
C SER G 139 0.08 17.56 -24.00
N GLY G 140 -1.07 17.99 -24.50
CA GLY G 140 -1.17 19.33 -25.05
C GLY G 140 -0.22 19.56 -26.21
N ASP G 141 0.07 20.84 -26.47
CA ASP G 141 0.93 21.28 -27.57
C ASP G 141 2.34 20.66 -27.67
N ILE G 142 2.76 19.97 -26.63
CA ILE G 142 4.07 19.35 -26.67
C ILE G 142 3.96 17.97 -26.07
N PHE G 143 4.77 17.05 -26.57
CA PHE G 143 4.78 15.69 -26.07
C PHE G 143 6.20 15.39 -25.74
N LYS G 144 6.36 14.46 -24.81
CA LYS G 144 7.67 14.02 -24.37
C LYS G 144 7.87 12.70 -25.06
N VAL G 145 9.07 12.61 -25.59
CA VAL G 145 9.65 11.52 -26.30
C VAL G 145 10.79 11.17 -25.38
N ASP G 146 11.29 9.94 -25.49
CA ASP G 146 12.38 9.53 -24.64
C ASP G 146 13.68 9.48 -25.39
N VAL G 147 14.76 9.70 -24.64
CA VAL G 147 16.05 9.69 -25.24
C VAL G 147 17.05 9.02 -24.33
N GLY G 148 16.57 8.52 -23.21
CA GLY G 148 17.45 7.83 -22.28
C GLY G 148 18.31 8.79 -21.48
N GLY G 149 17.82 10.03 -21.35
CA GLY G 149 18.53 11.04 -20.57
C GLY G 149 18.15 10.72 -19.15
N SER G 150 18.12 11.69 -18.24
CA SER G 150 17.72 11.34 -16.89
C SER G 150 16.22 11.51 -16.84
N GLU G 151 15.66 11.95 -17.97
CA GLU G 151 14.23 12.18 -18.11
C GLU G 151 14.01 12.23 -19.62
N PRO G 152 12.81 12.67 -20.06
CA PRO G 152 12.61 12.73 -21.51
C PRO G 152 13.01 14.12 -21.96
N ALA G 153 12.32 14.61 -22.98
CA ALA G 153 12.54 15.94 -23.52
C ALA G 153 11.16 16.33 -24.01
N SER G 154 11.07 17.29 -24.92
CA SER G 154 9.75 17.66 -25.40
C SER G 154 9.71 18.16 -26.81
N LEU G 155 8.67 17.75 -27.53
CA LEU G 155 8.55 18.21 -28.90
C LEU G 155 7.23 18.92 -29.08
N SER G 156 7.33 20.02 -29.81
CA SER G 156 6.24 20.91 -30.14
C SER G 156 5.20 20.28 -31.04
N TYR G 157 4.00 20.85 -30.99
CA TYR G 157 2.89 20.41 -31.81
C TYR G 157 3.19 21.02 -33.18
N LEU G 158 4.42 21.47 -33.34
CA LEU G 158 4.86 22.10 -34.59
C LEU G 158 6.38 22.12 -34.71
N SER G 159 6.91 21.21 -35.51
CA SER G 159 8.34 21.15 -35.76
C SER G 159 8.47 20.27 -36.99
N PHE G 160 7.36 20.23 -37.73
CA PHE G 160 7.22 19.42 -38.92
C PHE G 160 6.65 20.28 -40.05
N GLU G 161 6.98 21.57 -40.02
CA GLU G 161 6.53 22.51 -41.03
C GLU G 161 5.01 22.47 -41.34
N GLY G 162 4.17 22.38 -40.32
CA GLY G 162 2.74 22.37 -40.54
C GLY G 162 2.02 23.24 -39.54
N ALA G 163 0.89 23.84 -39.96
CA ALA G 163 0.06 24.67 -39.07
C ALA G 163 -0.94 23.66 -38.49
N THR G 164 -1.69 24.00 -37.44
CA THR G 164 -2.64 23.03 -36.86
C THR G 164 -3.29 22.08 -37.86
N LYS G 165 -3.95 21.04 -37.36
CA LYS G 165 -4.58 20.05 -38.21
C LYS G 165 -3.41 19.48 -39.03
N ARG G 166 -2.35 19.08 -38.33
CA ARG G 166 -1.16 18.51 -38.97
C ARG G 166 -0.49 17.44 -38.11
N ASN G 167 0.30 16.61 -38.78
CA ASN G 167 1.02 15.52 -38.16
C ASN G 167 0.26 14.86 -37.03
N ARG G 168 -1.07 14.86 -37.11
CA ARG G 168 -1.89 14.22 -36.09
C ARG G 168 -1.58 12.72 -36.08
N PRO G 169 -2.11 11.94 -37.05
CA PRO G 169 -1.74 10.52 -36.99
C PRO G 169 -0.22 10.39 -37.23
N ASN G 170 0.39 11.55 -37.53
CA ASN G 170 1.82 11.69 -37.79
C ASN G 170 2.47 12.21 -36.51
N VAL G 171 2.32 11.43 -35.45
CA VAL G 171 2.84 11.71 -34.13
C VAL G 171 2.07 10.73 -33.27
N GLN G 172 2.77 9.73 -32.74
CA GLN G 172 2.12 8.73 -31.91
C GLN G 172 2.94 8.05 -30.81
N VAL G 173 2.29 7.84 -29.69
CA VAL G 173 2.91 7.21 -28.55
C VAL G 173 3.60 5.97 -29.04
N GLY G 174 4.72 5.62 -28.42
CA GLY G 174 5.47 4.44 -28.80
C GLY G 174 6.20 4.61 -30.12
N ASP G 175 6.12 5.80 -30.71
CA ASP G 175 6.77 6.02 -31.98
C ASP G 175 8.22 6.35 -31.93
N LEU G 176 8.76 6.59 -33.11
CA LEU G 176 10.16 6.87 -33.24
C LEU G 176 10.36 8.23 -33.86
N ILE G 177 11.47 8.88 -33.54
CA ILE G 177 11.72 10.20 -34.08
C ILE G 177 13.18 10.53 -34.22
N TYR G 178 13.48 11.29 -35.25
CA TYR G 178 14.85 11.72 -35.44
C TYR G 178 14.70 13.18 -35.14
N GLY G 179 15.49 13.66 -34.19
CA GLY G 179 15.42 15.04 -33.79
C GLY G 179 16.70 15.61 -33.23
N GLN G 180 16.85 16.91 -33.38
CA GLN G 180 17.99 17.64 -32.87
C GLN G 180 17.31 18.54 -31.88
N PHE G 181 17.78 18.53 -30.65
CA PHE G 181 17.16 19.37 -29.66
C PHE G 181 18.11 20.54 -29.53
N VAL G 182 17.52 21.73 -29.47
CA VAL G 182 18.28 22.97 -29.37
C VAL G 182 18.43 23.34 -27.91
N VAL G 183 17.54 22.82 -27.08
CA VAL G 183 17.56 23.17 -25.67
C VAL G 183 17.83 22.06 -24.68
N ALA G 184 19.04 22.09 -24.12
CA ALA G 184 19.48 21.14 -23.11
C ALA G 184 20.51 21.94 -22.35
N ASN G 185 20.14 22.38 -21.16
CA ASN G 185 21.02 23.20 -20.34
C ASN G 185 20.87 22.77 -18.91
N LYS G 186 22.01 22.52 -18.28
CA LYS G 186 22.07 22.07 -16.90
C LYS G 186 20.81 22.19 -16.06
N ASP G 187 20.41 23.42 -15.77
CA ASP G 187 19.26 23.68 -14.92
C ASP G 187 17.88 23.64 -15.54
N MET G 188 17.81 23.42 -16.83
CA MET G 188 16.51 23.39 -17.46
C MET G 188 16.40 22.04 -18.07
N GLU G 189 15.20 21.68 -18.50
CA GLU G 189 14.98 20.39 -19.11
C GLU G 189 15.17 20.59 -20.61
N PRO G 190 15.44 19.51 -21.33
CA PRO G 190 15.63 19.74 -22.76
C PRO G 190 14.45 19.40 -23.66
N GLU G 191 14.41 20.07 -24.81
CA GLU G 191 13.35 19.89 -25.78
C GLU G 191 13.99 19.80 -27.17
N MET G 192 13.37 19.02 -28.05
CA MET G 192 13.90 18.81 -29.40
C MET G 192 12.95 19.22 -30.50
N VAL G 193 13.50 19.30 -31.72
CA VAL G 193 12.76 19.69 -32.92
C VAL G 193 13.04 18.74 -34.06
N CYS G 194 12.29 18.93 -35.14
CA CYS G 194 12.45 18.12 -36.34
C CYS G 194 12.66 18.96 -37.60
N ILE G 195 12.40 20.26 -37.54
CA ILE G 195 12.59 21.09 -38.73
C ILE G 195 14.05 21.50 -38.86
N ASP G 196 14.35 22.20 -39.95
CA ASP G 196 15.70 22.67 -40.21
C ASP G 196 15.74 24.18 -40.07
N SER G 197 15.38 24.67 -38.90
CA SER G 197 15.34 26.11 -38.63
C SER G 197 16.44 26.93 -39.32
N CYS G 198 17.61 26.36 -39.54
CA CYS G 198 18.68 27.09 -40.23
C CYS G 198 18.09 27.64 -41.53
N GLY G 199 17.14 26.87 -42.08
CA GLY G 199 16.46 27.25 -43.30
C GLY G 199 15.07 26.62 -43.29
N ARG G 200 14.62 26.23 -42.11
CA ARG G 200 13.32 25.60 -41.91
C ARG G 200 13.05 24.42 -42.86
N ALA G 201 14.11 23.85 -43.43
CA ALA G 201 13.98 22.71 -44.33
C ALA G 201 13.48 21.52 -43.48
N ASN G 202 13.78 20.30 -43.91
CA ASN G 202 13.36 19.11 -43.15
C ASN G 202 14.36 17.98 -43.21
N GLY G 203 15.24 17.93 -42.23
CA GLY G 203 16.21 16.87 -42.22
C GLY G 203 15.84 15.76 -41.26
N MET G 204 14.89 15.98 -40.35
CA MET G 204 14.54 14.93 -39.37
C MET G 204 13.07 14.54 -39.29
N GLY G 205 12.76 13.33 -39.75
CA GLY G 205 11.39 12.86 -39.69
C GLY G 205 11.17 11.72 -38.68
N VAL G 206 9.91 11.50 -38.32
CA VAL G 206 9.51 10.46 -37.39
C VAL G 206 10.00 9.02 -37.63
N ILE G 207 11.13 8.82 -38.28
CA ILE G 207 11.63 7.44 -38.51
C ILE G 207 10.78 6.67 -39.52
N GLY G 208 11.24 5.47 -39.91
CA GLY G 208 10.57 4.69 -40.94
C GLY G 208 9.27 3.92 -40.81
N GLN G 209 8.98 3.25 -41.92
CA GLN G 209 7.80 2.40 -42.09
C GLN G 209 8.02 1.08 -41.33
N ASP G 210 9.23 0.54 -41.41
CA ASP G 210 9.57 -0.69 -40.72
C ASP G 210 11.01 -0.43 -40.42
N GLY G 211 11.65 -1.25 -39.60
CA GLY G 211 13.05 -0.97 -39.36
C GLY G 211 13.57 -1.54 -38.09
N LEU G 212 14.72 -1.06 -37.66
CA LEU G 212 15.28 -1.58 -36.46
C LEU G 212 16.13 -0.59 -35.72
N LEU G 213 16.04 -0.57 -34.40
CA LEU G 213 16.91 0.33 -33.66
C LEU G 213 17.59 -0.51 -32.61
N PHE G 214 18.87 -0.28 -32.42
CA PHE G 214 19.58 -1.03 -31.43
C PHE G 214 20.63 -0.16 -30.76
N LYS G 215 20.73 -0.31 -29.46
CA LYS G 215 21.65 0.45 -28.64
C LYS G 215 23.03 0.33 -29.24
N VAL G 216 23.98 1.09 -28.70
CA VAL G 216 25.39 1.07 -29.15
C VAL G 216 26.30 1.79 -28.18
N THR G 217 27.48 1.22 -27.92
CA THR G 217 28.46 1.83 -27.00
C THR G 217 28.75 3.21 -27.53
N LEU G 218 28.66 4.20 -26.65
CA LEU G 218 28.90 5.56 -27.09
C LEU G 218 30.25 5.57 -27.80
N GLY G 219 31.23 5.00 -27.12
CA GLY G 219 32.57 4.95 -27.66
C GLY G 219 32.43 4.66 -29.14
N LEU G 220 31.54 3.73 -29.46
CA LEU G 220 31.36 3.39 -30.85
C LEU G 220 30.59 4.49 -31.57
N ILE G 221 29.45 4.89 -31.04
CA ILE G 221 28.66 5.91 -31.72
C ILE G 221 29.60 7.04 -32.12
N ARG G 222 30.46 7.42 -31.20
CA ARG G 222 31.37 8.50 -31.50
C ARG G 222 32.22 8.08 -32.66
N LYS G 223 33.04 7.07 -32.41
CA LYS G 223 33.94 6.57 -33.42
C LYS G 223 33.22 6.22 -34.71
N LEU G 224 31.96 5.82 -34.58
CA LEU G 224 31.16 5.45 -35.74
C LEU G 224 30.71 6.69 -36.49
N LEU G 225 30.72 7.83 -35.82
CA LEU G 225 30.28 9.06 -36.45
C LEU G 225 31.42 10.01 -36.77
N ALA G 226 32.63 9.61 -36.41
CA ALA G 226 33.81 10.43 -36.68
C ALA G 226 33.95 10.66 -38.18
N PRO G 227 33.98 11.92 -38.62
CA PRO G 227 34.10 12.24 -40.05
C PRO G 227 35.24 11.47 -40.70
N ASP G 228 36.31 11.29 -39.91
CA ASP G 228 37.50 10.58 -40.34
C ASP G 228 37.35 9.07 -40.18
N CYS G 229 36.10 8.60 -40.19
CA CYS G 229 35.83 7.18 -40.10
C CYS G 229 34.97 6.92 -41.34
N GLU G 230 35.34 5.93 -42.12
CA GLU G 230 34.61 5.64 -43.34
C GLU G 230 33.34 4.85 -43.15
N ILE G 231 33.22 4.15 -42.04
CA ILE G 231 32.05 3.35 -41.80
C ILE G 231 30.81 4.02 -42.36
N ILE G 232 30.63 5.29 -42.04
CA ILE G 232 29.47 6.02 -42.54
C ILE G 232 29.33 5.96 -44.07
N GLN G 233 30.36 6.38 -44.77
CA GLN G 233 30.36 6.33 -46.23
C GLN G 233 30.66 4.89 -46.58
N GLU G 234 31.50 4.28 -45.77
CA GLU G 234 31.89 2.90 -45.95
C GLU G 234 30.60 2.19 -46.09
N VAL G 235 29.62 2.60 -45.32
CA VAL G 235 28.31 1.98 -45.41
C VAL G 235 27.52 2.56 -46.57
N GLY G 236 27.97 3.72 -47.03
CA GLY G 236 27.32 4.38 -48.15
C GLY G 236 27.02 3.36 -49.23
N LYS G 237 27.74 2.25 -49.12
CA LYS G 237 27.62 1.11 -50.03
C LYS G 237 26.24 0.47 -50.09
N LEU G 238 26.15 -0.77 -49.65
CA LEU G 238 24.93 -1.56 -49.64
C LEU G 238 23.64 -0.91 -50.11
N TYR G 239 22.90 -1.62 -50.95
CA TYR G 239 21.63 -1.14 -51.45
C TYR G 239 20.59 -2.21 -51.46
N PRO G 240 19.33 -1.84 -51.20
CA PRO G 240 18.93 -0.45 -50.92
C PRO G 240 18.78 -0.35 -49.41
N LEU G 241 19.34 0.69 -48.81
CA LEU G 241 19.25 0.78 -47.37
C LEU G 241 18.99 2.15 -46.81
N GLU G 242 18.40 2.15 -45.62
CA GLU G 242 18.07 3.36 -44.89
C GLU G 242 18.31 3.12 -43.39
N ILE G 243 19.22 3.92 -42.82
CA ILE G 243 19.57 3.84 -41.40
C ILE G 243 19.71 5.23 -40.81
N VAL G 244 19.57 5.29 -39.49
CA VAL G 244 19.68 6.54 -38.76
C VAL G 244 20.65 6.34 -37.62
N PHE G 245 21.40 7.40 -37.28
CA PHE G 245 22.37 7.29 -36.20
C PHE G 245 22.18 8.26 -35.03
N GLY G 246 21.67 7.72 -33.91
CA GLY G 246 21.40 8.52 -32.75
C GLY G 246 22.57 8.65 -31.80
N MET G 247 22.88 9.88 -31.44
CA MET G 247 23.97 10.16 -30.51
C MET G 247 23.69 9.30 -29.33
N ASN G 248 22.44 9.33 -28.94
CA ASN G 248 21.99 8.57 -27.82
C ASN G 248 22.18 7.08 -28.07
N GLY G 249 22.95 6.74 -29.10
CA GLY G 249 23.20 5.35 -29.42
C GLY G 249 21.93 4.69 -29.90
N ARG G 250 21.54 5.01 -31.12
CA ARG G 250 20.31 4.43 -31.66
C ARG G 250 20.44 4.22 -33.17
N ILE G 251 20.43 2.98 -33.64
CA ILE G 251 20.56 2.86 -35.05
C ILE G 251 19.34 2.28 -35.61
N TRP G 252 18.69 3.04 -36.46
CA TRP G 252 17.50 2.50 -37.01
C TRP G 252 17.85 2.15 -38.40
N VAL G 253 17.65 0.88 -38.70
CA VAL G 253 18.00 0.32 -39.98
C VAL G 253 16.81 -0.15 -40.79
N LYS G 254 17.10 -0.67 -41.97
CA LYS G 254 16.05 -1.19 -42.83
C LYS G 254 16.60 -1.45 -44.21
N ALA G 255 16.89 -2.72 -44.46
CA ALA G 255 17.43 -3.17 -45.73
C ALA G 255 16.41 -4.06 -46.45
N LYS G 256 16.78 -4.54 -47.63
CA LYS G 256 15.91 -5.42 -48.41
C LYS G 256 15.07 -6.29 -47.49
N THR G 257 15.69 -7.34 -46.96
CA THR G 257 14.96 -8.19 -46.06
C THR G 257 15.52 -8.20 -44.68
N ILE G 258 14.74 -8.79 -43.80
CA ILE G 258 15.10 -8.95 -42.42
C ILE G 258 16.59 -9.24 -42.39
N GLN G 259 16.95 -10.27 -43.15
CA GLN G 259 18.29 -10.71 -43.16
C GLN G 259 19.36 -9.69 -43.40
N GLN G 260 19.60 -9.27 -44.63
CA GLN G 260 20.70 -8.34 -44.89
C GLN G 260 20.67 -7.27 -43.81
N THR G 261 19.46 -6.99 -43.37
CA THR G 261 19.22 -5.99 -42.35
C THR G 261 19.81 -6.44 -41.03
N LEU G 262 19.49 -7.66 -40.67
CA LEU G 262 19.98 -8.25 -39.44
C LEU G 262 21.50 -8.33 -39.40
N ILE G 263 22.03 -8.85 -40.49
CA ILE G 263 23.46 -8.96 -40.57
C ILE G 263 24.00 -7.61 -40.25
N LEU G 264 23.63 -6.68 -41.09
CA LEU G 264 24.14 -5.35 -40.98
C LEU G 264 24.20 -4.83 -39.55
N ALA G 265 23.11 -5.00 -38.85
CA ALA G 265 23.07 -4.53 -37.48
C ALA G 265 24.09 -5.27 -36.63
N ASN G 266 24.06 -6.61 -36.75
CA ASN G 266 24.93 -7.49 -35.99
C ASN G 266 26.39 -7.09 -36.25
N ILE G 267 26.62 -6.82 -37.54
CA ILE G 267 27.90 -6.42 -38.06
C ILE G 267 28.27 -5.14 -37.32
N LEU G 268 27.25 -4.29 -37.15
CA LEU G 268 27.43 -3.02 -36.46
C LEU G 268 27.75 -3.23 -35.00
N GLU G 269 26.96 -4.08 -34.35
CA GLU G 269 27.14 -4.43 -32.95
C GLU G 269 28.60 -4.72 -32.67
N ALA G 270 29.37 -5.15 -33.68
CA ALA G 270 30.79 -5.48 -33.48
C ALA G 270 31.76 -4.49 -34.10
N CYS G 271 31.27 -3.77 -35.10
CA CYS G 271 32.03 -2.78 -35.84
C CYS G 271 33.37 -2.32 -35.28
N GLU G 272 33.35 -1.83 -34.05
CA GLU G 272 34.54 -1.29 -33.39
C GLU G 272 35.90 -1.92 -33.68
N HIS G 273 36.22 -2.97 -32.96
CA HIS G 273 37.49 -3.66 -33.12
C HIS G 273 37.61 -4.40 -34.45
N MET G 274 38.21 -3.74 -35.43
CA MET G 274 38.42 -4.32 -36.75
C MET G 274 39.51 -3.53 -37.50
N THR G 275 40.16 -4.17 -38.48
CA THR G 275 41.20 -3.46 -39.22
C THR G 275 40.54 -2.18 -39.65
N SER G 276 41.25 -1.05 -39.51
CA SER G 276 40.66 0.22 -39.90
C SER G 276 40.01 -0.04 -41.25
N ASP G 277 40.54 -1.06 -41.93
CA ASP G 277 40.04 -1.50 -43.23
C ASP G 277 38.87 -2.51 -43.15
N GLN G 278 39.11 -3.55 -42.34
CA GLN G 278 38.25 -4.70 -42.18
C GLN G 278 36.82 -4.67 -42.63
N ARG G 279 36.12 -3.73 -42.01
CA ARG G 279 34.74 -3.55 -42.31
C ARG G 279 34.65 -3.59 -43.78
N LYS G 280 35.59 -2.91 -44.41
CA LYS G 280 35.57 -2.78 -45.83
C LYS G 280 34.95 -3.97 -46.54
N GLN G 281 35.72 -5.02 -46.79
CA GLN G 281 35.15 -6.17 -47.50
C GLN G 281 34.01 -6.59 -46.58
N ILE G 282 34.31 -6.79 -45.31
CA ILE G 282 33.31 -7.20 -44.37
C ILE G 282 32.03 -6.48 -44.80
N PHE G 283 32.17 -5.29 -45.32
CA PHE G 283 30.97 -4.59 -45.75
C PHE G 283 30.64 -4.92 -47.21
N SER G 284 31.65 -4.77 -48.07
CA SER G 284 31.47 -5.08 -49.46
C SER G 284 31.05 -6.50 -49.51
N ARG G 285 31.17 -7.22 -48.41
CA ARG G 285 30.71 -8.60 -48.38
C ARG G 285 29.21 -8.43 -48.47
N LEU G 286 28.67 -7.69 -47.51
CA LEU G 286 27.24 -7.43 -47.48
C LEU G 286 26.83 -6.71 -48.77
N ALA G 287 27.52 -5.61 -49.04
CA ALA G 287 27.28 -4.78 -50.21
C ALA G 287 26.90 -5.63 -51.42
N GLU G 288 27.74 -6.62 -51.69
CA GLU G 288 27.58 -7.52 -52.82
C GLU G 288 26.24 -8.25 -52.98
N SER G 289 25.71 -8.78 -51.89
CA SER G 289 24.44 -9.52 -51.96
C SER G 289 23.23 -8.61 -51.92
N HIS H 40 -35.65 -19.86 -32.39
CA HIS H 40 -34.62 -20.91 -32.13
C HIS H 40 -33.83 -20.54 -30.89
N LEU H 41 -33.46 -21.54 -30.10
CA LEU H 41 -32.71 -21.29 -28.88
C LEU H 41 -31.36 -21.98 -28.99
N VAL H 42 -30.30 -21.23 -28.74
CA VAL H 42 -28.93 -21.75 -28.83
C VAL H 42 -27.98 -21.12 -27.83
N VAL H 43 -27.09 -21.93 -27.26
CA VAL H 43 -26.11 -21.44 -26.29
C VAL H 43 -24.94 -20.74 -26.99
N PRO H 44 -24.43 -19.63 -26.41
CA PRO H 44 -23.31 -18.91 -27.03
C PRO H 44 -22.16 -19.82 -27.44
N GLY H 45 -21.72 -19.66 -28.67
CA GLY H 45 -20.63 -20.48 -29.15
C GLY H 45 -21.13 -21.44 -30.19
N ASP H 46 -22.42 -21.36 -30.52
CA ASP H 46 -22.97 -22.26 -31.53
C ASP H 46 -22.94 -21.67 -32.92
N THR H 47 -23.63 -22.32 -33.85
CA THR H 47 -23.63 -21.87 -35.25
C THR H 47 -25.00 -21.56 -35.85
N ILE H 48 -25.02 -20.59 -36.77
CA ILE H 48 -26.24 -20.15 -37.45
C ILE H 48 -26.26 -20.56 -38.90
N THR H 49 -27.44 -20.54 -39.49
CA THR H 49 -27.56 -20.88 -40.90
C THR H 49 -26.66 -19.89 -41.62
N THR H 50 -25.64 -20.41 -42.32
CA THR H 50 -24.69 -19.56 -43.05
C THR H 50 -25.04 -19.48 -44.54
N ASP H 51 -25.33 -18.28 -45.01
CA ASP H 51 -25.66 -18.06 -46.41
C ASP H 51 -25.18 -16.64 -46.78
N THR H 52 -25.24 -16.31 -48.06
CA THR H 52 -24.82 -14.99 -48.56
C THR H 52 -25.92 -13.95 -48.39
N GLY H 53 -25.52 -12.71 -48.13
CA GLY H 53 -26.48 -11.63 -47.93
C GLY H 53 -26.89 -11.54 -46.48
N PHE H 54 -26.11 -12.18 -45.62
CA PHE H 54 -26.38 -12.21 -44.19
C PHE H 54 -25.49 -11.27 -43.37
N MET H 55 -26.12 -10.55 -42.44
CA MET H 55 -25.44 -9.61 -41.55
C MET H 55 -25.68 -10.01 -40.10
N ARG H 56 -24.81 -9.58 -39.20
CA ARG H 56 -24.96 -9.97 -37.83
C ARG H 56 -25.37 -8.85 -36.88
N GLY H 57 -25.94 -9.29 -35.76
CA GLY H 57 -26.46 -8.40 -34.73
C GLY H 57 -25.68 -8.58 -33.46
N HIS H 58 -26.09 -7.90 -32.39
CA HIS H 58 -25.35 -7.99 -31.15
C HIS H 58 -25.72 -9.27 -30.44
N GLY H 59 -24.69 -10.12 -30.30
CA GLY H 59 -24.83 -11.41 -29.67
C GLY H 59 -24.41 -12.45 -30.69
N THR H 60 -24.16 -11.98 -31.90
CA THR H 60 -23.77 -12.83 -33.02
C THR H 60 -22.45 -12.41 -33.65
N TYR H 61 -21.69 -13.39 -34.14
CA TYR H 61 -20.38 -13.16 -34.78
C TYR H 61 -19.97 -14.19 -35.83
N MET H 62 -18.90 -13.87 -36.56
CA MET H 62 -18.40 -14.78 -37.59
C MET H 62 -17.02 -15.29 -37.18
N GLY H 63 -16.90 -16.62 -37.08
CA GLY H 63 -15.63 -17.22 -36.68
C GLY H 63 -15.16 -18.39 -37.55
N GLU H 64 -14.11 -18.17 -38.33
CA GLU H 64 -13.53 -19.16 -39.23
C GLU H 64 -14.46 -19.51 -40.39
N GLU H 65 -15.09 -18.46 -40.94
CA GLU H 65 -16.02 -18.58 -42.07
C GLU H 65 -17.42 -19.00 -41.66
N LYS H 66 -17.72 -18.96 -40.37
CA LYS H 66 -19.04 -19.35 -39.89
C LYS H 66 -19.69 -18.26 -39.04
N LEU H 67 -20.82 -18.60 -38.43
CA LEU H 67 -21.57 -17.66 -37.61
C LEU H 67 -21.83 -18.29 -36.23
N ILE H 68 -21.49 -17.57 -35.17
CA ILE H 68 -21.67 -18.08 -33.82
C ILE H 68 -22.44 -17.12 -32.93
N ALA H 69 -22.87 -17.60 -31.78
CA ALA H 69 -23.61 -16.73 -30.88
C ALA H 69 -22.62 -16.42 -29.81
N SER H 70 -22.31 -15.14 -29.67
CA SER H 70 -21.35 -14.68 -28.70
C SER H 70 -22.04 -14.54 -27.36
N VAL H 71 -23.23 -13.98 -27.42
CA VAL H 71 -24.02 -13.75 -26.22
C VAL H 71 -24.85 -14.98 -25.87
N ALA H 72 -25.02 -15.19 -24.56
CA ALA H 72 -25.82 -16.30 -24.05
C ALA H 72 -27.30 -15.90 -24.15
N GLY H 73 -27.86 -16.07 -25.36
CA GLY H 73 -29.25 -15.74 -25.61
C GLY H 73 -30.04 -16.66 -26.53
N SER H 74 -31.10 -16.14 -27.16
CA SER H 74 -31.95 -16.93 -28.04
C SER H 74 -31.78 -16.49 -29.49
N VAL H 75 -32.25 -17.29 -30.44
CA VAL H 75 -32.06 -16.99 -31.86
C VAL H 75 -33.18 -16.16 -32.46
N GLU H 76 -32.79 -14.99 -32.98
CA GLU H 76 -33.75 -14.07 -33.58
C GLU H 76 -33.29 -13.67 -34.96
N ARG H 77 -34.14 -13.92 -35.96
CA ARG H 77 -33.82 -13.56 -37.33
C ARG H 77 -34.91 -12.68 -37.89
N VAL H 78 -34.56 -11.42 -38.13
CA VAL H 78 -35.48 -10.41 -38.65
C VAL H 78 -34.84 -9.80 -39.89
N ASN H 79 -35.52 -9.86 -41.02
CA ASN H 79 -34.97 -9.30 -42.25
C ASN H 79 -33.69 -10.05 -42.61
N LYS H 80 -32.72 -9.31 -43.17
CA LYS H 80 -31.42 -9.84 -43.56
C LYS H 80 -30.36 -9.44 -42.54
N LEU H 81 -30.69 -9.67 -41.27
CA LEU H 81 -29.82 -9.37 -40.15
C LEU H 81 -30.07 -10.44 -39.10
N ILE H 82 -29.01 -10.95 -38.50
CA ILE H 82 -29.17 -11.98 -37.50
C ILE H 82 -28.74 -11.39 -36.18
N CYS H 83 -29.38 -11.84 -35.10
CA CYS H 83 -29.05 -11.35 -33.78
C CYS H 83 -29.55 -12.32 -32.72
N VAL H 84 -29.18 -12.06 -31.48
CA VAL H 84 -29.55 -12.89 -30.35
C VAL H 84 -30.42 -12.08 -29.37
N LYS H 85 -31.16 -12.78 -28.50
CA LYS H 85 -31.99 -12.13 -27.50
C LYS H 85 -31.23 -12.39 -26.23
N ALA H 86 -31.15 -11.39 -25.37
CA ALA H 86 -30.41 -11.53 -24.14
C ALA H 86 -31.29 -11.46 -22.91
N LEU H 87 -30.99 -12.32 -21.96
CA LEU H 87 -31.72 -12.39 -20.71
C LEU H 87 -31.59 -11.09 -19.91
N LYS H 88 -30.43 -10.88 -19.28
CA LYS H 88 -30.19 -9.67 -18.47
C LYS H 88 -29.03 -8.83 -19.01
N THR H 89 -29.28 -8.11 -20.11
CA THR H 89 -28.26 -7.26 -20.74
C THR H 89 -28.16 -5.90 -20.05
N ARG H 90 -27.82 -4.86 -20.80
CA ARG H 90 -27.70 -3.51 -20.25
C ARG H 90 -28.43 -2.53 -21.16
N TYR H 91 -28.29 -1.24 -20.90
CA TYR H 91 -28.96 -0.25 -21.71
C TYR H 91 -28.21 0.03 -23.00
N ILE H 92 -28.97 0.30 -24.04
CA ILE H 92 -28.40 0.60 -25.36
C ILE H 92 -29.49 0.94 -26.37
N GLY H 93 -30.19 2.05 -26.14
CA GLY H 93 -31.27 2.47 -27.02
C GLY H 93 -30.91 2.86 -28.45
N GLU H 94 -31.86 3.47 -29.15
CA GLU H 94 -31.71 3.91 -30.56
C GLU H 94 -32.53 5.18 -30.89
N VAL H 95 -32.07 5.97 -31.87
CA VAL H 95 -32.72 7.23 -32.29
C VAL H 95 -32.82 8.18 -31.08
N GLY H 96 -33.69 9.17 -31.14
CA GLY H 96 -33.83 10.07 -30.01
C GLY H 96 -34.39 9.26 -28.86
N ASP H 97 -33.70 9.26 -27.72
CA ASP H 97 -34.18 8.47 -26.58
C ASP H 97 -34.44 9.23 -25.28
N ILE H 98 -35.33 8.65 -24.49
CA ILE H 98 -35.76 9.23 -23.24
C ILE H 98 -35.50 8.35 -22.04
N VAL H 99 -34.73 8.88 -21.11
CA VAL H 99 -34.43 8.15 -19.90
C VAL H 99 -34.01 9.15 -18.87
N VAL H 100 -34.12 8.75 -17.62
CA VAL H 100 -33.72 9.62 -16.51
C VAL H 100 -32.44 9.02 -15.97
N GLY H 101 -31.56 9.89 -15.49
CA GLY H 101 -30.31 9.44 -14.96
C GLY H 101 -30.11 9.96 -13.56
N ARG H 102 -29.20 9.33 -12.84
CA ARG H 102 -28.87 9.71 -11.48
C ARG H 102 -27.53 10.37 -11.74
N ILE H 103 -27.12 11.31 -10.91
CA ILE H 103 -25.86 11.96 -11.22
C ILE H 103 -24.70 11.49 -10.38
N THR H 104 -23.56 11.48 -11.06
CA THR H 104 -22.28 11.06 -10.56
C THR H 104 -21.49 12.36 -10.57
N GLU H 105 -20.16 12.29 -10.54
CA GLU H 105 -19.36 13.51 -10.49
C GLU H 105 -19.45 14.24 -11.85
N VAL H 106 -19.39 15.57 -11.79
CA VAL H 106 -19.46 16.43 -12.97
C VAL H 106 -18.18 17.25 -13.11
N GLN H 107 -17.74 17.46 -14.34
CA GLN H 107 -16.50 18.18 -14.57
C GLN H 107 -16.69 19.55 -15.20
N GLN H 108 -15.70 20.41 -14.99
CA GLN H 108 -15.67 21.79 -15.47
C GLN H 108 -16.25 22.12 -16.86
N LYS H 109 -16.55 21.10 -17.68
CA LYS H 109 -17.12 21.35 -19.00
C LYS H 109 -18.30 20.47 -19.34
N ARG H 110 -18.48 19.39 -18.57
CA ARG H 110 -19.57 18.46 -18.80
C ARG H 110 -20.08 17.89 -17.48
N TRP H 111 -21.30 17.37 -17.48
CA TRP H 111 -21.89 16.78 -16.30
C TRP H 111 -21.93 15.29 -16.60
N LYS H 112 -21.55 14.47 -15.64
CA LYS H 112 -21.55 13.02 -15.86
C LYS H 112 -22.65 12.40 -15.01
N VAL H 113 -23.58 11.75 -15.69
CA VAL H 113 -24.71 11.12 -15.05
C VAL H 113 -24.57 9.63 -15.19
N GLU H 114 -25.37 8.88 -14.45
CA GLU H 114 -25.29 7.43 -14.50
C GLU H 114 -26.54 6.82 -15.09
N THR H 115 -26.36 5.77 -15.89
CA THR H 115 -27.47 5.05 -16.51
C THR H 115 -27.05 3.61 -16.69
N ASN H 116 -27.86 2.70 -16.16
CA ASN H 116 -27.60 1.26 -16.22
C ASN H 116 -27.34 0.69 -17.61
N SER H 117 -26.06 0.62 -17.96
CA SER H 117 -25.62 0.08 -19.24
C SER H 117 -24.09 0.01 -19.34
N ARG H 118 -23.62 -0.81 -20.28
CA ARG H 118 -22.20 -0.97 -20.55
C ARG H 118 -21.73 0.40 -20.95
N LEU H 119 -22.71 1.30 -21.00
CA LEU H 119 -22.55 2.71 -21.34
C LEU H 119 -22.91 3.58 -20.12
N ASP H 120 -22.32 4.76 -20.07
CA ASP H 120 -22.55 5.71 -19.00
C ASP H 120 -23.06 6.95 -19.75
N SER H 121 -23.89 7.77 -19.11
CA SER H 121 -24.42 8.93 -19.81
C SER H 121 -23.83 10.23 -19.28
N VAL H 122 -23.27 11.02 -20.20
CA VAL H 122 -22.68 12.29 -19.85
C VAL H 122 -23.23 13.36 -20.77
N LEU H 123 -23.66 14.46 -20.17
CA LEU H 123 -24.20 15.58 -20.93
C LEU H 123 -23.30 16.75 -20.64
N LEU H 124 -23.14 17.59 -21.64
CA LEU H 124 -22.29 18.75 -21.49
C LEU H 124 -23.07 19.98 -21.86
N LEU H 125 -22.71 21.09 -21.23
CA LEU H 125 -23.36 22.36 -21.48
C LEU H 125 -23.52 22.58 -22.99
N SER H 126 -24.71 22.25 -23.52
CA SER H 126 -25.04 22.42 -24.94
C SER H 126 -26.54 22.27 -25.02
N SER H 127 -27.13 22.00 -23.85
CA SER H 127 -28.57 21.84 -23.68
C SER H 127 -28.86 21.73 -22.18
N MET H 128 -29.14 22.88 -21.57
CA MET H 128 -29.45 23.02 -20.15
C MET H 128 -30.47 24.17 -19.99
N ASN H 129 -31.73 23.88 -20.31
CA ASN H 129 -32.80 24.87 -20.24
C ASN H 129 -33.87 24.45 -19.22
N GLU H 143 -18.11 28.31 -14.99
CA GLU H 143 -17.72 27.09 -14.29
C GLU H 143 -18.74 26.66 -13.23
N LEU H 144 -19.09 27.58 -12.34
CA LEU H 144 -20.07 27.31 -11.27
C LEU H 144 -21.50 27.24 -11.85
N ALA H 145 -21.68 27.78 -13.07
CA ALA H 145 -22.98 27.78 -13.76
C ALA H 145 -23.58 26.40 -13.65
N MET H 146 -22.77 25.39 -13.95
CA MET H 146 -23.19 24.02 -13.89
C MET H 146 -23.60 23.59 -12.48
N ARG H 147 -22.78 23.95 -11.49
CA ARG H 147 -23.05 23.61 -10.10
C ARG H 147 -24.44 24.02 -9.60
N GLY H 148 -24.99 25.09 -10.17
CA GLY H 148 -26.30 25.55 -9.78
C GLY H 148 -27.38 24.76 -10.50
N PHE H 149 -27.11 24.47 -11.77
CA PHE H 149 -28.02 23.73 -12.62
C PHE H 149 -28.25 22.33 -12.06
N LEU H 150 -27.34 21.42 -12.41
CA LEU H 150 -27.38 20.00 -12.00
C LEU H 150 -26.52 19.72 -10.76
N GLN H 151 -27.13 19.65 -9.59
CA GLN H 151 -26.42 19.39 -8.34
C GLN H 151 -25.64 18.07 -8.33
N GLU H 152 -25.23 17.64 -7.14
CA GLU H 152 -24.47 16.40 -6.99
C GLU H 152 -25.10 15.23 -7.72
N GLY H 153 -25.82 14.38 -6.99
CA GLY H 153 -26.47 13.25 -7.61
C GLY H 153 -27.95 13.57 -7.66
N ASP H 154 -28.47 13.71 -8.87
CA ASP H 154 -29.86 14.08 -9.10
C ASP H 154 -30.47 13.16 -10.13
N LEU H 155 -31.79 13.24 -10.27
CA LEU H 155 -32.52 12.44 -11.25
C LEU H 155 -32.90 13.44 -12.32
N ILE H 156 -32.52 13.17 -13.54
CA ILE H 156 -32.80 14.11 -14.61
C ILE H 156 -33.37 13.40 -15.81
N SER H 157 -34.25 14.08 -16.52
CA SER H 157 -34.84 13.51 -17.72
C SER H 157 -33.85 13.92 -18.81
N ALA H 158 -34.06 13.45 -20.04
CA ALA H 158 -33.12 13.81 -21.09
C ALA H 158 -33.56 13.46 -22.48
N GLU H 159 -32.86 14.06 -23.45
CA GLU H 159 -33.08 13.79 -24.87
C GLU H 159 -31.74 13.17 -25.24
N VAL H 160 -31.75 12.09 -26.01
CA VAL H 160 -30.50 11.43 -26.37
C VAL H 160 -30.16 11.70 -27.81
N GLN H 161 -29.12 12.53 -27.99
CA GLN H 161 -28.66 12.93 -29.30
C GLN H 161 -28.17 11.71 -30.07
N ALA H 162 -27.01 11.19 -29.66
CA ALA H 162 -26.42 10.02 -30.29
C ALA H 162 -25.37 9.33 -29.41
N VAL H 163 -25.22 8.02 -29.60
CA VAL H 163 -24.22 7.22 -28.88
C VAL H 163 -23.34 6.79 -30.05
N PHE H 164 -22.06 7.14 -29.98
CA PHE H 164 -21.18 6.82 -31.09
C PHE H 164 -20.14 5.79 -30.69
N SER H 165 -19.57 5.12 -31.70
CA SER H 165 -18.54 4.11 -31.49
C SER H 165 -17.65 4.51 -30.31
N ASP H 166 -17.63 5.81 -30.00
CA ASP H 166 -16.85 6.32 -28.87
C ASP H 166 -17.37 5.66 -27.60
N GLY H 167 -18.20 4.64 -27.80
CA GLY H 167 -18.79 3.88 -26.70
C GLY H 167 -19.36 4.68 -25.55
N ALA H 168 -20.29 5.58 -25.85
CA ALA H 168 -20.90 6.39 -24.81
C ALA H 168 -22.27 6.92 -25.17
N VAL H 169 -23.06 7.23 -24.16
CA VAL H 169 -24.39 7.77 -24.38
C VAL H 169 -24.32 9.21 -23.87
N SER H 170 -24.71 10.14 -24.73
CA SER H 170 -24.65 11.57 -24.44
C SER H 170 -26.05 12.15 -24.30
N LEU H 171 -26.15 13.21 -23.51
CA LEU H 171 -27.44 13.82 -23.27
C LEU H 171 -27.49 15.34 -23.40
N HIS H 172 -28.65 15.81 -23.87
CA HIS H 172 -28.99 17.22 -24.08
C HIS H 172 -30.48 17.41 -23.76
N THR H 173 -30.78 18.21 -22.74
CA THR H 173 -32.17 18.43 -22.36
C THR H 173 -32.84 19.50 -23.23
N ARG H 174 -34.07 19.87 -22.86
CA ARG H 174 -34.84 20.89 -23.61
C ARG H 174 -36.07 21.40 -22.84
N SER H 175 -36.94 20.48 -22.39
CA SER H 175 -38.16 20.83 -21.64
C SER H 175 -38.17 20.14 -20.27
N LEU H 176 -39.35 20.01 -19.67
CA LEU H 176 -39.47 19.32 -18.37
C LEU H 176 -39.79 17.89 -18.81
N LYS H 177 -39.90 17.74 -20.13
CA LYS H 177 -40.13 16.45 -20.77
C LYS H 177 -38.70 15.90 -20.83
N TYR H 178 -37.75 16.82 -20.66
CA TYR H 178 -36.32 16.54 -20.62
C TYR H 178 -35.77 17.55 -19.59
N GLY H 179 -36.25 17.45 -18.35
CA GLY H 179 -35.84 18.36 -17.30
C GLY H 179 -35.28 17.65 -16.09
N LYS H 180 -34.74 18.44 -15.17
CA LYS H 180 -34.15 17.90 -13.95
C LYS H 180 -35.40 17.66 -13.13
N LEU H 181 -35.39 16.61 -12.33
CA LEU H 181 -36.56 16.27 -11.54
C LEU H 181 -36.19 15.87 -10.13
N GLY H 182 -37.14 16.00 -9.21
CA GLY H 182 -36.91 15.63 -7.83
C GLY H 182 -38.19 15.16 -7.20
N GLN H 183 -38.07 14.36 -6.14
CA GLN H 183 -39.23 13.84 -5.42
C GLN H 183 -38.74 12.64 -4.62
N GLY H 184 -38.46 11.54 -5.33
CA GLY H 184 -37.98 10.32 -4.70
C GLY H 184 -38.61 9.01 -5.14
N VAL H 185 -38.93 8.86 -6.43
CA VAL H 185 -39.54 7.62 -6.90
C VAL H 185 -38.91 7.07 -8.18
N LEU H 186 -37.90 6.23 -8.01
CA LEU H 186 -37.18 5.63 -9.14
C LEU H 186 -37.36 4.12 -9.13
N VAL H 187 -37.42 3.54 -10.32
CA VAL H 187 -37.60 2.10 -10.46
C VAL H 187 -36.40 1.47 -11.16
N GLN H 188 -35.87 0.39 -10.60
CA GLN H 188 -34.70 -0.27 -11.18
C GLN H 188 -35.18 -1.54 -11.86
N VAL H 189 -35.22 -1.52 -13.19
CA VAL H 189 -35.71 -2.67 -13.94
C VAL H 189 -34.81 -3.03 -15.11
N SER H 190 -34.75 -4.32 -15.44
CA SER H 190 -33.94 -4.70 -16.58
C SER H 190 -34.53 -3.86 -17.70
N PRO H 191 -33.69 -3.05 -18.36
CA PRO H 191 -34.11 -2.17 -19.45
C PRO H 191 -34.85 -2.92 -20.55
N SER H 192 -34.91 -4.24 -20.41
CA SER H 192 -35.59 -5.09 -21.38
C SER H 192 -37.09 -5.05 -21.12
N LEU H 193 -37.45 -4.37 -20.04
CA LEU H 193 -38.84 -4.22 -19.62
C LEU H 193 -39.38 -2.87 -20.13
N VAL H 194 -39.46 -2.75 -21.45
CA VAL H 194 -39.92 -1.54 -22.13
C VAL H 194 -40.65 -1.93 -23.40
N LYS H 195 -41.48 -1.02 -23.92
CA LYS H 195 -42.23 -1.30 -25.14
C LYS H 195 -41.91 -0.30 -26.25
N ARG H 196 -42.65 0.80 -26.33
CA ARG H 196 -42.41 1.82 -27.36
C ARG H 196 -42.83 3.25 -26.96
N GLN H 197 -42.40 4.22 -27.75
CA GLN H 197 -42.69 5.64 -27.51
C GLN H 197 -44.12 6.02 -27.86
N LYS H 198 -44.66 5.37 -28.89
CA LYS H 198 -46.03 5.63 -29.31
C LYS H 198 -46.95 5.48 -28.11
N THR H 199 -46.81 4.38 -27.38
CA THR H 199 -47.62 4.16 -26.19
C THR H 199 -46.87 4.68 -24.96
N HIS H 200 -45.97 5.63 -25.18
CA HIS H 200 -45.22 6.24 -24.09
C HIS H 200 -45.60 7.71 -24.00
N PHE H 201 -45.03 8.42 -23.02
CA PHE H 201 -45.32 9.84 -22.78
C PHE H 201 -46.76 9.90 -22.29
N HIS H 202 -46.99 9.51 -21.03
CA HIS H 202 -48.34 9.51 -20.49
C HIS H 202 -48.52 9.71 -18.99
N ASP H 203 -49.68 10.22 -18.63
CA ASP H 203 -50.10 10.47 -17.26
C ASP H 203 -51.36 9.62 -17.15
N LEU H 204 -51.48 8.83 -16.09
CA LEU H 204 -52.64 7.95 -15.96
C LEU H 204 -53.48 8.16 -14.71
N PRO H 205 -54.79 7.85 -14.78
CA PRO H 205 -55.73 8.01 -13.66
C PRO H 205 -55.45 7.06 -12.49
N CYS H 206 -54.47 7.43 -11.67
CA CYS H 206 -54.10 6.60 -10.51
C CYS H 206 -53.86 7.52 -9.32
N GLY H 207 -53.97 8.82 -9.56
CA GLY H 207 -53.74 9.80 -8.50
C GLY H 207 -52.36 10.41 -8.69
N ALA H 208 -51.69 9.93 -9.73
CA ALA H 208 -50.35 10.37 -10.10
C ALA H 208 -50.10 10.03 -11.57
N SER H 209 -49.09 10.65 -12.17
CA SER H 209 -48.72 10.38 -13.55
C SER H 209 -47.25 9.90 -13.53
N VAL H 210 -46.94 8.84 -14.28
CA VAL H 210 -45.58 8.29 -14.27
C VAL H 210 -44.88 8.24 -15.61
N ILE H 211 -43.56 8.33 -15.55
CA ILE H 211 -42.72 8.27 -16.74
C ILE H 211 -41.64 7.24 -16.49
N LEU H 212 -41.29 6.49 -17.52
CA LEU H 212 -40.26 5.47 -17.45
C LEU H 212 -39.30 5.73 -18.61
N GLY H 213 -38.02 5.36 -18.48
CA GLY H 213 -37.07 5.64 -19.55
C GLY H 213 -36.71 4.41 -20.36
N ASN H 214 -36.37 4.60 -21.62
CA ASN H 214 -36.02 3.50 -22.52
C ASN H 214 -34.96 2.53 -21.99
N ASN H 215 -34.67 2.66 -20.70
CA ASN H 215 -33.72 1.82 -19.99
C ASN H 215 -34.61 1.28 -18.87
N GLY H 216 -34.06 0.52 -17.93
CA GLY H 216 -34.95 0.05 -16.87
C GLY H 216 -34.76 1.08 -15.78
N PHE H 217 -35.65 2.06 -15.81
CA PHE H 217 -35.63 3.18 -14.88
C PHE H 217 -37.01 3.83 -14.98
N ILE H 218 -37.79 3.84 -13.89
CA ILE H 218 -39.09 4.48 -13.96
C ILE H 218 -39.25 5.41 -12.78
N TRP H 219 -39.74 6.61 -13.04
CA TRP H 219 -39.90 7.59 -11.98
C TRP H 219 -41.36 7.91 -11.83
N ILE H 220 -41.81 8.04 -10.58
CA ILE H 220 -43.20 8.35 -10.33
C ILE H 220 -43.28 9.69 -9.60
N TYR H 221 -44.04 10.61 -10.19
CA TYR H 221 -44.24 11.97 -9.67
C TYR H 221 -45.74 12.26 -9.62
N PRO H 222 -46.13 13.37 -8.97
CA PRO H 222 -47.57 13.64 -8.92
C PRO H 222 -47.98 14.72 -9.92
N THR H 223 -49.19 14.56 -10.46
CA THR H 223 -49.74 15.49 -11.44
C THR H 223 -49.38 16.93 -11.14
N PRO H 224 -48.95 17.67 -12.18
CA PRO H 224 -48.57 19.08 -12.00
C PRO H 224 -49.77 19.97 -11.68
N GLU H 225 -49.50 21.14 -11.11
CA GLU H 225 -50.54 22.08 -10.72
C GLU H 225 -50.15 23.48 -11.22
N HIS H 226 -49.91 23.58 -12.53
CA HIS H 226 -49.51 24.84 -13.16
C HIS H 226 -50.69 25.70 -13.59
N GLY H 233 -38.16 24.90 -13.66
CA GLY H 233 -39.18 24.46 -12.74
C GLY H 233 -38.65 23.51 -11.69
N PHE H 234 -37.79 24.02 -10.81
CA PHE H 234 -37.17 23.25 -9.73
C PHE H 234 -37.99 23.16 -8.42
N ILE H 235 -38.39 24.31 -7.88
CA ILE H 235 -39.13 24.39 -6.62
C ILE H 235 -40.50 23.70 -6.55
N ALA H 236 -41.12 23.46 -7.71
CA ALA H 236 -42.45 22.88 -7.77
C ALA H 236 -42.74 21.88 -6.66
N ASN H 237 -41.81 20.95 -6.43
CA ASN H 237 -41.95 19.95 -5.39
C ASN H 237 -41.24 20.23 -4.05
N LEU H 238 -40.42 21.28 -3.99
CA LEU H 238 -39.69 21.58 -2.76
C LEU H 238 -40.49 21.39 -1.49
N GLU H 239 -41.82 21.47 -1.59
CA GLU H 239 -42.69 21.27 -0.44
C GLU H 239 -43.30 19.87 -0.44
N PRO H 240 -43.49 19.28 0.74
CA PRO H 240 -44.07 17.93 0.87
C PRO H 240 -45.51 17.80 0.38
N VAL H 241 -45.72 17.04 -0.70
CA VAL H 241 -47.07 16.85 -1.26
C VAL H 241 -47.98 16.18 -0.23
N SER H 242 -49.30 16.30 -0.41
CA SER H 242 -50.30 15.75 0.54
C SER H 242 -50.22 14.25 0.83
N LEU H 243 -50.79 13.85 1.97
CA LEU H 243 -50.78 12.46 2.36
C LEU H 243 -51.56 11.63 1.36
N ALA H 244 -52.41 12.31 0.58
CA ALA H 244 -53.22 11.63 -0.44
C ALA H 244 -52.37 11.29 -1.67
N ASP H 245 -51.54 12.23 -2.10
CA ASP H 245 -50.65 12.01 -3.25
C ASP H 245 -49.58 11.03 -2.83
N ARG H 246 -49.39 10.91 -1.52
CA ARG H 246 -48.39 10.03 -0.94
C ARG H 246 -48.71 8.54 -1.09
N GLU H 247 -49.99 8.20 -0.99
CA GLU H 247 -50.40 6.79 -1.10
C GLU H 247 -50.57 6.28 -2.53
N VAL H 248 -50.76 7.19 -3.49
CA VAL H 248 -50.93 6.79 -4.89
C VAL H 248 -49.62 6.27 -5.47
N ILE H 249 -48.54 7.03 -5.25
CA ILE H 249 -47.21 6.69 -5.73
C ILE H 249 -46.48 5.63 -4.91
N SER H 250 -46.55 5.74 -3.59
CA SER H 250 -45.89 4.76 -2.71
C SER H 250 -46.37 3.34 -3.02
N ARG H 251 -47.67 3.19 -3.28
CA ARG H 251 -48.26 1.89 -3.59
C ARG H 251 -47.84 1.50 -5.00
N LEU H 252 -47.90 2.46 -5.93
CA LEU H 252 -47.51 2.21 -7.30
C LEU H 252 -46.11 1.57 -7.28
N ARG H 253 -45.35 1.85 -6.22
CA ARG H 253 -44.00 1.29 -6.07
C ARG H 253 -44.05 -0.22 -6.04
N ASN H 254 -44.90 -0.76 -5.16
CA ASN H 254 -45.02 -2.22 -5.01
C ASN H 254 -45.79 -2.84 -6.17
N CYS H 255 -46.61 -2.04 -6.82
CA CYS H 255 -47.41 -2.53 -7.93
C CYS H 255 -46.58 -2.79 -9.17
N ILE H 256 -45.59 -1.95 -9.40
CA ILE H 256 -44.77 -2.08 -10.58
C ILE H 256 -43.78 -3.24 -10.56
N ILE H 257 -43.30 -3.62 -9.38
CA ILE H 257 -42.31 -4.70 -9.26
C ILE H 257 -42.79 -6.10 -9.67
N SER H 258 -44.00 -6.45 -9.27
CA SER H 258 -44.55 -7.75 -9.60
C SER H 258 -44.50 -8.06 -11.09
N LEU H 259 -45.00 -7.14 -11.92
CA LEU H 259 -45.00 -7.35 -13.35
C LEU H 259 -43.62 -7.74 -13.80
N VAL H 260 -42.66 -6.98 -13.29
CA VAL H 260 -41.28 -7.25 -13.60
C VAL H 260 -40.93 -8.59 -12.99
N THR H 261 -41.16 -8.71 -11.68
CA THR H 261 -40.88 -9.94 -10.98
C THR H 261 -41.48 -11.05 -11.82
N GLN H 262 -42.70 -10.81 -12.30
CA GLN H 262 -43.43 -11.76 -13.12
C GLN H 262 -43.07 -11.62 -14.58
N ARG H 263 -41.79 -11.39 -14.83
CA ARG H 263 -41.29 -11.28 -16.19
C ARG H 263 -42.38 -10.74 -17.09
N MET H 264 -42.98 -9.63 -16.69
CA MET H 264 -44.04 -9.06 -17.50
C MET H 264 -43.62 -7.69 -17.99
N MET H 265 -44.20 -7.28 -19.10
CA MET H 265 -43.92 -5.99 -19.73
C MET H 265 -44.34 -4.85 -18.80
N LEU H 266 -44.22 -3.61 -19.28
CA LEU H 266 -44.61 -2.42 -18.50
C LEU H 266 -44.86 -1.20 -19.38
N TYR H 267 -46.12 -0.96 -19.68
CA TYR H 267 -46.55 0.18 -20.50
C TYR H 267 -47.95 0.64 -20.09
N ASP H 268 -48.25 1.89 -20.37
CA ASP H 268 -49.55 2.49 -20.05
C ASP H 268 -50.64 1.47 -19.74
N THR H 269 -51.43 1.13 -20.76
CA THR H 269 -52.52 0.18 -20.63
C THR H 269 -52.12 -1.10 -19.89
N SER H 270 -50.82 -1.29 -19.76
CA SER H 270 -50.30 -2.46 -19.05
C SER H 270 -50.29 -2.10 -17.57
N ILE H 271 -49.49 -1.09 -17.22
CA ILE H 271 -49.41 -0.66 -15.83
C ILE H 271 -50.80 -0.32 -15.32
N LEU H 272 -51.68 0.06 -16.24
CA LEU H 272 -53.04 0.41 -15.87
C LEU H 272 -53.78 -0.75 -15.23
N TYR H 273 -53.77 -1.90 -15.90
CA TYR H 273 -54.46 -3.08 -15.39
C TYR H 273 -53.82 -3.71 -14.17
N CYS H 274 -52.51 -3.59 -14.07
CA CYS H 274 -51.83 -4.14 -12.91
C CYS H 274 -52.18 -3.21 -11.76
N TYR H 275 -52.58 -1.98 -12.10
CA TYR H 275 -52.99 -1.00 -11.10
C TYR H 275 -54.45 -1.29 -10.75
N GLU H 276 -55.27 -1.44 -11.78
CA GLU H 276 -56.70 -1.72 -11.61
C GLU H 276 -56.84 -2.92 -10.69
N ALA H 277 -56.10 -3.97 -11.03
CA ALA H 277 -56.11 -5.21 -10.25
C ALA H 277 -55.95 -4.93 -8.76
N SER H 278 -55.51 -3.73 -8.42
CA SER H 278 -55.34 -3.35 -7.03
C SER H 278 -56.67 -3.26 -6.30
N LEU H 279 -57.77 -3.30 -7.04
CA LEU H 279 -59.11 -3.21 -6.44
C LEU H 279 -59.35 -4.12 -5.24
N PRO H 280 -58.91 -5.41 -5.28
CA PRO H 280 -59.11 -6.34 -4.16
C PRO H 280 -58.13 -6.34 -2.96
N HIS H 281 -56.87 -6.66 -3.23
CA HIS H 281 -55.84 -6.72 -2.19
C HIS H 281 -55.26 -5.39 -1.76
N GLN H 282 -55.98 -4.29 -2.00
CA GLN H 282 -55.57 -2.91 -1.68
C GLN H 282 -54.54 -2.69 -0.55
N ILE H 283 -54.28 -3.75 0.21
CA ILE H 283 -53.29 -3.82 1.31
C ILE H 283 -51.91 -3.22 0.92
N LYS H 284 -51.94 -2.10 0.17
CA LYS H 284 -50.78 -1.40 -0.41
C LYS H 284 -49.36 -1.95 -0.23
N ASP H 285 -48.95 -2.37 0.97
CA ASP H 285 -47.63 -2.97 1.03
C ASP H 285 -47.83 -4.44 0.65
N ILE H 286 -47.89 -4.65 -0.66
CA ILE H 286 -48.10 -5.96 -1.30
C ILE H 286 -46.96 -6.94 -1.06
N LEU H 287 -47.21 -7.98 -0.26
CA LEU H 287 -46.20 -8.99 0.00
C LEU H 287 -45.70 -9.50 -1.34
N LYS H 288 -44.40 -9.36 -1.58
CA LYS H 288 -43.79 -9.77 -2.83
C LYS H 288 -44.11 -11.19 -3.33
N PRO H 289 -43.99 -12.21 -2.47
CA PRO H 289 -44.28 -13.55 -2.97
C PRO H 289 -45.75 -13.95 -3.16
N GLU H 290 -46.54 -13.80 -2.10
CA GLU H 290 -47.93 -14.22 -2.14
C GLU H 290 -48.89 -13.44 -3.01
N ILE H 291 -49.16 -12.21 -2.63
CA ILE H 291 -50.12 -11.43 -3.40
C ILE H 291 -49.68 -11.26 -4.83
N MET H 292 -48.52 -10.66 -5.01
CA MET H 292 -48.03 -10.39 -6.36
C MET H 292 -48.21 -11.61 -7.21
N GLU H 293 -48.07 -12.78 -6.60
CA GLU H 293 -48.24 -14.01 -7.34
C GLU H 293 -49.59 -13.93 -8.02
N GLU H 294 -50.60 -13.58 -7.23
CA GLU H 294 -51.95 -13.47 -7.75
C GLU H 294 -52.14 -12.24 -8.61
N ILE H 295 -51.65 -11.11 -8.14
CA ILE H 295 -51.84 -9.83 -8.82
C ILE H 295 -51.76 -9.91 -10.33
N VAL H 296 -50.68 -10.48 -10.84
CA VAL H 296 -50.49 -10.59 -12.28
C VAL H 296 -51.53 -11.52 -12.87
N MET H 297 -51.85 -12.58 -12.15
CA MET H 297 -52.82 -13.53 -12.62
C MET H 297 -54.01 -12.75 -13.12
N GLU H 298 -54.63 -12.01 -12.21
CA GLU H 298 -55.81 -11.21 -12.53
C GLU H 298 -55.45 -10.14 -13.55
N THR H 299 -54.29 -9.50 -13.35
CA THR H 299 -53.86 -8.44 -14.26
C THR H 299 -53.88 -8.92 -15.71
N ARG H 300 -53.26 -10.06 -15.98
CA ARG H 300 -53.25 -10.57 -17.33
C ARG H 300 -54.67 -10.99 -17.63
N GLN H 301 -55.40 -11.40 -16.58
CA GLN H 301 -56.77 -11.82 -16.76
C GLN H 301 -57.60 -10.68 -17.29
N ARG H 302 -57.38 -9.47 -16.79
CA ARG H 302 -58.13 -8.33 -17.29
C ARG H 302 -57.48 -7.76 -18.54
N LEU H 303 -56.16 -7.96 -18.67
CA LEU H 303 -55.43 -7.48 -19.84
C LEU H 303 -55.56 -8.38 -21.05
N LEU H 304 -55.26 -9.67 -20.87
CA LEU H 304 -55.34 -10.65 -21.96
C LEU H 304 -56.74 -10.74 -22.57
N GLU H 305 -57.77 -10.64 -21.73
CA GLU H 305 -59.15 -10.71 -22.22
C GLU H 305 -59.45 -9.53 -23.12
N GLN H 306 -58.60 -8.51 -23.04
CA GLN H 306 -58.75 -7.33 -23.89
C GLN H 306 -58.32 -7.74 -25.29
N GLU H 307 -57.51 -8.79 -25.36
CA GLU H 307 -56.98 -9.31 -26.62
C GLU H 307 -57.71 -10.56 -27.14
N GLY H 308 -57.45 -11.71 -26.50
CA GLY H 308 -58.09 -12.94 -26.93
C GLY H 308 -58.82 -13.67 -25.81
N ARG I 20 -12.21 38.55 29.07
CA ARG I 20 -12.21 38.84 27.61
C ARG I 20 -12.02 37.57 26.80
N TYR I 21 -12.68 36.49 27.24
CA TYR I 21 -12.59 35.18 26.58
C TYR I 21 -13.93 34.49 26.42
N CYS I 22 -14.01 33.59 25.43
CA CYS I 22 -15.23 32.82 25.16
C CYS I 22 -14.93 31.36 24.75
N ILE I 23 -15.86 30.45 25.05
CA ILE I 23 -15.73 29.01 24.70
C ILE I 23 -16.91 28.65 23.79
N PRO I 24 -16.70 27.79 22.80
CA PRO I 24 -17.81 27.44 21.91
C PRO I 24 -18.94 26.70 22.61
N GLY I 25 -19.59 27.39 23.55
CA GLY I 25 -20.69 26.80 24.30
C GLY I 25 -21.38 27.79 25.23
N GLU I 26 -21.05 29.06 25.10
CA GLU I 26 -21.62 30.13 25.91
C GLU I 26 -22.24 31.15 24.97
N ARG I 27 -23.28 31.85 25.43
CA ARG I 27 -23.95 32.81 24.58
C ARG I 27 -23.97 34.21 25.14
N LEU I 28 -23.94 35.21 24.25
CA LEU I 28 -23.95 36.59 24.68
C LEU I 28 -25.23 37.33 24.26
N CYS I 29 -25.32 37.72 22.99
CA CYS I 29 -26.50 38.45 22.52
C CYS I 29 -27.44 37.62 21.63
N ASN I 30 -27.86 38.21 20.52
CA ASN I 30 -28.78 37.53 19.62
C ASN I 30 -29.14 38.34 18.36
N LEU I 31 -29.92 37.73 17.47
CA LEU I 31 -30.35 38.33 16.20
C LEU I 31 -30.92 39.74 16.35
N GLU I 32 -31.06 40.17 17.59
CA GLU I 32 -31.61 41.48 17.89
C GLU I 32 -30.53 42.38 18.43
N GLU I 33 -29.64 42.80 17.54
CA GLU I 33 -28.54 43.69 17.85
C GLU I 33 -27.42 43.54 16.82
N GLY I 34 -27.02 42.30 16.54
CA GLY I 34 -25.95 42.08 15.60
C GLY I 34 -25.81 40.70 14.99
N SER I 35 -24.96 40.60 13.97
CA SER I 35 -24.64 39.36 13.27
C SER I 35 -23.11 39.20 13.38
N PRO I 36 -22.59 37.96 13.37
CA PRO I 36 -21.13 37.77 13.49
C PRO I 36 -20.42 37.17 12.28
N GLY I 37 -19.17 37.60 12.08
CA GLY I 37 -18.37 37.10 10.99
C GLY I 37 -17.42 36.09 11.58
N SER I 38 -16.81 36.46 12.69
CA SER I 38 -15.88 35.59 13.39
C SER I 38 -16.63 34.85 14.47
N GLY I 39 -16.10 33.69 14.86
CA GLY I 39 -16.74 32.87 15.88
C GLY I 39 -18.23 33.03 15.78
N THR I 40 -18.83 32.46 14.75
CA THR I 40 -20.26 32.60 14.58
C THR I 40 -20.95 31.25 14.69
N TYR I 41 -22.00 31.21 15.49
CA TYR I 41 -22.77 30.00 15.72
C TYR I 41 -24.17 30.46 16.12
N THR I 42 -25.19 30.18 15.31
CA THR I 42 -26.53 30.64 15.66
C THR I 42 -27.67 29.64 15.49
N ARG I 43 -28.56 29.60 16.49
CA ARG I 43 -29.70 28.71 16.46
C ARG I 43 -30.90 29.39 17.11
N HIS I 44 -32.00 29.50 16.35
CA HIS I 44 -33.24 30.12 16.83
C HIS I 44 -33.14 31.55 17.35
N GLY I 45 -32.15 32.33 16.90
CA GLY I 45 -32.06 33.70 17.38
C GLY I 45 -31.03 34.12 18.42
N TYR I 46 -30.42 33.20 19.16
CA TYR I 46 -29.43 33.60 20.15
C TYR I 46 -28.01 33.54 19.63
N ILE I 47 -27.04 33.93 20.45
CA ILE I 47 -25.67 33.93 19.99
C ILE I 47 -24.84 32.92 20.73
N PHE I 48 -24.36 31.92 20.01
CA PHE I 48 -23.52 30.87 20.58
C PHE I 48 -22.19 31.06 19.86
N SER I 49 -21.08 30.64 20.46
CA SER I 49 -19.78 30.85 19.83
C SER I 49 -19.24 29.61 19.17
N SER I 50 -19.20 29.65 17.84
CA SER I 50 -18.70 28.53 17.06
C SER I 50 -17.25 28.33 17.46
N LEU I 51 -16.41 29.28 17.07
CA LEU I 51 -14.99 29.23 17.37
C LEU I 51 -14.67 29.05 18.85
N ALA I 52 -13.38 29.07 19.16
CA ALA I 52 -12.92 28.91 20.52
C ALA I 52 -11.54 29.54 20.70
N GLY I 53 -11.44 30.46 21.65
CA GLY I 53 -10.18 31.11 21.92
C GLY I 53 -10.26 32.48 22.58
N CYS I 54 -10.92 33.43 21.93
CA CYS I 54 -11.05 34.79 22.44
C CYS I 54 -12.34 35.45 21.96
N LEU I 55 -12.79 36.48 22.67
CA LEU I 55 -14.03 37.17 22.31
C LEU I 55 -13.81 38.60 21.86
N MET I 56 -14.45 38.97 20.75
CA MET I 56 -14.34 40.32 20.22
C MET I 56 -15.73 40.80 19.79
N LYS I 57 -15.98 42.09 19.98
CA LYS I 57 -17.25 42.70 19.62
C LYS I 57 -17.03 43.69 18.48
N SER I 58 -18.09 44.01 17.75
CA SER I 58 -18.02 44.93 16.61
C SER I 58 -18.97 46.13 16.70
N SER I 59 -18.54 47.26 16.13
CA SER I 59 -19.32 48.48 16.11
C SER I 59 -19.68 48.73 14.66
N GLU I 60 -20.97 48.99 14.40
CA GLU I 60 -21.42 49.19 13.04
C GLU I 60 -21.93 50.58 12.83
N ASN I 61 -21.83 51.03 11.59
CA ASN I 61 -22.31 52.35 11.21
C ASN I 61 -23.81 52.20 11.00
N GLY I 62 -24.49 51.73 12.05
CA GLY I 62 -25.93 51.54 11.99
C GLY I 62 -26.65 51.55 13.33
N ALA I 63 -25.93 51.83 14.42
CA ALA I 63 -26.48 51.89 15.78
C ALA I 63 -26.65 50.53 16.49
N LEU I 64 -25.82 49.57 16.08
CA LEU I 64 -25.85 48.21 16.65
C LEU I 64 -24.45 47.61 16.51
N PRO I 65 -24.17 46.51 17.22
CA PRO I 65 -22.85 45.86 17.15
C PRO I 65 -22.87 44.48 16.50
N VAL I 66 -21.73 44.06 15.95
CA VAL I 66 -21.58 42.75 15.31
C VAL I 66 -20.77 41.94 16.29
N VAL I 67 -21.06 40.65 16.42
CA VAL I 67 -20.32 39.84 17.38
C VAL I 67 -19.47 38.78 16.70
N SER I 68 -18.31 38.56 17.29
CA SER I 68 -17.36 37.60 16.78
C SER I 68 -16.40 37.07 17.85
N VAL I 69 -15.75 35.95 17.57
CA VAL I 69 -14.79 35.33 18.47
C VAL I 69 -13.48 35.78 17.84
N VAL I 70 -12.36 35.67 18.55
CA VAL I 70 -11.11 36.18 17.98
C VAL I 70 -10.25 35.15 17.25
N ARG I 71 -9.98 35.43 15.98
CA ARG I 71 -9.18 34.58 15.11
C ARG I 71 -7.70 34.93 15.23
N GLU I 72 -6.97 34.19 16.08
CA GLU I 72 -5.54 34.42 16.28
C GLU I 72 -4.86 34.63 14.92
N THR I 73 -5.36 33.94 13.91
CA THR I 73 -4.83 34.04 12.56
C THR I 73 -5.44 35.26 11.88
N GLU I 74 -5.05 36.45 12.34
CA GLU I 74 -5.57 37.66 11.75
C GLU I 74 -5.15 37.66 10.29
N SER I 75 -4.07 36.95 10.00
CA SER I 75 -3.56 36.85 8.63
C SER I 75 -4.43 35.85 7.90
N GLN I 76 -5.21 36.33 6.93
CA GLN I 76 -6.07 35.46 6.17
C GLN I 76 -5.78 35.68 4.69
N LEU I 77 -6.21 34.73 3.86
CA LEU I 77 -6.03 34.80 2.41
C LEU I 77 -6.29 36.21 1.87
N LEU I 78 -5.28 36.80 1.23
CA LEU I 78 -5.41 38.13 0.69
C LEU I 78 -4.62 38.38 -0.61
N PRO I 79 -4.19 37.31 -1.33
CA PRO I 79 -3.44 37.59 -2.55
C PRO I 79 -4.44 38.25 -3.50
N ASP I 80 -4.18 39.50 -3.87
CA ASP I 80 -5.09 40.24 -4.73
C ASP I 80 -4.92 40.03 -6.23
N VAL I 81 -6.06 39.91 -6.90
CA VAL I 81 -6.15 39.71 -8.34
C VAL I 81 -4.99 40.36 -9.11
N GLY I 82 -5.11 41.64 -9.46
CA GLY I 82 -4.01 42.25 -10.19
C GLY I 82 -3.29 43.06 -9.14
N ALA I 83 -2.33 42.40 -8.51
CA ALA I 83 -1.54 42.96 -7.43
C ALA I 83 -0.09 42.57 -7.65
N ILE I 84 0.81 43.18 -6.90
CA ILE I 84 2.24 42.92 -7.04
C ILE I 84 2.68 41.83 -6.06
N VAL I 85 3.72 41.08 -6.42
CA VAL I 85 4.18 39.99 -5.57
C VAL I 85 5.68 39.67 -5.59
N THR I 86 6.11 39.01 -4.53
CA THR I 86 7.51 38.60 -4.37
C THR I 86 7.49 37.08 -4.53
N CYS I 87 8.36 36.58 -5.39
CA CYS I 87 8.41 35.16 -5.64
C CYS I 87 9.75 34.66 -6.13
N LYS I 88 9.96 33.37 -5.91
CA LYS I 88 11.18 32.72 -6.28
C LYS I 88 10.83 31.60 -7.22
N VAL I 89 11.41 31.64 -8.42
CA VAL I 89 11.19 30.66 -9.49
C VAL I 89 11.31 29.20 -9.03
N SER I 90 10.74 28.30 -9.83
CA SER I 90 10.78 26.87 -9.52
C SER I 90 11.41 26.10 -10.68
N SER I 91 10.56 25.63 -11.58
CA SER I 91 11.00 24.87 -12.74
C SER I 91 11.00 25.78 -13.96
N ILE I 92 11.90 25.52 -14.92
CA ILE I 92 11.94 26.33 -16.12
C ILE I 92 11.81 25.52 -17.40
N ASN I 93 10.81 25.89 -18.19
CA ASN I 93 10.50 25.28 -19.48
C ASN I 93 10.88 26.40 -20.40
N SER I 94 11.72 26.13 -21.38
CA SER I 94 12.10 27.22 -22.27
C SER I 94 10.83 27.81 -22.88
N ARG I 95 9.67 27.23 -22.55
CA ARG I 95 8.40 27.71 -23.07
C ARG I 95 7.48 28.22 -21.97
N PHE I 96 7.49 27.56 -20.81
CA PHE I 96 6.64 27.94 -19.69
C PHE I 96 7.54 28.21 -18.49
N ALA I 97 7.11 29.08 -17.58
CA ALA I 97 7.93 29.38 -16.39
C ALA I 97 7.09 29.14 -15.12
N LYS I 98 7.72 28.56 -14.10
CA LYS I 98 7.02 28.24 -12.85
C LYS I 98 7.62 28.99 -11.67
N VAL I 99 6.79 29.28 -10.67
CA VAL I 99 7.27 30.03 -9.53
C VAL I 99 6.64 29.79 -8.17
N HIS I 100 7.39 30.24 -7.17
CA HIS I 100 7.00 30.17 -5.78
C HIS I 100 6.86 31.62 -5.33
N ILE I 101 5.68 31.96 -4.82
CA ILE I 101 5.39 33.31 -4.36
C ILE I 101 5.25 33.27 -2.85
N LEU I 102 5.74 34.29 -2.15
CA LEU I 102 5.63 34.31 -0.70
C LEU I 102 4.97 35.58 -0.21
N TYR I 103 5.37 36.73 -0.75
CA TYR I 103 4.81 38.00 -0.34
C TYR I 103 4.00 38.72 -1.43
N VAL I 104 2.71 38.89 -1.19
CA VAL I 104 1.87 39.61 -2.13
C VAL I 104 2.06 41.04 -1.65
N GLY I 105 3.31 41.49 -1.73
CA GLY I 105 3.68 42.82 -1.29
C GLY I 105 4.64 42.62 -0.13
N SER I 106 4.09 42.54 1.06
CA SER I 106 4.91 42.34 2.24
C SER I 106 4.06 41.89 3.43
N MET I 107 2.91 42.51 3.62
CA MET I 107 2.05 42.12 4.75
C MET I 107 1.87 40.61 4.77
N PRO I 108 1.75 39.98 3.58
CA PRO I 108 1.57 38.54 3.52
C PRO I 108 2.80 37.69 3.76
N LEU I 109 2.64 36.70 4.63
CA LEU I 109 3.70 35.75 4.95
C LEU I 109 3.16 34.40 4.50
N LYS I 110 1.84 34.36 4.27
CA LYS I 110 1.13 33.16 3.85
C LYS I 110 1.91 32.22 2.93
N ASN I 111 1.83 30.94 3.23
CA ASN I 111 2.51 29.92 2.46
C ASN I 111 1.55 28.88 1.93
N SER I 112 0.25 29.12 2.15
CA SER I 112 -0.82 28.21 1.70
C SER I 112 -0.82 28.02 0.19
N PHE I 113 -0.85 29.14 -0.53
CA PHE I 113 -0.83 29.14 -1.99
C PHE I 113 0.63 28.83 -2.36
N ARG I 114 1.49 28.88 -1.34
CA ARG I 114 2.92 28.62 -1.47
C ARG I 114 3.43 29.05 -2.84
N GLY I 115 4.06 28.13 -3.55
CA GLY I 115 4.54 28.49 -4.86
C GLY I 115 3.72 27.71 -5.84
N THR I 116 2.79 28.42 -6.46
CA THR I 116 1.91 27.84 -7.46
C THR I 116 1.53 29.04 -8.30
N ILE I 117 2.36 29.35 -9.28
CA ILE I 117 2.09 30.49 -10.14
C ILE I 117 2.82 30.32 -11.44
N ARG I 118 2.22 30.82 -12.52
CA ARG I 118 2.81 30.70 -13.84
C ARG I 118 2.77 31.99 -14.68
N LYS I 119 3.79 32.14 -15.50
CA LYS I 119 3.93 33.30 -16.39
C LYS I 119 4.44 32.81 -17.75
N GLU I 120 4.09 33.52 -18.82
CA GLU I 120 4.53 33.15 -20.17
C GLU I 120 5.33 34.28 -20.82
N ASP I 121 6.36 33.88 -21.58
CA ASP I 121 7.25 34.80 -22.28
C ASP I 121 6.53 36.08 -22.74
N VAL I 122 5.47 35.88 -23.52
CA VAL I 122 4.70 36.99 -24.04
C VAL I 122 4.51 38.04 -22.94
N ARG I 123 4.29 37.60 -21.71
CA ARG I 123 4.10 38.51 -20.60
C ARG I 123 5.34 38.63 -19.74
N ALA I 124 6.43 38.03 -20.20
CA ALA I 124 7.70 38.10 -19.49
C ALA I 124 8.30 39.44 -19.80
N THR I 125 7.68 40.12 -20.76
CA THR I 125 8.12 41.44 -21.16
C THR I 125 7.05 42.07 -22.09
N GLU I 126 7.23 43.35 -22.40
CA GLU I 126 6.31 44.13 -23.23
C GLU I 126 6.84 44.35 -24.66
N LYS I 127 8.14 44.17 -24.82
CA LYS I 127 8.82 44.29 -26.12
C LYS I 127 9.74 43.05 -26.18
N ASP I 128 10.82 43.11 -26.95
CA ASP I 128 11.75 41.98 -27.04
C ASP I 128 11.12 40.66 -27.50
N LYS I 129 11.85 39.57 -27.31
CA LYS I 129 11.40 38.23 -27.70
C LYS I 129 12.42 37.17 -27.20
N VAL I 130 13.05 37.47 -26.06
CA VAL I 130 14.07 36.60 -25.44
C VAL I 130 13.45 35.45 -24.61
N GLU I 131 13.74 34.21 -25.00
CA GLU I 131 13.22 32.99 -24.34
C GLU I 131 13.29 32.96 -22.81
N ILE I 132 12.35 32.23 -22.20
CA ILE I 132 12.29 32.09 -20.76
C ILE I 132 13.66 31.76 -20.22
N TYR I 133 14.37 30.90 -20.93
CA TYR I 133 15.71 30.46 -20.54
C TYR I 133 16.66 31.64 -20.33
N LYS I 134 16.42 32.72 -21.06
CA LYS I 134 17.26 33.91 -20.94
C LYS I 134 16.48 35.06 -20.32
N SER I 135 15.92 34.80 -19.13
CA SER I 135 15.15 35.80 -18.41
C SER I 135 15.24 35.56 -16.90
N PHE I 136 14.73 34.44 -16.45
CA PHE I 136 14.74 34.10 -15.04
C PHE I 136 14.90 32.59 -14.89
N ARG I 137 16.03 32.19 -14.31
CA ARG I 137 16.36 30.78 -14.12
C ARG I 137 15.62 30.07 -12.99
N PRO I 138 15.93 28.79 -12.78
CA PRO I 138 15.28 28.02 -11.71
C PRO I 138 15.51 28.58 -10.32
N GLY I 139 16.78 28.86 -10.01
CA GLY I 139 17.08 29.37 -8.68
C GLY I 139 17.46 30.84 -8.65
N ASP I 140 16.49 31.62 -8.21
CA ASP I 140 16.61 33.07 -8.05
C ASP I 140 15.24 33.53 -7.60
N ILE I 141 15.16 34.75 -7.10
CA ILE I 141 13.88 35.24 -6.67
C ILE I 141 13.49 36.32 -7.63
N VAL I 142 12.23 36.31 -8.00
CA VAL I 142 11.78 37.25 -8.96
C VAL I 142 10.58 38.03 -8.46
N LEU I 143 10.41 39.20 -9.07
CA LEU I 143 9.35 40.15 -8.73
C LEU I 143 8.43 40.35 -9.94
N ALA I 144 7.14 40.35 -9.69
CA ALA I 144 6.22 40.52 -10.78
C ALA I 144 4.88 40.92 -10.21
N LYS I 145 4.02 41.46 -11.06
CA LYS I 145 2.70 41.88 -10.63
C LYS I 145 1.80 40.74 -11.08
N VAL I 146 0.56 40.69 -10.61
CA VAL I 146 -0.32 39.59 -10.97
C VAL I 146 -1.30 39.94 -12.10
N ILE I 147 -1.57 38.92 -12.92
CA ILE I 147 -2.45 38.97 -14.08
C ILE I 147 -3.72 38.30 -13.63
N SER I 148 -4.64 38.05 -14.56
CA SER I 148 -5.90 37.45 -14.17
C SER I 148 -5.63 36.01 -13.76
N LEU I 149 -6.46 35.55 -12.84
CA LEU I 149 -6.34 34.21 -12.27
C LEU I 149 -7.52 33.32 -12.62
N GLY I 150 -7.22 32.17 -13.20
CA GLY I 150 -8.24 31.22 -13.57
C GLY I 150 -8.03 29.96 -12.75
N ASP I 151 -8.62 29.91 -11.57
CA ASP I 151 -8.49 28.74 -10.69
C ASP I 151 -9.05 27.48 -11.31
N ALA I 152 -9.03 27.42 -12.64
CA ALA I 152 -9.52 26.26 -13.38
C ALA I 152 -8.47 25.16 -13.26
N GLN I 153 -7.25 25.56 -12.88
CA GLN I 153 -6.12 24.63 -12.70
C GLN I 153 -5.29 24.97 -11.46
N SER I 154 -5.77 25.93 -10.68
CA SER I 154 -5.10 26.37 -9.46
C SER I 154 -3.84 27.18 -9.75
N ASN I 155 -3.86 27.92 -10.84
CA ASN I 155 -2.71 28.72 -11.23
C ASN I 155 -3.01 30.21 -11.27
N TYR I 156 -1.95 31.01 -11.20
CA TYR I 156 -2.06 32.46 -11.27
C TYR I 156 -1.12 32.99 -12.33
N LEU I 157 -1.53 34.08 -12.99
CA LEU I 157 -0.73 34.65 -14.05
C LEU I 157 -0.11 35.92 -13.51
N LEU I 158 1.13 36.19 -13.94
CA LEU I 158 1.87 37.35 -13.47
C LEU I 158 2.73 37.89 -14.61
N THR I 159 3.19 39.13 -14.48
CA THR I 159 4.02 39.75 -15.53
C THR I 159 5.34 40.35 -15.05
N THR I 160 6.30 40.42 -15.97
CA THR I 160 7.59 41.01 -15.66
C THR I 160 7.85 42.04 -16.73
N ALA I 161 6.76 42.63 -17.23
CA ALA I 161 6.82 43.66 -18.27
C ALA I 161 6.84 45.07 -17.65
N GLU I 162 7.89 45.39 -16.89
CA GLU I 162 8.06 46.71 -16.27
C GLU I 162 9.53 47.11 -16.25
N ASN I 163 9.79 48.41 -16.20
CA ASN I 163 11.16 48.94 -16.19
C ASN I 163 11.87 48.65 -14.86
N GLU I 164 11.09 48.32 -13.85
CA GLU I 164 11.66 48.01 -12.55
C GLU I 164 11.39 46.55 -12.22
N LEU I 165 10.38 45.99 -12.89
CA LEU I 165 9.98 44.59 -12.69
C LEU I 165 11.04 43.60 -13.21
N GLY I 166 10.66 42.32 -13.31
CA GLY I 166 11.62 41.35 -13.78
C GLY I 166 12.07 40.44 -12.66
N VAL I 167 13.37 40.15 -12.59
CA VAL I 167 13.88 39.27 -11.55
C VAL I 167 14.95 39.93 -10.71
N VAL I 168 15.03 39.50 -9.46
CA VAL I 168 16.04 40.07 -8.58
C VAL I 168 16.71 39.06 -7.66
N VAL I 169 17.78 38.46 -8.17
CA VAL I 169 18.62 37.49 -7.45
C VAL I 169 19.65 37.10 -8.49
N ALA I 170 20.88 36.84 -8.06
CA ALA I 170 21.91 36.48 -9.03
C ALA I 170 22.96 35.59 -8.42
N HIS I 171 23.09 34.37 -8.95
CA HIS I 171 24.06 33.41 -8.45
C HIS I 171 24.92 32.86 -9.58
N SER I 172 26.23 32.89 -9.39
CA SER I 172 27.20 32.44 -10.39
C SER I 172 27.44 30.93 -10.44
N GLU I 173 28.45 30.52 -11.20
CA GLU I 173 28.82 29.12 -11.36
C GLU I 173 29.71 28.72 -10.18
N SER I 174 30.43 29.71 -9.66
CA SER I 174 31.35 29.51 -8.54
C SER I 174 30.54 29.50 -7.25
N GLY I 175 29.52 30.36 -7.22
CA GLY I 175 28.66 30.50 -6.06
C GLY I 175 28.62 31.96 -5.65
N ILE I 176 28.84 32.84 -6.62
CA ILE I 176 28.86 34.29 -6.41
C ILE I 176 27.48 34.92 -6.59
N GLN I 177 27.40 36.23 -6.36
CA GLN I 177 26.14 36.94 -6.50
C GLN I 177 26.35 37.80 -7.73
N MET I 178 25.28 38.14 -8.42
CA MET I 178 25.47 38.94 -9.60
C MET I 178 24.71 40.24 -9.52
N VAL I 179 25.28 41.22 -10.19
CA VAL I 179 24.75 42.57 -10.28
C VAL I 179 24.30 42.67 -11.72
N PRO I 180 23.32 43.53 -12.03
CA PRO I 180 23.01 43.49 -13.46
C PRO I 180 23.80 44.52 -14.22
N ILE I 181 24.60 44.04 -15.17
CA ILE I 181 25.43 44.92 -15.99
C ILE I 181 24.56 45.64 -17.02
N SER I 182 23.36 45.14 -17.26
CA SER I 182 22.47 45.78 -18.22
C SER I 182 21.01 45.41 -17.99
N TRP I 183 20.18 45.74 -18.97
CA TRP I 183 18.74 45.48 -18.89
C TRP I 183 18.43 44.00 -18.98
N CYS I 184 19.34 43.25 -19.59
CA CYS I 184 19.16 41.83 -19.77
C CYS I 184 20.39 41.04 -19.30
N GLU I 185 21.01 41.48 -18.22
CA GLU I 185 22.20 40.78 -17.73
C GLU I 185 22.47 40.91 -16.24
N MET I 186 23.17 39.92 -15.71
CA MET I 186 23.58 39.87 -14.31
C MET I 186 24.97 39.27 -14.37
N GLN I 187 25.84 39.61 -13.41
CA GLN I 187 27.17 39.03 -13.41
C GLN I 187 27.88 38.96 -12.06
N CYS I 188 28.77 37.99 -11.94
CA CYS I 188 29.52 37.81 -10.71
C CYS I 188 30.91 38.38 -10.94
N PRO I 189 31.47 39.06 -9.92
CA PRO I 189 32.82 39.67 -9.96
C PRO I 189 33.98 38.66 -9.95
N LYS I 190 33.83 37.60 -9.16
CA LYS I 190 34.84 36.54 -9.05
C LYS I 190 35.12 36.03 -10.47
N THR I 191 34.44 34.97 -10.86
CA THR I 191 34.61 34.46 -12.21
C THR I 191 33.89 35.47 -13.09
N HIS I 192 33.89 35.26 -14.39
CA HIS I 192 33.22 36.20 -15.26
C HIS I 192 32.12 35.49 -16.06
N THR I 193 30.88 35.83 -15.74
CA THR I 193 29.76 35.23 -16.42
C THR I 193 28.89 36.32 -17.00
N LYS I 194 28.81 36.35 -18.32
CA LYS I 194 28.00 37.35 -18.97
C LYS I 194 26.83 36.42 -19.24
N GLU I 195 25.77 36.61 -18.45
CA GLU I 195 24.60 35.76 -18.53
C GLU I 195 23.36 36.59 -18.80
N PHE I 196 22.27 35.96 -19.20
CA PHE I 196 21.06 36.71 -19.51
C PHE I 196 19.94 36.42 -18.52
N ARG I 197 19.46 37.48 -17.87
CA ARG I 197 18.38 37.43 -16.88
C ARG I 197 17.62 38.75 -16.97
N LYS I 198 16.29 38.69 -17.08
CA LYS I 198 15.48 39.91 -17.17
C LYS I 198 15.61 40.73 -15.87
N VAL I 199 16.61 41.61 -15.85
CA VAL I 199 16.91 42.47 -14.71
C VAL I 199 15.67 43.08 -14.05
#